data_3NRJ
#
_entry.id   3NRJ
#
_cell.length_a   76.302
_cell.length_b   126.733
_cell.length_c   106.531
_cell.angle_alpha   90.00
_cell.angle_beta   95.57
_cell.angle_gamma   90.00
#
_symmetry.space_group_name_H-M   'P 1 21 1'
#
loop_
_entity.id
_entity.type
_entity.pdbx_description
1 polymer 'PROBABLE YRBI FAMILY PHOSPHATASE'
2 non-polymer 'CHLORIDE ION'
3 non-polymer 'MAGNESIUM ION'
4 non-polymer 'PHOSPHATE ION'
5 non-polymer 'UNKNOWN LIGAND'
6 water water
#
_entity_poly.entity_id   1
_entity_poly.type   'polypeptide(L)'
_entity_poly.pdbx_seq_one_letter_code
;MSLETETMSQDLMQRGKAIKLAVFDVDGVLTDGRLYFMEDGSEIKTFNTLDGQGIKMLIASGVTTAIISGRKTAIVERRA
KSLGIEHLFQGREDKLVVLDKLLAELQLGYEQVAYLGDDLPDLPVIRRVGLGMAVANAASFVREHAHGITRAQGGEGAAR
EFCELILSAQGNLEAAHSVYLEGHHHHHH
;
_entity_poly.pdbx_strand_id   A,B,C,D,E,F,G,H,I,J,K,L
#
loop_
_chem_comp.id
_chem_comp.type
_chem_comp.name
_chem_comp.formula
CL non-polymer 'CHLORIDE ION' 'Cl -1'
MG non-polymer 'MAGNESIUM ION' 'Mg 2'
PO4 non-polymer 'PHOSPHATE ION' 'O4 P -3'
UNL non-polymer 'UNKNOWN LIGAND' ?
#
# COMPACT_ATOMS: atom_id res chain seq x y z
N SER A 9 1.04 10.67 -26.64
CA SER A 9 0.49 12.06 -26.65
C SER A 9 1.48 13.07 -27.25
N GLN A 10 1.13 13.58 -28.42
CA GLN A 10 1.94 14.58 -29.11
C GLN A 10 2.13 15.78 -28.20
N ASP A 11 1.05 16.18 -27.56
CA ASP A 11 1.07 17.39 -26.75
C ASP A 11 2.03 17.29 -25.55
N LEU A 12 2.03 16.15 -24.86
CA LEU A 12 2.91 16.00 -23.68
C LEU A 12 4.39 15.94 -24.03
N MET A 13 4.72 15.15 -25.04
N MET A 13 4.73 15.18 -25.06
CA MET A 13 6.06 15.08 -25.56
CA MET A 13 6.13 15.10 -25.49
C MET A 13 6.56 16.49 -25.89
C MET A 13 6.65 16.42 -26.09
N GLN A 14 5.75 17.25 -26.61
CA GLN A 14 6.12 18.59 -27.05
C GLN A 14 6.30 19.49 -25.82
N ARG A 15 5.38 19.41 -24.86
CA ARG A 15 5.49 20.19 -23.64
C ARG A 15 6.74 19.79 -22.86
N GLY A 16 7.19 18.56 -23.01
CA GLY A 16 8.37 18.07 -22.29
C GLY A 16 9.69 18.67 -22.75
N LYS A 17 9.73 19.16 -23.99
CA LYS A 17 11.00 19.51 -24.65
C LYS A 17 11.70 20.66 -23.95
N ALA A 18 10.93 21.60 -23.43
CA ALA A 18 11.51 22.87 -22.94
C ALA A 18 11.81 22.89 -21.44
N ILE A 19 11.53 21.78 -20.77
CA ILE A 19 11.58 21.73 -19.31
C ILE A 19 13.00 21.84 -18.73
N LYS A 20 13.20 22.76 -17.79
CA LYS A 20 14.48 22.92 -17.10
C LYS A 20 14.30 22.67 -15.62
N LEU A 21 13.06 22.76 -15.16
CA LEU A 21 12.74 22.62 -13.75
C LEU A 21 11.51 21.74 -13.58
N ALA A 22 11.64 20.70 -12.77
CA ALA A 22 10.52 19.81 -12.46
C ALA A 22 10.19 19.89 -10.98
N VAL A 23 8.96 20.28 -10.67
CA VAL A 23 8.51 20.52 -9.32
C VAL A 23 7.52 19.43 -8.87
N PHE A 24 7.73 18.89 -7.66
CA PHE A 24 6.83 17.89 -7.10
C PHE A 24 6.11 18.41 -5.87
N ASP A 25 4.83 18.09 -5.77
CA ASP A 25 4.14 18.13 -4.49
C ASP A 25 4.61 16.93 -3.68
N VAL A 26 4.37 16.92 -2.38
CA VAL A 26 4.76 15.76 -1.57
C VAL A 26 3.61 14.76 -1.40
N ASP A 27 2.66 15.08 -0.53
CA ASP A 27 1.63 14.12 -0.12
C ASP A 27 0.63 13.84 -1.25
N GLY A 28 0.56 12.59 -1.68
CA GLY A 28 -0.29 12.25 -2.82
C GLY A 28 0.50 12.13 -4.12
N VAL A 29 1.74 12.63 -4.12
CA VAL A 29 2.57 12.58 -5.31
C VAL A 29 3.82 11.70 -5.08
N LEU A 30 4.67 12.13 -4.15
CA LEU A 30 5.78 11.32 -3.70
C LEU A 30 5.32 10.29 -2.68
N THR A 31 4.16 10.52 -2.08
CA THR A 31 3.57 9.53 -1.21
C THR A 31 2.22 9.15 -1.76
N ASP A 32 1.61 8.15 -1.15
CA ASP A 32 0.32 7.69 -1.62
C ASP A 32 -0.75 8.53 -1.00
N GLY A 33 -0.36 9.52 -0.17
CA GLY A 33 -1.34 10.44 0.38
C GLY A 33 -1.84 10.02 1.74
N ARG A 34 -1.28 8.95 2.29
CA ARG A 34 -1.59 8.56 3.64
C ARG A 34 -0.71 9.29 4.64
N LEU A 35 -1.30 9.69 5.76
CA LEU A 35 -0.55 10.29 6.86
C LEU A 35 -0.55 9.30 8.00
N TYR A 36 0.62 8.87 8.44
CA TYR A 36 0.68 7.94 9.56
C TYR A 36 0.96 8.77 10.79
N PHE A 37 0.17 8.58 11.82
CA PHE A 37 0.41 9.27 13.10
C PHE A 37 0.58 8.28 14.25
N MET A 38 1.59 8.53 15.08
CA MET A 38 1.75 7.76 16.31
C MET A 38 1.02 8.48 17.46
N GLU A 39 0.89 7.83 18.61
CA GLU A 39 0.15 8.44 19.73
C GLU A 39 0.78 9.73 20.25
N ASP A 40 2.10 9.86 20.12
CA ASP A 40 2.78 11.09 20.56
C ASP A 40 2.70 12.22 19.54
N GLY A 41 2.08 11.95 18.39
CA GLY A 41 1.89 12.97 17.36
C GLY A 41 2.96 12.98 16.27
N SER A 42 3.98 12.16 16.44
CA SER A 42 5.02 12.06 15.43
C SER A 42 4.44 11.31 14.22
N GLU A 43 5.10 11.45 13.08
CA GLU A 43 4.57 10.96 11.80
C GLU A 43 5.46 9.93 11.18
N ILE A 44 4.89 9.13 10.29
CA ILE A 44 5.68 8.32 9.42
C ILE A 44 5.19 8.70 8.03
N LYS A 45 6.07 8.72 7.05
CA LYS A 45 5.65 8.90 5.67
CA LYS A 45 5.65 8.87 5.67
C LYS A 45 6.31 7.83 4.81
N THR A 46 5.71 7.54 3.66
CA THR A 46 6.25 6.52 2.77
C THR A 46 6.54 7.07 1.38
N PHE A 47 7.70 6.70 0.87
CA PHE A 47 8.09 7.04 -0.48
C PHE A 47 8.31 5.73 -1.19
N ASN A 48 8.72 5.82 -2.44
CA ASN A 48 8.76 4.65 -3.33
C ASN A 48 10.09 4.58 -4.07
N THR A 49 10.73 3.40 -4.08
CA THR A 49 12.05 3.25 -4.72
C THR A 49 12.08 3.50 -6.22
N LEU A 50 11.02 3.16 -6.95
CA LEU A 50 11.05 3.50 -8.38
C LEU A 50 11.15 5.02 -8.56
N ASP A 51 10.40 5.75 -7.74
CA ASP A 51 10.42 7.20 -7.79
C ASP A 51 11.83 7.76 -7.54
N GLY A 52 12.56 7.22 -6.58
CA GLY A 52 13.88 7.77 -6.27
C GLY A 52 14.82 7.59 -7.45
N GLN A 53 14.79 6.40 -8.05
CA GLN A 53 15.57 6.16 -9.23
C GLN A 53 15.17 7.11 -10.38
N GLY A 54 13.90 7.43 -10.51
CA GLY A 54 13.44 8.27 -11.65
C GLY A 54 14.00 9.68 -11.43
N ILE A 55 13.90 10.14 -10.19
CA ILE A 55 14.31 11.50 -9.88
C ILE A 55 15.81 11.70 -10.06
N LYS A 56 16.59 10.72 -9.62
CA LYS A 56 18.02 10.74 -9.84
C LYS A 56 18.38 10.76 -11.32
N MET A 57 17.67 9.98 -12.13
CA MET A 57 17.97 10.00 -13.55
C MET A 57 17.66 11.35 -14.19
N LEU A 58 16.58 11.98 -13.71
CA LEU A 58 16.12 13.24 -14.28
C LEU A 58 17.15 14.33 -13.97
N ILE A 59 17.62 14.33 -12.74
CA ILE A 59 18.59 15.34 -12.31
C ILE A 59 19.89 15.16 -13.08
N ALA A 60 20.30 13.90 -13.23
CA ALA A 60 21.50 13.59 -13.96
C ALA A 60 21.39 14.05 -15.41
N SER A 61 20.17 14.21 -15.92
CA SER A 61 20.03 14.60 -17.33
C SER A 61 20.14 16.11 -17.49
N GLY A 62 20.26 16.83 -16.39
CA GLY A 62 20.40 18.28 -16.45
C GLY A 62 19.16 19.04 -16.04
N VAL A 63 18.08 18.33 -15.72
CA VAL A 63 16.87 19.00 -15.25
C VAL A 63 16.94 19.31 -13.76
N THR A 64 16.68 20.56 -13.37
CA THR A 64 16.70 20.80 -11.92
CA THR A 64 16.63 20.94 -11.95
C THR A 64 15.33 20.46 -11.31
N THR A 65 15.34 20.18 -10.01
CA THR A 65 14.11 19.77 -9.36
C THR A 65 13.82 20.61 -8.12
N ALA A 66 12.56 20.58 -7.70
CA ALA A 66 12.08 21.28 -6.52
C ALA A 66 10.88 20.56 -5.94
N ILE A 67 10.65 20.78 -4.65
CA ILE A 67 9.42 20.36 -4.02
C ILE A 67 8.76 21.57 -3.39
N ILE A 68 7.46 21.72 -3.59
CA ILE A 68 6.69 22.73 -2.86
C ILE A 68 5.59 22.07 -2.04
N SER A 69 5.63 22.24 -0.72
CA SER A 69 4.71 21.53 0.13
C SER A 69 3.99 22.47 1.09
N GLY A 70 2.69 22.22 1.27
CA GLY A 70 1.92 22.96 2.25
C GLY A 70 2.18 22.46 3.68
N ARG A 71 2.78 21.28 3.83
CA ARG A 71 3.08 20.74 5.15
CA ARG A 71 3.07 20.77 5.16
CA ARG A 71 3.08 20.72 5.14
C ARG A 71 4.56 20.93 5.47
N LYS A 72 4.98 20.48 6.65
CA LYS A 72 6.37 20.68 7.03
C LYS A 72 6.87 19.59 7.96
N THR A 73 7.94 18.92 7.55
CA THR A 73 8.43 17.81 8.32
C THR A 73 9.86 17.50 7.94
N ALA A 74 10.65 17.17 8.94
CA ALA A 74 12.02 16.76 8.71
C ALA A 74 12.10 15.50 7.84
N ILE A 75 11.04 14.70 7.79
CA ILE A 75 11.11 13.50 6.92
C ILE A 75 11.31 13.91 5.47
N VAL A 76 10.57 14.93 5.03
CA VAL A 76 10.63 15.40 3.67
C VAL A 76 11.98 16.06 3.38
N GLU A 77 12.43 16.87 4.33
CA GLU A 77 13.75 17.49 4.24
C GLU A 77 14.84 16.41 4.02
N ARG A 78 14.81 15.33 4.78
CA ARG A 78 15.76 14.26 4.56
CA ARG A 78 15.80 14.26 4.57
C ARG A 78 15.63 13.55 3.23
N ARG A 79 14.41 13.25 2.85
CA ARG A 79 14.23 12.56 1.58
C ARG A 79 14.75 13.42 0.44
N ALA A 80 14.38 14.70 0.42
CA ALA A 80 14.80 15.61 -0.65
C ALA A 80 16.32 15.66 -0.74
N LYS A 81 16.97 15.83 0.41
CA LYS A 81 18.42 15.89 0.41
C LYS A 81 19.02 14.59 -0.15
N SER A 82 18.48 13.43 0.23
CA SER A 82 19.02 12.15 -0.23
CA SER A 82 19.02 12.15 -0.23
C SER A 82 18.91 12.00 -1.74
N LEU A 83 17.89 12.60 -2.33
CA LEU A 83 17.71 12.41 -3.77
C LEU A 83 18.45 13.48 -4.57
N GLY A 84 18.94 14.50 -3.88
CA GLY A 84 19.63 15.59 -4.57
C GLY A 84 18.68 16.67 -5.07
N ILE A 85 17.45 16.68 -4.55
CA ILE A 85 16.51 17.72 -4.90
C ILE A 85 17.08 19.08 -4.48
N GLU A 86 17.13 20.01 -5.42
CA GLU A 86 17.90 21.23 -5.23
C GLU A 86 17.13 22.33 -4.49
N HIS A 87 15.81 22.34 -4.62
CA HIS A 87 15.01 23.38 -4.02
C HIS A 87 13.82 22.81 -3.26
N LEU A 88 13.77 23.10 -1.97
CA LEU A 88 12.75 22.56 -1.10
C LEU A 88 12.00 23.67 -0.39
N PHE A 89 10.69 23.74 -0.61
CA PHE A 89 9.83 24.67 0.13
C PHE A 89 8.70 23.96 0.87
N GLN A 90 8.74 24.07 2.20
CA GLN A 90 7.74 23.47 3.04
C GLN A 90 6.97 24.51 3.81
N GLY A 91 5.80 24.11 4.29
CA GLY A 91 4.94 25.00 5.08
C GLY A 91 4.40 26.15 4.26
N ARG A 92 4.25 25.93 2.95
CA ARG A 92 3.79 26.97 2.03
CA ARG A 92 3.78 26.97 2.05
C ARG A 92 2.48 26.58 1.34
N GLU A 93 1.39 27.24 1.72
CA GLU A 93 0.11 26.94 1.09
C GLU A 93 -0.05 27.69 -0.22
N ASP A 94 0.57 28.86 -0.30
CA ASP A 94 0.50 29.67 -1.50
C ASP A 94 1.56 29.17 -2.48
N LYS A 95 1.26 28.09 -3.21
CA LYS A 95 2.30 27.45 -4.02
C LYS A 95 2.74 28.28 -5.22
N LEU A 96 1.81 28.98 -5.85
CA LEU A 96 2.15 29.80 -7.01
C LEU A 96 3.09 30.97 -6.62
N VAL A 97 2.80 31.62 -5.50
CA VAL A 97 3.71 32.65 -4.99
C VAL A 97 5.11 32.07 -4.85
N VAL A 98 5.22 30.91 -4.18
CA VAL A 98 6.52 30.27 -4.01
C VAL A 98 7.20 30.02 -5.36
N LEU A 99 6.45 29.46 -6.31
CA LEU A 99 7.03 29.16 -7.61
C LEU A 99 7.51 30.42 -8.30
N ASP A 100 6.68 31.45 -8.28
CA ASP A 100 7.00 32.71 -8.95
C ASP A 100 8.32 33.27 -8.45
N LYS A 101 8.53 33.20 -7.14
CA LYS A 101 9.79 33.63 -6.52
C LYS A 101 10.96 32.74 -6.92
N LEU A 102 10.75 31.43 -7.00
CA LEU A 102 11.78 30.54 -7.50
C LEU A 102 12.16 30.87 -8.95
N LEU A 103 11.15 31.08 -9.80
CA LEU A 103 11.39 31.33 -11.21
C LEU A 103 12.08 32.69 -11.43
N ALA A 104 11.70 33.68 -10.64
CA ALA A 104 12.36 34.98 -10.74
C ALA A 104 13.85 34.77 -10.50
N GLU A 105 14.18 33.97 -9.50
CA GLU A 105 15.58 33.72 -9.17
C GLU A 105 16.32 32.92 -10.23
N LEU A 106 15.68 31.88 -10.78
CA LEU A 106 16.34 31.02 -11.76
C LEU A 106 16.19 31.60 -13.16
N GLN A 107 15.35 32.62 -13.28
CA GLN A 107 15.08 33.25 -14.57
C GLN A 107 14.56 32.23 -15.60
N LEU A 108 13.48 31.55 -15.23
CA LEU A 108 12.82 30.64 -16.16
C LEU A 108 11.40 31.13 -16.47
N GLY A 109 10.86 30.76 -17.61
CA GLY A 109 9.45 31.02 -17.89
C GLY A 109 8.63 29.81 -17.48
N TYR A 110 7.34 30.04 -17.27
CA TYR A 110 6.40 28.98 -16.92
C TYR A 110 6.52 27.79 -17.88
N GLU A 111 6.85 28.05 -19.14
CA GLU A 111 6.88 26.98 -20.14
C GLU A 111 8.09 26.06 -19.94
N GLN A 112 9.00 26.48 -19.08
CA GLN A 112 10.18 25.68 -18.79
C GLN A 112 10.04 24.86 -17.51
N VAL A 113 8.83 24.87 -16.96
CA VAL A 113 8.54 24.25 -15.70
C VAL A 113 7.53 23.12 -15.88
N ALA A 114 7.84 21.99 -15.26
CA ALA A 114 6.92 20.86 -15.12
C ALA A 114 6.57 20.71 -13.65
N TYR A 115 5.32 20.39 -13.37
CA TYR A 115 4.83 20.21 -12.02
C TYR A 115 3.95 18.97 -11.93
N LEU A 116 4.14 18.15 -10.90
CA LEU A 116 3.26 16.98 -10.69
C LEU A 116 2.49 17.14 -9.39
N GLY A 117 1.16 17.18 -9.48
CA GLY A 117 0.29 17.31 -8.33
C GLY A 117 -0.87 16.33 -8.16
N ASP A 118 -1.56 16.46 -7.04
CA ASP A 118 -2.73 15.62 -6.70
C ASP A 118 -3.91 16.41 -6.16
N ASP A 119 -3.75 17.69 -5.80
CA ASP A 119 -4.90 18.36 -5.16
C ASP A 119 -5.00 19.90 -5.39
N LEU A 120 -6.04 20.50 -4.85
CA LEU A 120 -6.42 21.84 -5.26
C LEU A 120 -5.28 22.85 -5.11
N PRO A 121 -4.52 22.78 -4.02
CA PRO A 121 -3.45 23.79 -3.84
C PRO A 121 -2.38 23.70 -4.94
N ASP A 122 -2.36 22.57 -5.67
CA ASP A 122 -1.41 22.42 -6.76
C ASP A 122 -1.96 23.01 -8.04
N LEU A 123 -3.27 23.26 -8.09
CA LEU A 123 -3.92 23.64 -9.33
C LEU A 123 -3.50 25.01 -9.89
N PRO A 124 -3.40 26.03 -9.04
CA PRO A 124 -2.95 27.30 -9.65
C PRO A 124 -1.62 27.16 -10.42
N VAL A 125 -0.72 26.28 -9.97
CA VAL A 125 0.53 26.04 -10.68
C VAL A 125 0.35 25.16 -11.92
N ILE A 126 -0.35 24.05 -11.75
CA ILE A 126 -0.58 23.12 -12.85
C ILE A 126 -1.15 23.83 -14.05
N ARG A 127 -2.06 24.77 -13.81
CA ARG A 127 -2.71 25.50 -14.89
C ARG A 127 -1.77 26.41 -15.68
N ARG A 128 -0.69 26.84 -15.06
CA ARG A 128 0.18 27.83 -15.67
C ARG A 128 1.45 27.29 -16.31
N VAL A 129 2.00 26.21 -15.77
CA VAL A 129 3.31 25.75 -16.21
C VAL A 129 3.22 25.03 -17.55
N GLY A 130 4.38 24.73 -18.13
CA GLY A 130 4.45 24.10 -19.45
C GLY A 130 3.97 22.67 -19.44
N LEU A 131 4.26 21.96 -18.36
CA LEU A 131 3.86 20.56 -18.25
C LEU A 131 3.23 20.30 -16.87
N GLY A 132 1.94 20.53 -16.81
CA GLY A 132 1.21 20.46 -15.55
C GLY A 132 0.46 19.15 -15.51
N MET A 133 0.94 18.23 -14.68
CA MET A 133 0.40 16.87 -14.63
C MET A 133 -0.24 16.49 -13.29
N ALA A 134 -1.22 15.61 -13.39
CA ALA A 134 -1.88 15.08 -12.22
C ALA A 134 -1.48 13.62 -12.06
N VAL A 135 -1.39 13.18 -10.80
CA VAL A 135 -1.17 11.73 -10.60
C VAL A 135 -2.55 11.03 -10.73
N ALA A 136 -2.57 9.71 -10.94
CA ALA A 136 -3.83 9.03 -11.18
C ALA A 136 -4.78 9.18 -9.99
N ASN A 137 -4.26 9.14 -8.77
CA ASN A 137 -5.09 9.31 -7.57
C ASN A 137 -5.47 10.77 -7.25
N ALA A 138 -5.17 11.70 -8.14
CA ALA A 138 -5.42 13.12 -7.86
C ALA A 138 -6.92 13.42 -7.78
N ALA A 139 -7.31 14.40 -6.97
CA ALA A 139 -8.70 14.89 -6.98
C ALA A 139 -9.19 15.10 -8.41
N SER A 140 -10.40 14.65 -8.73
CA SER A 140 -10.84 14.67 -10.14
C SER A 140 -10.90 16.08 -10.78
N PHE A 141 -11.23 17.11 -10.00
CA PHE A 141 -11.19 18.48 -10.49
C PHE A 141 -9.78 18.88 -10.97
N VAL A 142 -8.77 18.46 -10.23
CA VAL A 142 -7.39 18.64 -10.66
C VAL A 142 -7.08 17.80 -11.92
N ARG A 143 -7.47 16.54 -11.94
CA ARG A 143 -7.32 15.71 -13.15
CA ARG A 143 -7.22 15.77 -13.15
C ARG A 143 -7.85 16.45 -14.37
N GLU A 144 -9.09 16.88 -14.27
CA GLU A 144 -9.75 17.48 -15.42
C GLU A 144 -9.12 18.79 -15.88
N HIS A 145 -8.36 19.45 -15.03
CA HIS A 145 -7.69 20.71 -15.44
C HIS A 145 -6.19 20.58 -15.68
N ALA A 146 -5.69 19.35 -15.76
CA ALA A 146 -4.27 19.19 -16.03
C ALA A 146 -4.03 18.84 -17.50
N HIS A 147 -2.78 18.99 -17.94
CA HIS A 147 -2.39 18.62 -19.31
C HIS A 147 -2.32 17.13 -19.53
N GLY A 148 -2.09 16.38 -18.46
CA GLY A 148 -1.94 14.94 -18.52
C GLY A 148 -2.09 14.31 -17.15
N ILE A 149 -2.44 13.03 -17.13
CA ILE A 149 -2.53 12.26 -15.89
C ILE A 149 -1.53 11.12 -15.98
N THR A 150 -0.77 10.84 -14.92
CA THR A 150 0.05 9.65 -14.96
C THR A 150 -0.86 8.42 -14.81
N ARG A 151 -0.40 7.29 -15.34
CA ARG A 151 -1.09 6.02 -15.15
C ARG A 151 -0.85 5.52 -13.73
N ALA A 152 0.39 5.57 -13.29
CA ALA A 152 0.72 5.14 -11.93
C ALA A 152 0.19 6.14 -10.88
N GLN A 153 -0.03 5.67 -9.65
CA GLN A 153 -0.54 6.52 -8.55
C GLN A 153 0.63 7.09 -7.78
N GLY A 154 0.39 8.19 -7.07
CA GLY A 154 1.42 8.74 -6.24
C GLY A 154 1.85 7.75 -5.20
N GLY A 155 3.15 7.74 -4.92
CA GLY A 155 3.71 6.81 -3.97
C GLY A 155 3.85 5.40 -4.56
N GLU A 156 3.48 5.25 -5.83
CA GLU A 156 3.53 3.94 -6.49
C GLU A 156 4.16 4.04 -7.87
N GLY A 157 4.99 5.05 -8.05
CA GLY A 157 5.67 5.23 -9.31
C GLY A 157 5.17 6.35 -10.22
N ALA A 158 4.20 7.14 -9.77
CA ALA A 158 3.76 8.28 -10.57
C ALA A 158 4.95 9.19 -10.85
N ALA A 159 5.74 9.47 -9.81
CA ALA A 159 6.84 10.42 -9.96
C ALA A 159 7.87 9.83 -10.93
N ARG A 160 7.99 8.50 -10.92
CA ARG A 160 8.95 7.86 -11.84
C ARG A 160 8.53 8.04 -13.30
N GLU A 161 7.24 7.87 -13.54
CA GLU A 161 6.65 8.02 -14.88
C GLU A 161 6.73 9.48 -15.38
N PHE A 162 6.35 10.40 -14.52
CA PHE A 162 6.59 11.79 -14.80
C PHE A 162 8.04 12.00 -15.21
N CYS A 163 8.99 11.40 -14.49
CA CYS A 163 10.43 11.62 -14.76
C CYS A 163 10.77 11.11 -16.13
N GLU A 164 10.26 9.92 -16.42
CA GLU A 164 10.56 9.29 -17.69
C GLU A 164 9.89 9.98 -18.86
N LEU A 165 8.69 10.49 -18.67
CA LEU A 165 8.02 11.23 -19.74
C LEU A 165 8.94 12.41 -20.15
N ILE A 166 9.48 13.14 -19.16
CA ILE A 166 10.40 14.24 -19.48
C ILE A 166 11.71 13.82 -20.15
N LEU A 167 12.39 12.81 -19.60
CA LEU A 167 13.61 12.27 -20.20
C LEU A 167 13.37 11.82 -21.64
N SER A 168 12.22 11.20 -21.87
CA SER A 168 11.84 10.74 -23.21
CA SER A 168 11.82 10.75 -23.21
C SER A 168 11.61 11.90 -24.18
N ALA A 169 10.83 12.89 -23.75
CA ALA A 169 10.58 14.06 -24.54
C ALA A 169 11.89 14.73 -24.94
N GLN A 170 12.82 14.84 -24.00
CA GLN A 170 14.11 15.48 -24.26
C GLN A 170 15.14 14.56 -24.93
N GLY A 171 14.72 13.36 -25.33
CA GLY A 171 15.62 12.45 -26.01
C GLY A 171 16.72 11.88 -25.14
N ASN A 172 16.46 11.83 -23.82
CA ASN A 172 17.50 11.43 -22.87
C ASN A 172 17.25 10.07 -22.16
N LEU A 173 16.09 9.49 -22.39
CA LEU A 173 15.76 8.23 -21.72
C LEU A 173 16.70 7.13 -22.18
N GLU A 174 16.86 7.01 -23.49
CA GLU A 174 17.71 5.98 -24.08
C GLU A 174 19.10 5.97 -23.46
N ALA A 175 19.71 7.15 -23.36
CA ALA A 175 21.00 7.30 -22.72
C ALA A 175 20.93 6.81 -21.29
N ALA A 176 19.83 7.09 -20.61
CA ALA A 176 19.69 6.69 -19.21
C ALA A 176 19.63 5.17 -19.10
N HIS A 177 18.91 4.56 -20.03
CA HIS A 177 18.79 3.11 -20.05
C HIS A 177 20.09 2.41 -20.46
N SER A 178 20.88 3.05 -21.33
CA SER A 178 22.12 2.43 -21.81
CA SER A 178 22.14 2.46 -21.81
C SER A 178 23.14 2.22 -20.68
N VAL A 179 23.07 3.05 -19.64
CA VAL A 179 23.95 2.81 -18.49
C VAL A 179 23.74 1.38 -17.90
N TYR A 180 22.58 0.78 -18.13
CA TYR A 180 22.20 -0.48 -17.48
C TYR A 180 21.97 -1.63 -18.45
N LEU A 181 22.03 -1.36 -19.75
CA LEU A 181 21.82 -2.41 -20.77
C LEU A 181 22.85 -2.24 -21.88
N GLU A 182 23.63 -3.29 -22.13
CA GLU A 182 24.81 -3.20 -23.01
C GLU A 182 24.53 -3.21 -24.51
N GLY A 183 23.30 -3.58 -24.88
CA GLY A 183 22.92 -3.65 -26.30
C GLY A 183 22.70 -2.29 -26.95
N HIS A 184 22.03 -1.39 -26.24
CA HIS A 184 21.71 -0.05 -26.74
C HIS A 184 22.93 0.64 -27.35
N SER B 9 -5.60 -3.86 32.71
CA SER B 9 -6.28 -2.55 32.50
C SER B 9 -7.39 -2.32 33.53
N GLN B 10 -8.42 -3.16 33.48
CA GLN B 10 -9.49 -3.13 34.47
C GLN B 10 -9.14 -4.08 35.63
N ASP B 11 -8.22 -4.99 35.35
CA ASP B 11 -7.66 -5.92 36.34
C ASP B 11 -6.53 -5.26 37.14
N LEU B 12 -5.69 -4.48 36.46
CA LEU B 12 -4.65 -3.69 37.13
C LEU B 12 -5.30 -2.67 38.07
N MET B 13 -6.36 -1.99 37.60
CA MET B 13 -7.10 -1.05 38.43
CA MET B 13 -7.04 -1.04 38.46
C MET B 13 -7.66 -1.74 39.68
N GLN B 14 -8.01 -3.00 39.52
CA GLN B 14 -8.55 -3.80 40.62
C GLN B 14 -7.48 -4.11 41.68
N ARG B 15 -6.34 -4.60 41.24
CA ARG B 15 -5.26 -4.94 42.16
C ARG B 15 -4.71 -3.69 42.84
N GLY B 16 -4.79 -2.56 42.15
CA GLY B 16 -4.28 -1.30 42.67
C GLY B 16 -5.10 -0.73 43.82
N LYS B 17 -6.34 -1.19 43.94
CA LYS B 17 -7.24 -0.62 44.95
C LYS B 17 -6.83 -0.97 46.38
N ALA B 18 -6.28 -2.17 46.59
CA ALA B 18 -5.91 -2.60 47.95
C ALA B 18 -4.48 -2.24 48.38
N ILE B 19 -3.76 -1.48 47.55
CA ILE B 19 -2.34 -1.22 47.83
C ILE B 19 -2.12 -0.27 49.00
N LYS B 20 -1.32 -0.71 49.97
CA LYS B 20 -0.95 0.13 51.11
C LYS B 20 0.54 0.47 51.06
N LEU B 21 1.30 -0.37 50.36
CA LEU B 21 2.74 -0.22 50.29
C LEU B 21 3.24 -0.44 48.87
N ALA B 22 3.93 0.58 48.33
CA ALA B 22 4.55 0.47 47.00
C ALA B 22 6.06 0.32 47.11
N VAL B 23 6.58 -0.75 46.53
CA VAL B 23 8.00 -1.08 46.63
C VAL B 23 8.70 -0.99 45.29
N PHE B 24 9.87 -0.35 45.30
CA PHE B 24 10.65 -0.14 44.09
C PHE B 24 12.01 -0.77 44.18
N ASP B 25 12.41 -1.39 43.07
CA ASP B 25 13.79 -1.75 42.85
C ASP B 25 14.49 -0.41 42.50
N VAL B 26 15.81 -0.37 42.59
CA VAL B 26 16.53 0.84 42.15
C VAL B 26 16.95 0.80 40.68
N ASP B 27 17.93 -0.04 40.39
CA ASP B 27 18.58 -0.06 39.08
C ASP B 27 17.70 -0.68 38.00
N GLY B 28 17.42 0.09 36.97
CA GLY B 28 16.53 -0.37 35.90
C GLY B 28 15.12 0.08 36.17
N VAL B 29 14.86 0.60 37.36
CA VAL B 29 13.51 1.01 37.70
C VAL B 29 13.43 2.50 38.04
N LEU B 30 14.17 2.94 39.05
CA LEU B 30 14.28 4.38 39.29
C LEU B 30 15.39 4.97 38.41
N THR B 31 16.20 4.11 37.80
CA THR B 31 17.24 4.52 36.86
C THR B 31 17.02 3.77 35.54
N ASP B 32 17.74 4.19 34.51
CA ASP B 32 17.72 3.51 33.22
C ASP B 32 18.53 2.23 33.21
N GLY B 33 19.12 1.87 34.36
CA GLY B 33 19.90 0.64 34.45
C GLY B 33 21.39 0.82 34.18
N ARG B 34 21.80 2.03 33.96
CA ARG B 34 23.19 2.29 33.75
CA ARG B 34 23.20 2.36 33.71
C ARG B 34 23.95 2.52 35.05
N LEU B 35 25.17 2.04 35.12
CA LEU B 35 26.07 2.24 36.25
C LEU B 35 27.25 3.11 35.75
N TYR B 36 27.35 4.32 36.28
CA TYR B 36 28.46 5.19 35.92
C TYR B 36 29.58 4.95 36.94
N PHE B 37 30.77 4.66 36.46
CA PHE B 37 31.93 4.49 37.35
C PHE B 37 33.06 5.43 37.02
N MET B 38 33.49 6.24 37.99
CA MET B 38 34.69 7.07 37.84
C MET B 38 35.94 6.18 38.01
N GLU B 39 37.09 6.65 37.57
CA GLU B 39 38.31 5.84 37.72
C GLU B 39 38.67 5.67 39.19
N ASP B 40 38.48 6.72 39.99
CA ASP B 40 38.77 6.65 41.42
C ASP B 40 37.78 5.75 42.16
N GLY B 41 37.01 4.97 41.40
CA GLY B 41 36.13 3.93 41.94
C GLY B 41 34.70 4.32 42.27
N SER B 42 34.47 5.62 42.41
CA SER B 42 33.18 6.13 42.87
C SER B 42 32.11 6.17 41.76
N GLU B 43 30.85 6.15 42.19
CA GLU B 43 29.71 6.00 41.29
C GLU B 43 28.92 7.26 41.06
N ILE B 44 28.23 7.30 39.93
CA ILE B 44 27.18 8.27 39.69
C ILE B 44 25.92 7.52 39.33
N LYS B 45 24.77 8.06 39.65
CA LYS B 45 23.54 7.40 39.26
C LYS B 45 22.55 8.43 38.83
N THR B 46 21.68 8.08 37.89
CA THR B 46 20.67 9.04 37.45
C THR B 46 19.25 8.64 37.81
N PHE B 47 18.51 9.62 38.29
CA PHE B 47 17.11 9.48 38.61
C PHE B 47 16.36 10.44 37.71
N ASN B 48 15.05 10.46 37.87
CA ASN B 48 14.23 11.22 36.97
C ASN B 48 13.24 12.04 37.74
N THR B 49 13.13 13.31 37.37
CA THR B 49 12.28 14.27 38.04
C THR B 49 10.78 13.96 37.97
N LEU B 50 10.30 13.34 36.90
CA LEU B 50 8.88 12.91 36.85
C LEU B 50 8.60 11.81 37.87
N ASP B 51 9.53 10.86 37.98
CA ASP B 51 9.46 9.82 39.00
C ASP B 51 9.36 10.42 40.41
N GLY B 52 10.20 11.42 40.72
CA GLY B 52 10.18 12.08 42.02
C GLY B 52 8.82 12.68 42.37
N GLN B 53 8.28 13.49 41.47
CA GLN B 53 6.93 14.05 41.62
C GLN B 53 5.84 12.98 41.85
N GLY B 54 5.94 11.85 41.15
CA GLY B 54 4.95 10.78 41.33
C GLY B 54 5.06 10.09 42.69
N ILE B 55 6.28 9.75 43.08
CA ILE B 55 6.50 9.14 44.37
C ILE B 55 5.98 10.06 45.49
N LYS B 56 6.32 11.33 45.41
CA LYS B 56 5.80 12.29 46.38
C LYS B 56 4.27 12.28 46.44
N MET B 57 3.62 12.25 45.27
CA MET B 57 2.17 12.31 45.24
C MET B 57 1.58 11.02 45.82
N LEU B 58 2.19 9.89 45.51
CA LEU B 58 1.73 8.61 46.06
C LEU B 58 1.88 8.57 47.58
N ILE B 59 2.99 9.07 48.08
CA ILE B 59 3.22 9.13 49.51
C ILE B 59 2.19 10.03 50.16
N ALA B 60 1.97 11.20 49.57
CA ALA B 60 0.97 12.14 50.11
C ALA B 60 -0.44 11.55 50.13
N SER B 61 -0.73 10.63 49.22
CA SER B 61 -2.06 10.02 49.20
C SER B 61 -2.29 9.03 50.37
N GLY B 62 -1.25 8.71 51.12
CA GLY B 62 -1.38 7.74 52.20
C GLY B 62 -0.90 6.35 51.83
N VAL B 63 -0.08 6.26 50.79
CA VAL B 63 0.54 4.99 50.45
C VAL B 63 2.00 5.02 50.86
N THR B 64 2.39 4.12 51.75
CA THR B 64 3.76 4.06 52.20
C THR B 64 4.65 3.46 51.11
N THR B 65 5.92 3.85 51.10
CA THR B 65 6.84 3.35 50.08
C THR B 65 8.09 2.67 50.63
N ALA B 66 8.71 1.85 49.79
CA ALA B 66 9.95 1.19 50.17
C ALA B 66 10.83 0.93 48.96
N ILE B 67 12.11 0.74 49.22
CA ILE B 67 13.05 0.37 48.19
C ILE B 67 13.77 -0.86 48.65
N ILE B 68 13.87 -1.87 47.79
CA ILE B 68 14.69 -3.05 48.10
C ILE B 68 15.67 -3.24 46.99
N SER B 69 16.96 -3.22 47.32
CA SER B 69 18.04 -3.32 46.34
C SER B 69 19.15 -4.31 46.69
N GLY B 70 19.64 -5.02 45.68
CA GLY B 70 20.78 -5.91 45.86
C GLY B 70 22.13 -5.21 45.87
N ARG B 71 22.14 -3.91 45.60
CA ARG B 71 23.36 -3.11 45.54
CA ARG B 71 23.38 -3.14 45.58
C ARG B 71 23.37 -2.15 46.70
N LYS B 72 24.44 -1.40 46.90
CA LYS B 72 24.55 -0.55 48.06
C LYS B 72 25.32 0.71 47.71
N THR B 73 24.73 1.87 47.96
CA THR B 73 25.41 3.14 47.66
C THR B 73 24.77 4.27 48.44
N ALA B 74 25.53 5.29 48.80
CA ALA B 74 24.99 6.44 49.52
C ALA B 74 24.10 7.27 48.64
N ILE B 75 24.21 7.09 47.33
CA ILE B 75 23.39 7.86 46.40
C ILE B 75 21.91 7.53 46.59
N VAL B 76 21.62 6.27 46.85
CA VAL B 76 20.25 5.84 47.02
C VAL B 76 19.75 6.23 48.41
N GLU B 77 20.65 6.16 49.39
CA GLU B 77 20.25 6.61 50.72
C GLU B 77 19.76 8.05 50.62
N ARG B 78 20.46 8.93 49.91
CA ARG B 78 20.05 10.35 49.87
C ARG B 78 18.78 10.55 49.05
N ARG B 79 18.65 9.80 47.97
CA ARG B 79 17.51 9.99 47.11
C ARG B 79 16.24 9.51 47.84
N ALA B 80 16.35 8.40 48.55
CA ALA B 80 15.24 7.94 49.38
C ALA B 80 14.81 9.03 50.37
N LYS B 81 15.76 9.71 50.97
CA LYS B 81 15.39 10.70 51.98
C LYS B 81 14.77 11.91 51.34
N SER B 82 15.32 12.30 50.19
CA SER B 82 14.89 13.55 49.62
C SER B 82 13.46 13.36 49.14
N LEU B 83 13.10 12.12 48.78
CA LEU B 83 11.74 11.81 48.33
C LEU B 83 10.79 11.48 49.49
N GLY B 84 11.35 11.19 50.67
CA GLY B 84 10.50 10.81 51.80
C GLY B 84 10.11 9.34 51.77
N ILE B 85 10.88 8.53 51.06
CA ILE B 85 10.67 7.08 51.09
C ILE B 85 11.06 6.52 52.46
N GLU B 86 10.12 5.87 53.13
CA GLU B 86 10.31 5.50 54.55
C GLU B 86 11.20 4.27 54.82
N HIS B 87 11.23 3.33 53.88
CA HIS B 87 11.96 2.09 54.12
C HIS B 87 12.94 1.79 53.01
N LEU B 88 14.21 1.58 53.39
CA LEU B 88 15.24 1.32 52.41
C LEU B 88 16.08 0.12 52.82
N PHE B 89 16.18 -0.84 51.93
CA PHE B 89 17.04 -1.99 52.17
C PHE B 89 18.01 -2.16 51.02
N GLN B 90 19.29 -2.23 51.33
CA GLN B 90 20.31 -2.32 50.32
C GLN B 90 21.19 -3.52 50.61
N GLY B 91 21.86 -4.02 49.58
CA GLY B 91 22.78 -5.14 49.75
C GLY B 91 22.07 -6.47 49.94
N ARG B 92 20.85 -6.61 49.41
CA ARG B 92 20.10 -7.86 49.59
C ARG B 92 19.69 -8.48 48.27
N GLU B 93 20.21 -9.64 47.93
CA GLU B 93 19.69 -10.28 46.71
C GLU B 93 18.48 -11.22 46.93
N ASP B 94 18.22 -11.57 48.19
CA ASP B 94 16.97 -12.29 48.49
CA ASP B 94 17.00 -12.29 48.55
C ASP B 94 15.92 -11.29 48.93
N LYS B 95 15.29 -10.67 47.93
CA LYS B 95 14.37 -9.57 48.20
C LYS B 95 13.10 -10.03 48.94
N LEU B 96 12.69 -11.26 48.67
CA LEU B 96 11.46 -11.77 49.26
C LEU B 96 11.61 -11.88 50.79
N VAL B 97 12.74 -12.41 51.23
CA VAL B 97 13.01 -12.51 52.65
C VAL B 97 12.91 -11.11 53.25
N VAL B 98 13.44 -10.12 52.55
CA VAL B 98 13.43 -8.74 53.07
C VAL B 98 12.01 -8.21 53.14
N LEU B 99 11.21 -8.53 52.12
CA LEU B 99 9.83 -8.08 52.11
C LEU B 99 9.03 -8.73 53.27
N ASP B 100 9.19 -10.04 53.46
CA ASP B 100 8.47 -10.71 54.55
C ASP B 100 8.74 -10.03 55.90
N LYS B 101 10.01 -9.78 56.20
CA LYS B 101 10.33 -9.03 57.42
C LYS B 101 9.64 -7.67 57.44
N LEU B 102 9.68 -6.95 56.32
CA LEU B 102 9.09 -5.62 56.30
C LEU B 102 7.58 -5.70 56.52
N LEU B 103 6.94 -6.67 55.89
CA LEU B 103 5.49 -6.81 56.01
C LEU B 103 5.06 -7.18 57.44
N ALA B 104 5.79 -8.09 58.07
CA ALA B 104 5.51 -8.43 59.46
C ALA B 104 5.47 -7.12 60.24
N GLU B 105 6.54 -6.35 60.14
CA GLU B 105 6.66 -5.05 60.81
C GLU B 105 5.46 -4.11 60.64
N LEU B 106 4.99 -3.93 59.40
CA LEU B 106 3.88 -2.99 59.15
C LEU B 106 2.50 -3.67 59.21
N GLN B 107 2.50 -4.99 59.42
CA GLN B 107 1.26 -5.74 59.51
C GLN B 107 0.42 -5.59 58.27
N LEU B 108 1.00 -5.94 57.12
CA LEU B 108 0.30 -5.89 55.84
C LEU B 108 0.44 -7.25 55.17
N GLY B 109 -0.45 -7.57 54.24
CA GLY B 109 -0.32 -8.83 53.50
C GLY B 109 0.16 -8.66 52.07
N TYR B 110 0.63 -9.74 51.46
CA TYR B 110 1.02 -9.70 50.06
C TYR B 110 0.02 -8.93 49.18
N GLU B 111 -1.28 -9.14 49.40
CA GLU B 111 -2.31 -8.48 48.60
C GLU B 111 -2.21 -6.95 48.59
N GLN B 112 -1.68 -6.40 49.67
CA GLN B 112 -1.63 -4.94 49.83
C GLN B 112 -0.31 -4.33 49.35
N VAL B 113 0.53 -5.14 48.72
CA VAL B 113 1.82 -4.70 48.24
C VAL B 113 1.87 -4.58 46.73
N ALA B 114 2.40 -3.45 46.26
CA ALA B 114 2.74 -3.31 44.86
C ALA B 114 4.26 -3.29 44.74
N TYR B 115 4.78 -3.88 43.67
CA TYR B 115 6.20 -3.87 43.44
C TYR B 115 6.47 -3.51 41.99
N LEU B 116 7.45 -2.63 41.77
CA LEU B 116 7.91 -2.34 40.41
C LEU B 116 9.38 -2.75 40.24
N GLY B 117 9.62 -3.74 39.37
CA GLY B 117 10.97 -4.36 39.21
C GLY B 117 11.40 -4.32 37.76
N ASP B 118 12.60 -4.84 37.44
CA ASP B 118 13.05 -4.98 36.04
C ASP B 118 13.91 -6.19 35.76
N ASP B 119 14.25 -6.98 36.77
CA ASP B 119 15.09 -8.14 36.51
C ASP B 119 14.80 -9.32 37.44
N LEU B 120 15.44 -10.45 37.17
CA LEU B 120 15.20 -11.70 37.91
C LEU B 120 15.16 -11.61 39.44
N PRO B 121 16.13 -10.91 40.07
CA PRO B 121 16.06 -10.90 41.52
C PRO B 121 14.77 -10.26 42.02
N ASP B 122 14.06 -9.55 41.14
CA ASP B 122 12.75 -8.98 41.48
C ASP B 122 11.57 -9.95 41.28
N LEU B 123 11.76 -10.96 40.45
CA LEU B 123 10.66 -11.85 40.07
C LEU B 123 9.93 -12.42 41.28
N PRO B 124 10.66 -13.11 42.19
CA PRO B 124 9.98 -13.78 43.29
C PRO B 124 9.03 -12.85 44.02
N VAL B 125 9.44 -11.61 44.26
CA VAL B 125 8.51 -10.68 44.86
C VAL B 125 7.37 -10.33 43.95
N ILE B 126 7.68 -10.12 42.67
CA ILE B 126 6.66 -9.72 41.71
C ILE B 126 5.58 -10.81 41.61
N ARG B 127 5.99 -12.06 41.64
CA ARG B 127 5.05 -13.17 41.49
C ARG B 127 4.15 -13.36 42.72
N ARG B 128 4.53 -12.79 43.86
CA ARG B 128 3.81 -13.00 45.13
CA ARG B 128 3.78 -13.00 45.11
C ARG B 128 2.87 -11.86 45.52
N VAL B 129 3.24 -10.63 45.18
CA VAL B 129 2.47 -9.50 45.64
C VAL B 129 1.20 -9.33 44.84
N GLY B 130 0.35 -8.43 45.32
CA GLY B 130 -0.94 -8.17 44.69
C GLY B 130 -0.82 -7.39 43.41
N LEU B 131 0.09 -6.43 43.39
CA LEU B 131 0.36 -5.70 42.15
C LEU B 131 1.84 -5.76 41.80
N GLY B 132 2.20 -6.77 41.03
CA GLY B 132 3.59 -7.03 40.68
C GLY B 132 3.81 -6.57 39.25
N MET B 133 4.52 -5.45 39.10
CA MET B 133 4.70 -4.90 37.75
C MET B 133 6.18 -4.87 37.30
N ALA B 134 6.35 -4.75 35.99
CA ALA B 134 7.67 -4.73 35.40
C ALA B 134 7.75 -3.47 34.55
N VAL B 135 8.95 -2.90 34.40
CA VAL B 135 9.12 -1.75 33.51
C VAL B 135 9.29 -2.24 32.07
N ALA B 136 9.06 -1.36 31.09
CA ALA B 136 9.21 -1.76 29.67
C ALA B 136 10.58 -2.34 29.35
N ASN B 137 11.62 -1.81 29.99
CA ASN B 137 12.99 -2.27 29.76
C ASN B 137 13.37 -3.52 30.55
N ALA B 138 12.45 -4.05 31.35
CA ALA B 138 12.75 -5.21 32.16
C ALA B 138 13.10 -6.39 31.26
N ALA B 139 13.89 -7.33 31.78
CA ALA B 139 14.20 -8.57 31.05
C ALA B 139 12.88 -9.17 30.61
N SER B 140 12.85 -9.81 29.44
CA SER B 140 11.56 -10.26 28.90
C SER B 140 10.95 -11.42 29.73
N PHE B 141 11.80 -12.21 30.35
CA PHE B 141 11.28 -13.26 31.20
C PHE B 141 10.46 -12.66 32.34
N VAL B 142 10.94 -11.54 32.88
CA VAL B 142 10.24 -10.85 33.97
C VAL B 142 8.94 -10.18 33.50
N ARG B 143 8.96 -9.59 32.31
CA ARG B 143 7.74 -9.01 31.75
C ARG B 143 6.67 -10.08 31.48
N GLU B 144 7.11 -11.24 31.01
CA GLU B 144 6.22 -12.36 30.68
C GLU B 144 5.59 -13.04 31.88
N HIS B 145 6.09 -12.76 33.08
CA HIS B 145 5.56 -13.39 34.27
C HIS B 145 5.09 -12.37 35.30
N ALA B 146 5.00 -11.11 34.89
CA ALA B 146 4.50 -10.05 35.75
C ALA B 146 3.04 -9.82 35.43
N HIS B 147 2.34 -9.11 36.33
CA HIS B 147 0.92 -8.84 36.18
C HIS B 147 0.69 -7.87 35.06
N GLY B 148 1.66 -6.97 34.87
CA GLY B 148 1.54 -5.91 33.91
C GLY B 148 2.87 -5.24 33.66
N ILE B 149 2.91 -4.39 32.64
CA ILE B 149 4.13 -3.74 32.22
C ILE B 149 3.83 -2.28 31.97
N THR B 150 4.69 -1.39 32.48
CA THR B 150 4.49 0.02 32.24
C THR B 150 4.87 0.30 30.78
N ARG B 151 4.23 1.30 30.18
CA ARG B 151 4.66 1.80 28.89
C ARG B 151 6.03 2.48 29.00
N ALA B 152 6.23 3.31 30.01
CA ALA B 152 7.50 4.01 30.16
C ALA B 152 8.63 3.10 30.64
N GLN B 153 9.85 3.44 30.26
CA GLN B 153 11.05 2.72 30.66
C GLN B 153 11.53 3.17 32.02
N GLY B 154 12.35 2.31 32.64
CA GLY B 154 12.98 2.66 33.92
C GLY B 154 13.83 3.90 33.72
N GLY B 155 13.89 4.75 34.75
CA GLY B 155 14.63 6.00 34.66
C GLY B 155 13.95 7.09 33.85
N GLU B 156 12.84 6.75 33.19
CA GLU B 156 12.23 7.66 32.23
C GLU B 156 10.74 7.78 32.43
N GLY B 157 10.30 7.59 33.68
CA GLY B 157 8.91 7.82 33.99
C GLY B 157 8.12 6.60 34.36
N ALA B 158 8.72 5.40 34.28
CA ALA B 158 8.00 4.19 34.69
C ALA B 158 7.46 4.31 36.11
N ALA B 159 8.29 4.77 37.06
CA ALA B 159 7.81 4.94 38.42
C ALA B 159 6.65 5.94 38.53
N ARG B 160 6.73 7.03 37.79
CA ARG B 160 5.65 8.00 37.77
C ARG B 160 4.37 7.33 37.26
N GLU B 161 4.49 6.44 36.26
CA GLU B 161 3.32 5.76 35.69
C GLU B 161 2.72 4.77 36.68
N PHE B 162 3.60 3.97 37.29
CA PHE B 162 3.28 3.05 38.40
C PHE B 162 2.56 3.77 39.53
N CYS B 163 3.04 4.95 39.90
CA CYS B 163 2.41 5.70 40.97
C CYS B 163 0.98 6.15 40.63
N GLU B 164 0.78 6.65 39.42
CA GLU B 164 -0.51 7.21 39.03
C GLU B 164 -1.53 6.10 38.80
N LEU B 165 -1.04 4.98 38.30
CA LEU B 165 -1.85 3.79 38.21
C LEU B 165 -2.44 3.48 39.59
N ILE B 166 -1.67 3.71 40.64
CA ILE B 166 -2.17 3.43 41.99
C ILE B 166 -3.07 4.54 42.51
N LEU B 167 -2.71 5.79 42.27
CA LEU B 167 -3.53 6.90 42.73
C LEU B 167 -4.90 6.82 42.06
N SER B 168 -4.87 6.49 40.77
CA SER B 168 -6.07 6.36 39.96
C SER B 168 -6.99 5.26 40.53
N ALA B 169 -6.43 4.07 40.72
CA ALA B 169 -7.16 2.94 41.28
C ALA B 169 -7.88 3.27 42.58
N GLN B 170 -7.25 4.11 43.39
CA GLN B 170 -7.81 4.47 44.69
C GLN B 170 -8.61 5.76 44.59
N GLY B 171 -8.75 6.27 43.38
CA GLY B 171 -9.55 7.45 43.13
C GLY B 171 -8.95 8.68 43.79
N ASN B 172 -7.63 8.77 43.84
CA ASN B 172 -6.93 9.90 44.46
C ASN B 172 -6.15 10.76 43.48
N LEU B 173 -6.09 10.33 42.23
CA LEU B 173 -5.37 11.10 41.23
C LEU B 173 -5.91 12.54 41.04
N GLU B 174 -7.23 12.69 40.89
CA GLU B 174 -7.85 14.03 40.87
C GLU B 174 -7.37 14.90 42.01
N ALA B 175 -7.58 14.42 43.24
CA ALA B 175 -7.15 15.17 44.40
C ALA B 175 -5.72 15.63 44.22
N ALA B 176 -4.90 14.79 43.60
CA ALA B 176 -3.48 15.11 43.39
C ALA B 176 -3.28 16.22 42.36
N HIS B 177 -4.08 16.19 41.29
CA HIS B 177 -4.01 17.21 40.27
C HIS B 177 -4.59 18.55 40.73
N SER B 178 -5.65 18.49 41.55
CA SER B 178 -6.35 19.69 42.03
C SER B 178 -5.43 20.72 42.67
N VAL B 179 -4.51 20.27 43.50
CA VAL B 179 -3.49 21.17 44.02
C VAL B 179 -3.13 22.17 42.90
N TYR B 180 -3.08 21.68 41.67
CA TYR B 180 -2.51 22.46 40.56
C TYR B 180 -3.55 23.15 39.63
N LEU B 181 -4.83 23.08 40.03
CA LEU B 181 -5.91 23.74 39.28
C LEU B 181 -6.70 24.72 40.15
N GLN C 10 8.55 -23.65 -20.09
CA GLN C 10 9.52 -24.66 -20.62
C GLN C 10 10.90 -24.05 -20.80
N ASP C 11 10.96 -22.84 -21.35
CA ASP C 11 12.21 -22.10 -21.37
C ASP C 11 12.60 -21.78 -19.93
N LEU C 12 11.67 -21.19 -19.18
CA LEU C 12 11.95 -20.85 -17.79
C LEU C 12 12.20 -22.12 -16.98
N MET C 13 11.44 -23.16 -17.29
CA MET C 13 11.61 -24.45 -16.63
C MET C 13 13.00 -25.01 -16.94
N GLN C 14 13.48 -24.78 -18.14
CA GLN C 14 14.79 -25.26 -18.57
C GLN C 14 15.92 -24.50 -17.87
N ARG C 15 15.76 -23.19 -17.76
CA ARG C 15 16.78 -22.36 -17.11
C ARG C 15 16.82 -22.66 -15.62
N GLY C 16 15.68 -23.05 -15.07
CA GLY C 16 15.58 -23.31 -13.64
C GLY C 16 16.31 -24.57 -13.22
N LYS C 17 16.45 -25.52 -14.13
CA LYS C 17 17.07 -26.81 -13.83
C LYS C 17 18.47 -26.67 -13.22
N ALA C 18 19.27 -25.76 -13.74
CA ALA C 18 20.69 -25.72 -13.38
C ALA C 18 20.99 -24.81 -12.18
N ILE C 19 19.96 -24.23 -11.60
CA ILE C 19 20.17 -23.21 -10.56
C ILE C 19 20.77 -23.77 -9.27
N LYS C 20 21.83 -23.13 -8.79
CA LYS C 20 22.41 -23.48 -7.50
C LYS C 20 22.42 -22.30 -6.56
N LEU C 21 22.25 -21.12 -7.14
CA LEU C 21 22.21 -19.90 -6.35
C LEU C 21 21.04 -19.03 -6.82
N ALA C 22 20.25 -18.56 -5.86
CA ALA C 22 19.12 -17.69 -6.14
C ALA C 22 19.34 -16.38 -5.37
N VAL C 23 19.33 -15.30 -6.10
CA VAL C 23 19.68 -14.00 -5.56
C VAL C 23 18.45 -13.08 -5.67
N PHE C 24 18.26 -12.23 -4.66
CA PHE C 24 17.10 -11.35 -4.62
C PHE C 24 17.59 -9.93 -4.41
N ASP C 25 16.97 -8.97 -5.10
CA ASP C 25 17.01 -7.56 -4.69
C ASP C 25 16.12 -7.42 -3.44
N VAL C 26 16.27 -6.34 -2.68
CA VAL C 26 15.31 -6.16 -1.59
C VAL C 26 14.08 -5.31 -1.95
N ASP C 27 14.31 -4.01 -2.13
CA ASP C 27 13.22 -3.08 -2.26
C ASP C 27 12.52 -3.24 -3.59
N GLY C 28 11.22 -3.54 -3.52
CA GLY C 28 10.44 -3.80 -4.73
C GLY C 28 10.39 -5.28 -5.08
N VAL C 29 11.22 -6.09 -4.43
CA VAL C 29 11.22 -7.54 -4.71
C VAL C 29 10.80 -8.29 -3.47
N LEU C 30 11.53 -8.09 -2.36
CA LEU C 30 11.11 -8.65 -1.10
C LEU C 30 10.12 -7.73 -0.40
N THR C 31 10.03 -6.45 -0.82
CA THR C 31 9.07 -5.53 -0.28
C THR C 31 8.31 -4.97 -1.45
N ASP C 32 7.20 -4.32 -1.18
CA ASP C 32 6.41 -3.69 -2.22
C ASP C 32 7.07 -2.40 -2.77
N GLY C 33 8.28 -2.07 -2.33
CA GLY C 33 8.97 -0.89 -2.86
C GLY C 33 8.72 0.35 -2.01
N ARG C 34 7.92 0.23 -0.98
CA ARG C 34 7.68 1.40 -0.12
C ARG C 34 8.86 1.61 0.82
N LEU C 35 9.21 2.88 1.12
CA LEU C 35 10.21 3.12 2.16
C LEU C 35 9.51 3.93 3.26
N TYR C 36 9.55 3.47 4.51
CA TYR C 36 8.82 4.14 5.58
C TYR C 36 9.86 4.93 6.38
N PHE C 37 9.67 6.23 6.55
CA PHE C 37 10.59 7.02 7.38
C PHE C 37 9.87 7.68 8.56
N MET C 38 10.49 7.60 9.73
CA MET C 38 10.01 8.28 10.92
C MET C 38 10.73 9.61 11.03
N GLU C 39 10.21 10.51 11.84
CA GLU C 39 10.79 11.86 12.00
C GLU C 39 12.30 11.87 12.30
N ASP C 40 12.73 10.98 13.19
CA ASP C 40 14.14 10.96 13.60
C ASP C 40 15.05 10.29 12.58
N GLY C 41 14.47 9.83 11.47
CA GLY C 41 15.28 9.26 10.40
C GLY C 41 15.25 7.75 10.30
N SER C 42 14.83 7.09 11.37
CA SER C 42 14.80 5.63 11.37
C SER C 42 13.74 5.13 10.36
N GLU C 43 13.87 3.87 9.95
CA GLU C 43 13.00 3.30 8.91
C GLU C 43 12.22 2.09 9.40
N ILE C 44 11.18 1.77 8.65
CA ILE C 44 10.43 0.53 8.79
C ILE C 44 10.42 -0.08 7.39
N LYS C 45 10.41 -1.41 7.31
CA LYS C 45 10.35 -2.10 6.03
C LYS C 45 9.40 -3.28 6.18
N THR C 46 8.68 -3.63 5.13
CA THR C 46 7.73 -4.74 5.25
C THR C 46 8.16 -5.89 4.38
N PHE C 47 8.02 -7.11 4.89
CA PHE C 47 8.31 -8.31 4.10
C PHE C 47 7.03 -9.14 4.09
N ASN C 48 7.08 -10.29 3.45
CA ASN C 48 5.86 -11.03 3.28
C ASN C 48 6.01 -12.49 3.72
N THR C 49 5.04 -13.01 4.46
CA THR C 49 5.18 -14.32 5.04
C THR C 49 5.12 -15.40 3.98
N LEU C 50 4.39 -15.18 2.88
CA LEU C 50 4.46 -16.20 1.81
C LEU C 50 5.89 -16.24 1.31
N ASP C 51 6.54 -15.06 1.19
CA ASP C 51 7.90 -15.04 0.67
C ASP C 51 8.82 -15.82 1.60
N GLY C 52 8.68 -15.64 2.91
CA GLY C 52 9.59 -16.33 3.86
C GLY C 52 9.53 -17.85 3.74
N GLN C 53 8.31 -18.38 3.67
CA GLN C 53 8.10 -19.81 3.50
C GLN C 53 8.79 -20.29 2.22
N GLY C 54 8.59 -19.56 1.13
CA GLY C 54 9.14 -19.96 -0.17
C GLY C 54 10.66 -20.00 -0.11
N ILE C 55 11.25 -18.94 0.43
CA ILE C 55 12.67 -18.91 0.58
C ILE C 55 13.21 -20.05 1.48
N LYS C 56 12.53 -20.34 2.58
CA LYS C 56 12.99 -21.43 3.45
C LYS C 56 12.93 -22.76 2.70
N MET C 57 11.88 -22.96 1.91
CA MET C 57 11.76 -24.20 1.15
C MET C 57 12.85 -24.36 0.07
N LEU C 58 13.18 -23.27 -0.62
CA LEU C 58 14.26 -23.23 -1.61
C LEU C 58 15.58 -23.65 -0.98
N ILE C 59 15.95 -22.97 0.09
CA ILE C 59 17.17 -23.31 0.82
C ILE C 59 17.19 -24.79 1.23
N ALA C 60 16.07 -25.26 1.77
CA ALA C 60 15.98 -26.62 2.23
C ALA C 60 16.22 -27.62 1.10
N SER C 61 15.93 -27.21 -0.12
CA SER C 61 16.11 -28.08 -1.29
C SER C 61 17.57 -28.16 -1.72
N GLY C 62 18.42 -27.31 -1.14
CA GLY C 62 19.84 -27.32 -1.50
C GLY C 62 20.28 -26.20 -2.44
N VAL C 63 19.40 -25.23 -2.69
CA VAL C 63 19.75 -24.08 -3.51
C VAL C 63 20.19 -22.97 -2.57
N THR C 64 21.39 -22.43 -2.73
CA THR C 64 21.78 -21.38 -1.79
C THR C 64 21.19 -20.03 -2.22
N THR C 65 21.14 -19.08 -1.30
CA THR C 65 20.47 -17.83 -1.57
C THR C 65 21.36 -16.64 -1.19
N ALA C 66 21.10 -15.53 -1.84
CA ALA C 66 21.83 -14.30 -1.57
C ALA C 66 20.93 -13.08 -1.76
N ILE C 67 21.36 -11.96 -1.20
CA ILE C 67 20.69 -10.71 -1.43
C ILE C 67 21.73 -9.68 -1.84
N ILE C 68 21.42 -8.87 -2.85
CA ILE C 68 22.27 -7.74 -3.24
C ILE C 68 21.43 -6.49 -3.33
N SER C 69 21.76 -5.52 -2.46
CA SER C 69 21.00 -4.28 -2.36
C SER C 69 21.90 -3.06 -2.46
N GLY C 70 21.38 -1.99 -3.06
CA GLY C 70 22.12 -0.73 -3.13
C GLY C 70 21.85 0.11 -1.89
N ARG C 71 20.92 -0.34 -1.06
CA ARG C 71 20.64 0.36 0.19
CA ARG C 71 20.65 0.36 0.19
C ARG C 71 21.24 -0.43 1.34
N LYS C 72 21.21 0.16 2.54
CA LYS C 72 21.80 -0.48 3.68
C LYS C 72 20.99 -0.22 4.94
N THR C 73 20.57 -1.30 5.60
CA THR C 73 19.82 -1.17 6.83
C THR C 73 19.90 -2.48 7.61
N ALA C 74 20.00 -2.35 8.93
CA ALA C 74 20.01 -3.51 9.81
C ALA C 74 18.74 -4.37 9.69
N ILE C 75 17.64 -3.76 9.25
CA ILE C 75 16.39 -4.50 9.07
C ILE C 75 16.61 -5.68 8.11
N VAL C 76 17.26 -5.39 6.99
CA VAL C 76 17.57 -6.43 6.02
C VAL C 76 18.51 -7.52 6.57
N GLU C 77 19.51 -7.10 7.35
CA GLU C 77 20.45 -8.04 7.97
C GLU C 77 19.72 -9.05 8.82
N ARG C 78 18.77 -8.57 9.62
CA ARG C 78 18.01 -9.45 10.51
CA ARG C 78 18.01 -9.45 10.51
C ARG C 78 17.06 -10.37 9.72
N ARG C 79 16.38 -9.79 8.74
CA ARG C 79 15.46 -10.58 7.93
C ARG C 79 16.22 -11.71 7.23
N ALA C 80 17.34 -11.40 6.58
CA ALA C 80 18.13 -12.46 5.92
C ALA C 80 18.56 -13.55 6.89
N LYS C 81 19.03 -13.17 8.09
CA LYS C 81 19.41 -14.18 9.09
C LYS C 81 18.22 -15.02 9.58
N SER C 82 17.06 -14.42 9.75
CA SER C 82 15.87 -15.17 10.15
CA SER C 82 15.91 -15.21 10.18
C SER C 82 15.49 -16.21 9.10
N LEU C 83 15.78 -15.91 7.84
CA LEU C 83 15.37 -16.81 6.75
C LEU C 83 16.48 -17.81 6.37
N GLY C 84 17.69 -17.61 6.89
CA GLY C 84 18.82 -18.49 6.58
C GLY C 84 19.51 -18.09 5.28
N ILE C 85 19.30 -16.85 4.84
CA ILE C 85 19.94 -16.41 3.61
C ILE C 85 21.41 -16.21 3.93
N GLU C 86 22.22 -17.00 3.23
CA GLU C 86 23.62 -17.21 3.52
CA GLU C 86 23.61 -17.14 3.62
C GLU C 86 24.53 -16.02 3.16
N HIS C 87 24.17 -15.29 2.11
CA HIS C 87 25.00 -14.19 1.61
C HIS C 87 24.28 -12.88 1.38
N LEU C 88 24.79 -11.83 2.00
CA LEU C 88 24.13 -10.54 1.96
C LEU C 88 25.09 -9.40 1.66
N PHE C 89 24.74 -8.58 0.67
CA PHE C 89 25.57 -7.41 0.33
C PHE C 89 24.71 -6.18 0.23
N GLN C 90 25.01 -5.20 1.05
CA GLN C 90 24.21 -4.00 1.07
C GLN C 90 25.10 -2.82 0.72
N GLY C 91 24.47 -1.70 0.34
CA GLY C 91 25.19 -0.49 -0.03
C GLY C 91 25.94 -0.65 -1.34
N ARG C 92 25.62 -1.71 -2.09
CA ARG C 92 26.34 -2.01 -3.31
CA ARG C 92 26.34 -2.04 -3.31
C ARG C 92 25.63 -1.51 -4.57
N GLU C 93 26.20 -0.45 -5.14
CA GLU C 93 25.70 0.13 -6.38
C GLU C 93 25.98 -0.75 -7.60
N ASP C 94 27.18 -1.33 -7.69
CA ASP C 94 27.48 -2.19 -8.85
C ASP C 94 27.17 -3.65 -8.57
N LYS C 95 25.98 -4.08 -8.96
CA LYS C 95 25.52 -5.38 -8.53
C LYS C 95 26.30 -6.51 -9.20
N LEU C 96 26.67 -6.33 -10.47
CA LEU C 96 27.45 -7.36 -11.19
C LEU C 96 28.81 -7.58 -10.54
N VAL C 97 29.47 -6.49 -10.20
CA VAL C 97 30.75 -6.58 -9.54
C VAL C 97 30.66 -7.49 -8.31
N VAL C 98 29.59 -7.31 -7.53
CA VAL C 98 29.34 -8.11 -6.33
C VAL C 98 29.01 -9.57 -6.67
N LEU C 99 28.12 -9.76 -7.63
CA LEU C 99 27.81 -11.13 -8.05
C LEU C 99 29.10 -11.87 -8.48
N ASP C 100 29.94 -11.22 -9.29
CA ASP C 100 31.17 -11.85 -9.77
C ASP C 100 32.07 -12.26 -8.61
N LYS C 101 32.25 -11.37 -7.65
CA LYS C 101 33.03 -11.72 -6.47
C LYS C 101 32.42 -12.94 -5.79
N LEU C 102 31.13 -12.90 -5.57
CA LEU C 102 30.46 -14.01 -4.90
C LEU C 102 30.54 -15.33 -5.69
N LEU C 103 30.44 -15.26 -7.00
CA LEU C 103 30.46 -16.49 -7.79
C LEU C 103 31.81 -17.23 -7.76
N ALA C 104 32.89 -16.46 -7.73
CA ALA C 104 34.23 -17.01 -7.71
C ALA C 104 34.47 -17.68 -6.37
N GLU C 105 33.96 -17.06 -5.30
CA GLU C 105 34.03 -17.67 -3.98
C GLU C 105 33.29 -19.01 -3.94
N LEU C 106 32.09 -19.05 -4.51
CA LEU C 106 31.30 -20.26 -4.47
C LEU C 106 31.65 -21.21 -5.62
N GLN C 107 32.45 -20.72 -6.57
CA GLN C 107 32.80 -21.56 -7.72
C GLN C 107 31.55 -21.96 -8.50
N LEU C 108 30.71 -20.97 -8.79
CA LEU C 108 29.52 -21.21 -9.60
C LEU C 108 29.58 -20.30 -10.81
N GLY C 109 28.81 -20.64 -11.84
CA GLY C 109 28.79 -19.84 -13.05
C GLY C 109 27.46 -19.12 -13.25
N TYR C 110 27.46 -18.16 -14.19
CA TYR C 110 26.29 -17.34 -14.48
C TYR C 110 25.07 -18.20 -14.76
N GLU C 111 25.30 -19.31 -15.44
CA GLU C 111 24.20 -20.18 -15.86
C GLU C 111 23.52 -20.88 -14.68
N GLN C 112 24.22 -20.97 -13.56
CA GLN C 112 23.68 -21.57 -12.35
C GLN C 112 23.03 -20.52 -11.43
N VAL C 113 22.92 -19.29 -11.90
CA VAL C 113 22.35 -18.24 -11.06
C VAL C 113 20.98 -17.76 -11.50
N ALA C 114 20.07 -17.64 -10.54
CA ALA C 114 18.79 -17.03 -10.78
C ALA C 114 18.74 -15.71 -9.98
N TYR C 115 18.12 -14.70 -10.57
CA TYR C 115 18.04 -13.37 -9.92
C TYR C 115 16.64 -12.81 -10.11
N LEU C 116 16.08 -12.24 -9.05
CA LEU C 116 14.75 -11.68 -9.12
C LEU C 116 14.91 -10.20 -8.80
N GLY C 117 14.63 -9.30 -9.76
CA GLY C 117 14.78 -7.85 -9.55
C GLY C 117 13.56 -6.99 -9.89
N ASP C 118 13.62 -5.68 -9.64
CA ASP C 118 12.52 -4.79 -10.01
C ASP C 118 12.93 -3.47 -10.69
N ASP C 119 14.22 -3.11 -10.66
CA ASP C 119 14.57 -1.84 -11.28
C ASP C 119 15.91 -1.87 -12.04
N LEU C 120 16.23 -0.75 -12.69
CA LEU C 120 17.41 -0.64 -13.54
C LEU C 120 18.72 -1.19 -12.95
N PRO C 121 19.02 -0.86 -11.68
CA PRO C 121 20.28 -1.40 -11.15
C PRO C 121 20.36 -2.93 -11.07
N ASP C 122 19.24 -3.62 -11.31
CA ASP C 122 19.21 -5.10 -11.33
C ASP C 122 19.42 -5.67 -12.73
N LEU C 123 19.23 -4.85 -13.77
CA LEU C 123 19.16 -5.34 -15.16
C LEU C 123 20.46 -5.96 -15.71
N PRO C 124 21.61 -5.38 -15.39
CA PRO C 124 22.86 -5.95 -15.83
C PRO C 124 23.06 -7.36 -15.28
N VAL C 125 22.67 -7.61 -14.03
CA VAL C 125 22.75 -8.97 -13.49
C VAL C 125 21.71 -9.84 -14.19
N ILE C 126 20.52 -9.30 -14.35
CA ILE C 126 19.41 -10.04 -14.92
C ILE C 126 19.74 -10.51 -16.34
N ARG C 127 20.43 -9.66 -17.09
CA ARG C 127 20.84 -10.01 -18.45
C ARG C 127 21.96 -11.07 -18.48
N ARG C 128 22.79 -11.15 -17.44
CA ARG C 128 23.93 -12.08 -17.47
C ARG C 128 23.59 -13.49 -17.08
N VAL C 129 22.60 -13.66 -16.19
CA VAL C 129 22.48 -14.91 -15.46
C VAL C 129 21.56 -15.91 -16.14
N GLY C 130 21.58 -17.14 -15.67
CA GLY C 130 20.77 -18.21 -16.27
C GLY C 130 19.26 -18.05 -16.16
N LEU C 131 18.80 -17.57 -15.00
CA LEU C 131 17.39 -17.29 -14.80
C LEU C 131 17.22 -15.88 -14.23
N GLY C 132 17.00 -14.91 -15.10
CA GLY C 132 17.00 -13.49 -14.71
C GLY C 132 15.57 -13.02 -14.82
N MET C 133 14.90 -12.89 -13.68
CA MET C 133 13.46 -12.60 -13.70
C MET C 133 13.12 -11.24 -13.10
N ALA C 134 12.04 -10.62 -13.58
CA ALA C 134 11.45 -9.41 -12.96
C ALA C 134 10.14 -9.70 -12.25
N VAL C 135 9.80 -8.88 -11.27
CA VAL C 135 8.50 -9.00 -10.63
C VAL C 135 7.47 -8.19 -11.45
N ALA C 136 6.19 -8.35 -11.14
CA ALA C 136 5.12 -7.78 -11.96
C ALA C 136 5.15 -6.26 -11.94
N ASN C 137 5.54 -5.69 -10.79
CA ASN C 137 5.59 -4.25 -10.59
C ASN C 137 6.94 -3.66 -10.97
N ALA C 138 7.83 -4.48 -11.54
CA ALA C 138 9.13 -4.00 -12.02
C ALA C 138 8.99 -2.84 -13.01
N ALA C 139 9.98 -1.94 -13.07
CA ALA C 139 10.00 -0.91 -14.11
C ALA C 139 9.84 -1.61 -15.46
N SER C 140 8.99 -1.08 -16.33
CA SER C 140 8.60 -1.84 -17.50
C SER C 140 9.78 -2.17 -18.42
N PHE C 141 10.81 -1.32 -18.44
CA PHE C 141 11.98 -1.57 -19.25
C PHE C 141 12.73 -2.81 -18.80
N VAL C 142 12.77 -3.03 -17.49
CA VAL C 142 13.33 -4.24 -16.91
C VAL C 142 12.47 -5.45 -17.29
N ARG C 143 11.16 -5.30 -17.16
CA ARG C 143 10.26 -6.41 -17.48
C ARG C 143 10.48 -6.86 -18.92
N GLU C 144 10.62 -5.88 -19.82
CA GLU C 144 10.84 -6.14 -21.25
C GLU C 144 12.15 -6.84 -21.53
N HIS C 145 13.14 -6.65 -20.68
CA HIS C 145 14.44 -7.27 -20.95
C HIS C 145 14.81 -8.48 -20.09
N ALA C 146 13.90 -8.91 -19.21
CA ALA C 146 14.14 -10.06 -18.37
C ALA C 146 13.74 -11.32 -19.14
N HIS C 147 14.23 -12.48 -18.67
CA HIS C 147 13.81 -13.77 -19.24
C HIS C 147 12.37 -14.06 -18.92
N GLY C 148 11.87 -13.49 -17.82
CA GLY C 148 10.51 -13.79 -17.40
C GLY C 148 10.03 -12.85 -16.32
N ILE C 149 8.72 -12.82 -16.13
CA ILE C 149 8.08 -11.92 -15.17
C ILE C 149 7.17 -12.75 -14.31
N THR C 150 7.24 -12.55 -13.00
CA THR C 150 6.36 -13.24 -12.10
C THR C 150 4.99 -12.60 -12.21
N ARG C 151 3.95 -13.38 -11.91
CA ARG C 151 2.59 -12.87 -11.87
C ARG C 151 2.40 -11.97 -10.68
N ALA C 152 2.99 -12.37 -9.57
CA ALA C 152 2.83 -11.67 -8.31
C ALA C 152 3.74 -10.44 -8.27
N GLN C 153 3.35 -9.44 -7.47
CA GLN C 153 4.11 -8.21 -7.36
C GLN C 153 5.11 -8.35 -6.22
N GLY C 154 6.15 -7.52 -6.20
CA GLY C 154 7.09 -7.61 -5.09
C GLY C 154 6.39 -7.36 -3.78
N GLY C 155 6.84 -8.05 -2.73
CA GLY C 155 6.27 -7.88 -1.38
C GLY C 155 4.93 -8.55 -1.23
N GLU C 156 4.45 -9.19 -2.29
CA GLU C 156 3.17 -9.83 -2.25
C GLU C 156 3.26 -11.23 -2.83
N GLY C 157 4.38 -11.93 -2.61
CA GLY C 157 4.46 -13.32 -3.04
C GLY C 157 5.27 -13.58 -4.30
N ALA C 158 5.89 -12.54 -4.88
CA ALA C 158 6.72 -12.71 -6.06
C ALA C 158 7.92 -13.59 -5.77
N ALA C 159 8.56 -13.36 -4.63
CA ALA C 159 9.67 -14.20 -4.21
C ALA C 159 9.23 -15.66 -4.02
N ARG C 160 8.07 -15.85 -3.40
CA ARG C 160 7.51 -17.20 -3.23
C ARG C 160 7.29 -17.87 -4.58
N GLU C 161 6.70 -17.14 -5.53
CA GLU C 161 6.43 -17.66 -6.87
C GLU C 161 7.74 -18.03 -7.60
N PHE C 162 8.77 -17.22 -7.42
CA PHE C 162 10.08 -17.44 -8.01
C PHE C 162 10.75 -18.68 -7.41
N CYS C 163 10.68 -18.82 -6.09
CA CYS C 163 11.22 -19.98 -5.39
C CYS C 163 10.55 -21.26 -5.90
N GLU C 164 9.25 -21.21 -6.05
CA GLU C 164 8.51 -22.39 -6.45
C GLU C 164 8.79 -22.79 -7.90
N LEU C 165 9.08 -21.78 -8.73
CA LEU C 165 9.51 -22.02 -10.11
C LEU C 165 10.79 -22.84 -10.15
N ILE C 166 11.76 -22.48 -9.32
CA ILE C 166 13.01 -23.18 -9.27
C ILE C 166 12.80 -24.58 -8.68
N LEU C 167 12.07 -24.67 -7.57
CA LEU C 167 11.77 -25.96 -6.92
C LEU C 167 11.11 -26.94 -7.91
N SER C 168 10.12 -26.46 -8.65
CA SER C 168 9.38 -27.28 -9.59
CA SER C 168 9.39 -27.30 -9.59
C SER C 168 10.27 -27.73 -10.75
N ALA C 169 11.00 -26.77 -11.32
CA ALA C 169 11.96 -27.04 -12.39
C ALA C 169 12.94 -28.13 -12.02
N GLN C 170 13.31 -28.17 -10.74
CA GLN C 170 14.26 -29.17 -10.26
C GLN C 170 13.61 -30.43 -9.66
N GLY C 171 12.31 -30.61 -9.91
CA GLY C 171 11.57 -31.78 -9.42
C GLY C 171 11.49 -31.89 -7.91
N ASN C 172 11.50 -30.75 -7.21
CA ASN C 172 11.59 -30.76 -5.76
C ASN C 172 10.34 -30.20 -5.08
N LEU C 173 9.38 -29.69 -5.84
CA LEU C 173 8.25 -29.03 -5.21
C LEU C 173 7.40 -30.04 -4.47
N GLU C 174 7.04 -31.13 -5.16
CA GLU C 174 6.30 -32.23 -4.53
C GLU C 174 6.88 -32.52 -3.15
N ALA C 175 8.16 -32.85 -3.10
CA ALA C 175 8.78 -33.20 -1.81
C ALA C 175 8.62 -32.08 -0.77
N ALA C 176 8.62 -30.83 -1.22
CA ALA C 176 8.47 -29.73 -0.30
C ALA C 176 7.06 -29.76 0.29
N HIS C 177 6.07 -30.00 -0.57
CA HIS C 177 4.67 -30.09 -0.19
C HIS C 177 4.33 -31.34 0.65
N SER C 178 5.10 -32.39 0.48
CA SER C 178 4.83 -33.65 1.14
C SER C 178 4.82 -33.60 2.62
N VAL C 179 5.66 -32.76 3.18
CA VAL C 179 5.75 -32.61 4.59
C VAL C 179 4.37 -32.28 5.12
N TYR C 180 3.60 -31.56 4.35
CA TYR C 180 2.29 -31.12 4.76
C TYR C 180 1.10 -31.97 4.28
N LEU C 181 1.33 -33.20 3.82
CA LEU C 181 0.23 -34.05 3.37
C LEU C 181 0.06 -35.33 4.20
N GLU C 182 0.91 -35.51 5.20
CA GLU C 182 0.82 -36.68 6.07
C GLU C 182 -0.39 -36.58 7.02
N ASP D 11 -20.87 -29.42 1.21
CA ASP D 11 -21.39 -28.03 0.99
C ASP D 11 -21.02 -27.18 2.21
N LEU D 12 -20.59 -25.93 1.99
CA LEU D 12 -20.05 -25.12 3.09
C LEU D 12 -21.07 -24.77 4.16
N MET D 13 -22.29 -24.42 3.73
CA MET D 13 -23.35 -24.07 4.65
CA MET D 13 -23.36 -24.08 4.66
C MET D 13 -23.65 -25.26 5.57
N GLN D 14 -23.53 -26.46 5.02
CA GLN D 14 -23.77 -27.68 5.78
C GLN D 14 -22.64 -27.93 6.75
N ARG D 15 -21.41 -27.70 6.29
CA ARG D 15 -20.25 -27.91 7.17
C ARG D 15 -20.23 -26.92 8.33
N GLY D 16 -20.89 -25.78 8.14
CA GLY D 16 -20.91 -24.73 9.16
C GLY D 16 -21.80 -25.04 10.34
N LYS D 17 -22.76 -25.93 10.15
CA LYS D 17 -23.75 -26.18 11.19
C LYS D 17 -23.21 -26.70 12.50
N ALA D 18 -22.25 -27.61 12.42
CA ALA D 18 -21.81 -28.35 13.59
C ALA D 18 -20.71 -27.62 14.31
N ILE D 19 -20.36 -26.44 13.82
CA ILE D 19 -19.14 -25.76 14.28
C ILE D 19 -19.35 -25.21 15.68
N LYS D 20 -18.41 -25.58 16.55
CA LYS D 20 -18.40 -25.13 17.92
C LYS D 20 -17.12 -24.36 18.25
N LEU D 21 -16.07 -24.62 17.49
CA LEU D 21 -14.79 -23.92 17.66
C LEU D 21 -14.29 -23.37 16.33
N ALA D 22 -13.94 -22.08 16.32
CA ALA D 22 -13.35 -21.48 15.14
C ALA D 22 -11.93 -21.02 15.42
N VAL D 23 -11.02 -21.50 14.58
CA VAL D 23 -9.59 -21.33 14.74
C VAL D 23 -8.97 -20.50 13.62
N PHE D 24 -8.16 -19.51 14.00
CA PHE D 24 -7.50 -18.63 13.05
C PHE D 24 -5.97 -18.73 13.10
N ASP D 25 -5.35 -18.81 11.93
CA ASP D 25 -3.94 -18.42 11.79
C ASP D 25 -3.87 -16.90 11.98
N VAL D 26 -2.68 -16.38 12.26
CA VAL D 26 -2.51 -14.91 12.34
C VAL D 26 -2.06 -14.27 11.02
N ASP D 27 -0.78 -14.44 10.68
CA ASP D 27 -0.21 -13.74 9.54
C ASP D 27 -0.75 -14.25 8.19
N GLY D 28 -1.34 -13.33 7.44
CA GLY D 28 -2.01 -13.64 6.19
C GLY D 28 -3.48 -13.98 6.32
N VAL D 29 -3.94 -14.15 7.56
CA VAL D 29 -5.35 -14.35 7.82
C VAL D 29 -5.94 -13.19 8.64
N LEU D 30 -5.40 -12.93 9.83
CA LEU D 30 -5.88 -11.77 10.57
C LEU D 30 -5.10 -10.54 10.10
N THR D 31 -4.02 -10.77 9.36
CA THR D 31 -3.24 -9.69 8.75
C THR D 31 -3.12 -9.95 7.28
N ASP D 32 -2.61 -8.98 6.54
CA ASP D 32 -2.40 -9.14 5.10
C ASP D 32 -1.15 -9.95 4.69
N GLY D 33 -0.47 -10.58 5.64
CA GLY D 33 0.73 -11.31 5.31
C GLY D 33 1.99 -10.45 5.41
N ARG D 34 1.81 -9.15 5.65
CA ARG D 34 2.97 -8.26 5.78
C ARG D 34 3.55 -8.29 7.17
N LEU D 35 4.87 -8.25 7.23
CA LEU D 35 5.59 -8.16 8.49
C LEU D 35 6.32 -6.80 8.53
N TYR D 36 6.01 -5.96 9.51
CA TYR D 36 6.68 -4.65 9.58
C TYR D 36 7.80 -4.77 10.59
N PHE D 37 9.01 -4.37 10.22
CA PHE D 37 10.14 -4.41 11.17
C PHE D 37 10.80 -3.06 11.26
N MET D 38 11.11 -2.66 12.49
CA MET D 38 11.88 -1.44 12.74
C MET D 38 13.37 -1.77 12.89
N GLU D 39 14.22 -0.75 12.83
CA GLU D 39 15.66 -0.98 12.89
C GLU D 39 16.10 -1.73 14.14
N ASP D 40 15.56 -1.32 15.30
CA ASP D 40 15.93 -1.96 16.56
C ASP D 40 15.48 -3.41 16.61
N GLY D 41 14.66 -3.82 15.65
CA GLY D 41 14.25 -5.23 15.54
C GLY D 41 12.81 -5.52 15.95
N SER D 42 12.11 -4.51 16.46
CA SER D 42 10.77 -4.72 16.96
C SER D 42 9.75 -4.70 15.81
N GLU D 43 8.60 -5.33 16.02
CA GLU D 43 7.58 -5.45 14.98
C GLU D 43 6.41 -4.52 15.17
N ILE D 44 5.71 -4.30 14.06
CA ILE D 44 4.40 -3.72 14.07
C ILE D 44 3.52 -4.73 13.33
N LYS D 45 2.31 -4.94 13.82
CA LYS D 45 1.37 -5.82 13.13
CA LYS D 45 1.38 -5.82 13.15
C LYS D 45 0.09 -5.05 12.89
N THR D 46 -0.61 -5.37 11.81
CA THR D 46 -1.86 -4.65 11.50
C THR D 46 -3.05 -5.57 11.52
N PHE D 47 -4.15 -5.16 12.13
CA PHE D 47 -5.38 -5.97 12.09
C PHE D 47 -6.48 -5.14 11.43
N ASN D 48 -7.67 -5.70 11.32
CA ASN D 48 -8.73 -5.02 10.62
C ASN D 48 -10.03 -4.93 11.44
N THR D 49 -10.68 -3.77 11.40
CA THR D 49 -11.87 -3.57 12.24
C THR D 49 -13.07 -4.45 11.82
N LEU D 50 -13.26 -4.69 10.53
CA LEU D 50 -14.33 -5.62 10.12
C LEU D 50 -14.10 -6.97 10.79
N ASP D 51 -12.85 -7.42 10.80
CA ASP D 51 -12.53 -8.70 11.39
C ASP D 51 -12.86 -8.72 12.86
N GLY D 52 -12.49 -7.66 13.59
CA GLY D 52 -12.80 -7.64 15.00
C GLY D 52 -14.29 -7.73 15.29
N GLN D 53 -15.08 -6.95 14.57
CA GLN D 53 -16.54 -6.98 14.70
C GLN D 53 -17.05 -8.40 14.41
N GLY D 54 -16.49 -9.03 13.38
CA GLY D 54 -16.93 -10.39 13.01
C GLY D 54 -16.63 -11.42 14.10
N ILE D 55 -15.39 -11.41 14.62
CA ILE D 55 -15.01 -12.29 15.72
C ILE D 55 -15.85 -12.07 16.98
N LYS D 56 -16.15 -10.82 17.32
CA LYS D 56 -17.04 -10.58 18.46
C LYS D 56 -18.46 -11.14 18.29
N MET D 57 -19.03 -10.98 17.12
CA MET D 57 -20.34 -11.55 16.86
C MET D 57 -20.33 -13.07 16.93
N LEU D 58 -19.29 -13.70 16.38
CA LEU D 58 -19.21 -15.17 16.36
C LEU D 58 -19.10 -15.71 17.79
N ILE D 59 -18.20 -15.12 18.57
CA ILE D 59 -18.11 -15.43 19.98
C ILE D 59 -19.48 -15.25 20.69
N ALA D 60 -20.21 -14.19 20.38
CA ALA D 60 -21.47 -13.90 21.07
C ALA D 60 -22.56 -14.91 20.70
N SER D 61 -22.39 -15.54 19.54
CA SER D 61 -23.34 -16.55 19.12
C SER D 61 -23.14 -17.87 19.90
N GLY D 62 -22.03 -17.97 20.63
CA GLY D 62 -21.68 -19.20 21.36
C GLY D 62 -20.72 -20.16 20.65
N VAL D 63 -20.03 -19.69 19.61
CA VAL D 63 -18.92 -20.45 19.02
C VAL D 63 -17.62 -19.98 19.68
N THR D 64 -16.84 -20.90 20.25
CA THR D 64 -15.60 -20.42 20.87
C THR D 64 -14.47 -20.25 19.82
N THR D 65 -13.45 -19.45 20.14
CA THR D 65 -12.45 -19.14 19.12
C THR D 65 -11.04 -19.40 19.64
N ALA D 66 -10.12 -19.63 18.73
CA ALA D 66 -8.73 -19.95 19.07
C ALA D 66 -7.83 -19.40 17.99
N ILE D 67 -6.56 -19.20 18.34
CA ILE D 67 -5.55 -18.85 17.38
C ILE D 67 -4.39 -19.81 17.54
N ILE D 68 -3.92 -20.36 16.41
CA ILE D 68 -2.71 -21.18 16.39
C ILE D 68 -1.74 -20.51 15.43
N SER D 69 -0.58 -20.12 15.94
CA SER D 69 0.40 -19.39 15.16
C SER D 69 1.78 -19.97 15.39
N GLY D 70 2.60 -19.94 14.33
CA GLY D 70 3.98 -20.38 14.42
C GLY D 70 4.91 -19.27 14.89
N ARG D 71 4.45 -18.03 14.83
CA ARG D 71 5.23 -16.89 15.29
CA ARG D 71 5.24 -16.90 15.30
C ARG D 71 4.83 -16.51 16.72
N LYS D 72 5.58 -15.64 17.37
CA LYS D 72 5.23 -15.25 18.74
C LYS D 72 5.48 -13.79 19.04
N THR D 73 4.45 -13.08 19.49
CA THR D 73 4.61 -11.66 19.81
C THR D 73 3.56 -11.20 20.83
N ALA D 74 3.93 -10.23 21.66
CA ALA D 74 2.97 -9.72 22.63
C ALA D 74 1.84 -9.01 21.88
N ILE D 75 2.09 -8.58 20.65
CA ILE D 75 1.04 -7.90 19.88
C ILE D 75 -0.20 -8.79 19.70
N VAL D 76 0.03 -10.06 19.40
CA VAL D 76 -1.06 -10.98 19.14
C VAL D 76 -1.79 -11.36 20.41
N GLU D 77 -1.06 -11.39 21.53
CA GLU D 77 -1.69 -11.68 22.82
C GLU D 77 -2.69 -10.60 23.17
N ARG D 78 -2.26 -9.35 23.04
CA ARG D 78 -3.10 -8.21 23.34
C ARG D 78 -4.32 -8.19 22.40
N ARG D 79 -4.10 -8.43 21.10
CA ARG D 79 -5.21 -8.43 20.15
C ARG D 79 -6.23 -9.53 20.53
N ALA D 80 -5.75 -10.75 20.77
CA ALA D 80 -6.61 -11.85 21.21
C ALA D 80 -7.44 -11.51 22.43
N LYS D 81 -6.80 -10.94 23.45
CA LYS D 81 -7.51 -10.53 24.65
C LYS D 81 -8.58 -9.49 24.33
N SER D 82 -8.24 -8.47 23.54
CA SER D 82 -9.20 -7.42 23.21
CA SER D 82 -9.20 -7.41 23.21
C SER D 82 -10.43 -7.98 22.51
N LEU D 83 -10.23 -9.06 21.75
CA LEU D 83 -11.34 -9.63 21.00
C LEU D 83 -12.17 -10.65 21.80
N GLY D 84 -11.61 -11.13 22.93
CA GLY D 84 -12.26 -12.20 23.70
C GLY D 84 -11.96 -13.58 23.12
N ILE D 85 -10.93 -13.68 22.30
CA ILE D 85 -10.48 -14.99 21.82
C ILE D 85 -9.95 -15.82 22.99
N GLU D 86 -10.56 -16.98 23.21
CA GLU D 86 -10.38 -17.77 24.43
C GLU D 86 -9.07 -18.56 24.51
N HIS D 87 -8.60 -19.06 23.37
CA HIS D 87 -7.49 -19.98 23.35
C HIS D 87 -6.42 -19.51 22.38
N LEU D 88 -5.23 -19.27 22.90
CA LEU D 88 -4.16 -18.70 22.10
C LEU D 88 -2.90 -19.55 22.21
N PHE D 89 -2.38 -19.97 21.07
CA PHE D 89 -1.11 -20.73 21.03
C PHE D 89 -0.15 -20.14 19.98
N GLN D 90 1.00 -19.67 20.46
CA GLN D 90 2.00 -19.06 19.59
C GLN D 90 3.32 -19.81 19.63
N GLY D 91 4.17 -19.57 18.63
CA GLY D 91 5.48 -20.22 18.55
C GLY D 91 5.35 -21.72 18.34
N ARG D 92 4.23 -22.13 17.77
CA ARG D 92 3.92 -23.53 17.60
CA ARG D 92 3.96 -23.54 17.60
C ARG D 92 4.10 -23.99 16.15
N GLU D 93 5.03 -24.90 15.95
CA GLU D 93 5.33 -25.37 14.62
C GLU D 93 4.31 -26.41 14.17
N ASP D 94 4.01 -27.36 15.06
CA ASP D 94 3.04 -28.38 14.66
C ASP D 94 1.64 -28.00 15.06
N LYS D 95 0.90 -27.44 14.11
CA LYS D 95 -0.43 -26.90 14.39
C LYS D 95 -1.40 -28.01 14.69
N LEU D 96 -1.29 -29.11 13.97
CA LEU D 96 -2.16 -30.26 14.22
C LEU D 96 -1.96 -30.80 15.63
N VAL D 97 -0.72 -30.96 16.07
CA VAL D 97 -0.47 -31.40 17.46
C VAL D 97 -1.20 -30.49 18.46
N VAL D 98 -1.02 -29.18 18.30
CA VAL D 98 -1.65 -28.20 19.19
C VAL D 98 -3.16 -28.31 19.20
N LEU D 99 -3.74 -28.53 18.03
CA LEU D 99 -5.19 -28.62 17.93
C LEU D 99 -5.73 -29.89 18.60
N ASP D 100 -5.05 -31.01 18.39
CA ASP D 100 -5.50 -32.28 18.95
C ASP D 100 -5.64 -32.16 20.46
N LYS D 101 -4.64 -31.53 21.08
CA LYS D 101 -4.67 -31.32 22.53
C LYS D 101 -5.82 -30.41 22.97
N LEU D 102 -6.00 -29.28 22.30
CA LEU D 102 -7.15 -28.41 22.59
C LEU D 102 -8.48 -29.18 22.43
N LEU D 103 -8.57 -30.01 21.40
CA LEU D 103 -9.80 -30.75 21.15
C LEU D 103 -10.07 -31.75 22.29
N ALA D 104 -9.03 -32.46 22.72
CA ALA D 104 -9.18 -33.38 23.84
C ALA D 104 -9.71 -32.61 25.04
N GLU D 105 -9.10 -31.47 25.33
CA GLU D 105 -9.49 -30.65 26.47
C GLU D 105 -10.90 -30.07 26.40
N LEU D 106 -11.32 -29.64 25.20
CA LEU D 106 -12.66 -29.10 25.00
C LEU D 106 -13.68 -30.22 24.75
N GLN D 107 -13.18 -31.41 24.44
CA GLN D 107 -14.03 -32.56 24.15
C GLN D 107 -14.86 -32.35 22.88
N LEU D 108 -14.19 -31.91 21.82
CA LEU D 108 -14.82 -31.73 20.51
C LEU D 108 -14.18 -32.67 19.49
N GLY D 109 -14.92 -33.01 18.44
CA GLY D 109 -14.33 -33.73 17.31
C GLY D 109 -13.97 -32.78 16.17
N TYR D 110 -13.15 -33.22 15.24
CA TYR D 110 -12.73 -32.38 14.14
C TYR D 110 -13.89 -31.78 13.37
N GLU D 111 -14.96 -32.54 13.26
CA GLU D 111 -16.11 -32.06 12.52
C GLU D 111 -16.74 -30.80 13.12
N GLN D 112 -16.43 -30.49 14.38
CA GLN D 112 -17.01 -29.32 15.05
C GLN D 112 -16.04 -28.14 14.99
N VAL D 113 -14.96 -28.31 14.23
CA VAL D 113 -13.93 -27.28 14.11
C VAL D 113 -13.93 -26.60 12.74
N ALA D 114 -13.83 -25.27 12.76
CA ALA D 114 -13.56 -24.53 11.53
C ALA D 114 -12.19 -23.87 11.65
N TYR D 115 -11.46 -23.83 10.54
CA TYR D 115 -10.13 -23.27 10.54
C TYR D 115 -9.94 -22.44 9.29
N LEU D 116 -9.32 -21.28 9.47
CA LEU D 116 -9.01 -20.39 8.37
C LEU D 116 -7.48 -20.12 8.34
N GLY D 117 -6.85 -20.53 7.25
CA GLY D 117 -5.38 -20.47 7.07
C GLY D 117 -4.92 -19.89 5.76
N ASP D 118 -3.61 -19.63 5.63
CA ASP D 118 -3.09 -19.10 4.37
C ASP D 118 -1.87 -19.80 3.77
N ASP D 119 -1.29 -20.76 4.47
CA ASP D 119 -0.08 -21.33 3.95
C ASP D 119 0.10 -22.77 4.41
N LEU D 120 1.19 -23.39 3.97
CA LEU D 120 1.43 -24.81 4.18
C LEU D 120 1.28 -25.27 5.62
N PRO D 121 1.88 -24.55 6.58
CA PRO D 121 1.77 -24.98 7.97
C PRO D 121 0.30 -25.15 8.42
N ASP D 122 -0.64 -24.49 7.73
CA ASP D 122 -2.04 -24.61 8.10
C ASP D 122 -2.70 -25.84 7.45
N LEU D 123 -2.07 -26.40 6.44
CA LEU D 123 -2.76 -27.38 5.61
C LEU D 123 -3.17 -28.69 6.32
N PRO D 124 -2.31 -29.22 7.19
CA PRO D 124 -2.71 -30.47 7.85
C PRO D 124 -3.96 -30.29 8.68
N VAL D 125 -4.16 -29.11 9.25
CA VAL D 125 -5.39 -28.85 9.96
C VAL D 125 -6.56 -28.70 8.99
N ILE D 126 -6.36 -27.89 7.95
CA ILE D 126 -7.43 -27.48 7.04
C ILE D 126 -8.00 -28.75 6.42
N ARG D 127 -7.13 -29.72 6.21
CA ARG D 127 -7.54 -30.96 5.54
C ARG D 127 -8.33 -31.90 6.46
N ARG D 128 -8.19 -31.70 7.77
CA ARG D 128 -8.82 -32.59 8.75
C ARG D 128 -10.12 -32.07 9.38
N VAL D 129 -10.28 -30.75 9.48
CA VAL D 129 -11.41 -30.22 10.21
C VAL D 129 -12.71 -30.24 9.42
N GLY D 130 -13.80 -29.89 10.09
CA GLY D 130 -15.11 -29.87 9.47
C GLY D 130 -15.25 -28.76 8.47
N LEU D 131 -14.69 -27.58 8.77
CA LEU D 131 -14.75 -26.47 7.81
C LEU D 131 -13.36 -25.87 7.64
N GLY D 132 -12.60 -26.44 6.72
CA GLY D 132 -11.21 -26.04 6.49
C GLY D 132 -11.19 -25.04 5.37
N MET D 133 -10.86 -23.79 5.68
CA MET D 133 -10.95 -22.76 4.66
C MET D 133 -9.63 -21.97 4.47
N ALA D 134 -9.46 -21.47 3.25
CA ALA D 134 -8.31 -20.65 2.89
C ALA D 134 -8.81 -19.25 2.57
N VAL D 135 -8.00 -18.24 2.87
CA VAL D 135 -8.28 -16.90 2.39
C VAL D 135 -7.84 -16.76 0.95
N ALA D 136 -8.30 -15.69 0.30
CA ALA D 136 -8.09 -15.52 -1.13
C ALA D 136 -6.62 -15.45 -1.49
N ASN D 137 -5.84 -14.79 -0.64
CA ASN D 137 -4.41 -14.60 -0.85
C ASN D 137 -3.54 -15.78 -0.41
N ALA D 138 -4.18 -16.87 0.03
CA ALA D 138 -3.47 -18.08 0.46
C ALA D 138 -2.60 -18.64 -0.67
N ALA D 139 -1.55 -19.38 -0.34
CA ALA D 139 -0.79 -20.11 -1.39
C ALA D 139 -1.75 -20.96 -2.20
N SER D 140 -1.54 -21.04 -3.51
CA SER D 140 -2.54 -21.69 -4.35
C SER D 140 -2.66 -23.18 -4.02
N PHE D 141 -1.59 -23.78 -3.52
CA PHE D 141 -1.63 -25.20 -3.14
C PHE D 141 -2.53 -25.40 -1.95
N VAL D 142 -2.55 -24.43 -1.04
CA VAL D 142 -3.45 -24.51 0.07
C VAL D 142 -4.87 -24.25 -0.40
N ARG D 143 -5.05 -23.32 -1.35
CA ARG D 143 -6.39 -23.01 -1.83
C ARG D 143 -6.97 -24.25 -2.50
N GLU D 144 -6.12 -24.97 -3.22
CA GLU D 144 -6.56 -26.12 -3.97
C GLU D 144 -6.99 -27.29 -3.09
N HIS D 145 -6.52 -27.31 -1.83
CA HIS D 145 -6.83 -28.42 -0.91
C HIS D 145 -7.70 -28.03 0.29
N ALA D 146 -8.34 -26.87 0.21
CA ALA D 146 -9.26 -26.41 1.26
C ALA D 146 -10.68 -26.76 0.86
N HIS D 147 -11.60 -26.81 1.82
CA HIS D 147 -13.00 -27.05 1.46
C HIS D 147 -13.59 -25.86 0.74
N GLY D 148 -13.04 -24.68 1.01
CA GLY D 148 -13.62 -23.43 0.51
C GLY D 148 -12.58 -22.31 0.62
N ILE D 149 -12.84 -21.20 -0.08
CA ILE D 149 -11.91 -20.08 -0.16
C ILE D 149 -12.70 -18.80 0.06
N THR D 150 -12.29 -17.95 0.99
CA THR D 150 -13.00 -16.70 1.15
C THR D 150 -12.74 -15.82 -0.08
N ARG D 151 -13.71 -14.97 -0.42
CA ARG D 151 -13.54 -13.98 -1.48
C ARG D 151 -12.60 -12.85 -1.02
N ALA D 152 -12.72 -12.42 0.22
CA ALA D 152 -11.85 -11.35 0.75
C ALA D 152 -10.46 -11.89 1.08
N GLN D 153 -9.48 -10.98 1.12
CA GLN D 153 -8.11 -11.31 1.39
C GLN D 153 -7.86 -11.20 2.90
N GLY D 154 -6.83 -11.88 3.38
CA GLY D 154 -6.49 -11.78 4.81
C GLY D 154 -6.16 -10.32 5.08
N GLY D 155 -6.42 -9.86 6.29
CA GLY D 155 -6.15 -8.47 6.64
C GLY D 155 -7.18 -7.50 6.10
N GLU D 156 -8.08 -8.00 5.27
CA GLU D 156 -9.04 -7.15 4.59
C GLU D 156 -10.48 -7.68 4.67
N GLY D 157 -10.79 -8.39 5.75
CA GLY D 157 -12.18 -8.80 6.00
C GLY D 157 -12.44 -10.27 5.68
N ALA D 158 -11.39 -11.03 5.39
CA ALA D 158 -11.55 -12.47 5.18
C ALA D 158 -11.99 -13.17 6.46
N ALA D 159 -11.41 -12.80 7.60
CA ALA D 159 -11.90 -13.34 8.87
C ALA D 159 -13.37 -12.97 9.13
N ARG D 160 -13.74 -11.70 8.95
CA ARG D 160 -15.15 -11.29 9.01
C ARG D 160 -16.02 -12.24 8.15
N GLU D 161 -15.59 -12.46 6.92
CA GLU D 161 -16.36 -13.26 5.96
C GLU D 161 -16.55 -14.70 6.47
N PHE D 162 -15.49 -15.26 7.02
CA PHE D 162 -15.47 -16.60 7.63
C PHE D 162 -16.40 -16.68 8.83
N CYS D 163 -16.37 -15.68 9.70
CA CYS D 163 -17.32 -15.58 10.81
C CYS D 163 -18.78 -15.49 10.33
N GLU D 164 -19.03 -14.79 9.25
CA GLU D 164 -20.42 -14.65 8.81
C GLU D 164 -20.93 -15.94 8.15
N LEU D 165 -20.03 -16.67 7.53
CA LEU D 165 -20.35 -17.98 6.93
C LEU D 165 -20.83 -18.98 8.00
N ILE D 166 -20.10 -19.05 9.12
CA ILE D 166 -20.55 -19.81 10.28
C ILE D 166 -21.88 -19.31 10.88
N LEU D 167 -21.98 -18.00 11.15
CA LEU D 167 -23.20 -17.44 11.70
C LEU D 167 -24.39 -17.75 10.78
N SER D 168 -24.17 -17.56 9.49
CA SER D 168 -25.23 -17.82 8.51
CA SER D 168 -25.21 -17.83 8.48
C SER D 168 -25.61 -19.30 8.44
N ALA D 169 -24.62 -20.18 8.46
CA ALA D 169 -24.87 -21.62 8.46
C ALA D 169 -25.75 -22.01 9.65
N GLN D 170 -25.54 -21.34 10.77
CA GLN D 170 -26.25 -21.62 12.01
C GLN D 170 -27.51 -20.74 12.20
N GLY D 171 -27.82 -19.90 11.22
CA GLY D 171 -29.05 -19.09 11.22
C GLY D 171 -28.99 -17.91 12.18
N ASN D 172 -27.81 -17.67 12.73
CA ASN D 172 -27.60 -16.67 13.77
C ASN D 172 -27.23 -15.27 13.26
N LEU D 173 -26.99 -15.15 11.96
CA LEU D 173 -26.51 -13.87 11.40
C LEU D 173 -27.61 -12.81 11.44
N GLU D 174 -28.80 -13.23 11.05
CA GLU D 174 -29.99 -12.41 11.05
C GLU D 174 -30.22 -11.76 12.40
N ALA D 175 -30.05 -12.51 13.48
CA ALA D 175 -30.22 -11.98 14.82
C ALA D 175 -29.13 -10.98 15.16
N ALA D 176 -27.88 -11.32 14.82
CA ALA D 176 -26.74 -10.46 15.04
C ALA D 176 -26.97 -9.12 14.35
N HIS D 177 -27.56 -9.15 13.16
CA HIS D 177 -27.87 -7.93 12.44
C HIS D 177 -29.00 -7.15 13.12
N SER D 178 -30.01 -7.86 13.60
CA SER D 178 -31.18 -7.22 14.20
CA SER D 178 -31.19 -7.26 14.23
C SER D 178 -30.81 -6.25 15.31
N VAL D 179 -29.96 -6.65 16.23
CA VAL D 179 -29.38 -5.70 17.14
C VAL D 179 -29.18 -4.30 16.56
N TYR D 180 -28.66 -4.22 15.35
CA TYR D 180 -28.34 -2.96 14.72
C TYR D 180 -29.45 -2.33 13.90
N LEU D 181 -30.57 -3.02 13.83
CA LEU D 181 -31.75 -2.57 13.12
C LEU D 181 -32.84 -2.11 14.07
N GLU D 182 -32.46 -1.83 15.30
CA GLU D 182 -33.40 -1.35 16.28
C GLU D 182 -32.98 0.02 16.77
N MET E 8 -31.93 14.33 -51.94
CA MET E 8 -31.36 15.52 -51.23
C MET E 8 -30.47 15.12 -50.06
N SER E 9 -29.64 14.11 -50.27
CA SER E 9 -28.69 13.65 -49.27
C SER E 9 -27.56 14.67 -49.12
N GLN E 10 -27.49 15.61 -50.06
CA GLN E 10 -26.40 16.58 -50.07
C GLN E 10 -26.69 17.83 -49.22
N ASP E 11 -27.73 17.73 -48.39
CA ASP E 11 -27.91 18.71 -47.33
C ASP E 11 -26.73 18.56 -46.39
N LEU E 12 -26.45 17.30 -46.02
CA LEU E 12 -25.36 17.01 -45.09
C LEU E 12 -24.02 17.51 -45.62
N MET E 13 -23.76 17.34 -46.91
CA MET E 13 -22.53 17.85 -47.50
C MET E 13 -22.46 19.38 -47.40
N GLN E 14 -23.63 20.01 -47.41
CA GLN E 14 -23.70 21.46 -47.29
C GLN E 14 -23.40 21.95 -45.86
N ARG E 15 -24.00 21.28 -44.88
CA ARG E 15 -23.75 21.61 -43.48
C ARG E 15 -22.31 21.31 -43.07
N GLY E 16 -21.73 20.29 -43.71
CA GLY E 16 -20.36 19.86 -43.42
C GLY E 16 -19.33 20.92 -43.73
N LYS E 17 -19.58 21.66 -44.81
CA LYS E 17 -18.68 22.67 -45.36
C LYS E 17 -18.12 23.66 -44.33
N ALA E 18 -18.99 24.19 -43.48
CA ALA E 18 -18.62 25.24 -42.55
C ALA E 18 -18.04 24.74 -41.22
N ILE E 19 -17.93 23.43 -41.06
CA ILE E 19 -17.55 22.88 -39.75
C ILE E 19 -16.12 23.25 -39.35
N LYS E 20 -15.97 23.83 -38.16
CA LYS E 20 -14.65 24.15 -37.62
C LYS E 20 -14.41 23.41 -36.30
N LEU E 21 -15.50 22.94 -35.69
CA LEU E 21 -15.41 22.21 -34.43
C LEU E 21 -16.32 20.99 -34.46
N ALA E 22 -15.76 19.81 -34.21
CA ALA E 22 -16.57 18.59 -34.13
C ALA E 22 -16.54 18.11 -32.70
N VAL E 23 -17.71 17.87 -32.14
CA VAL E 23 -17.85 17.50 -30.75
C VAL E 23 -18.46 16.11 -30.64
N PHE E 24 -17.92 15.32 -29.72
CA PHE E 24 -18.43 13.98 -29.48
C PHE E 24 -18.95 13.79 -28.07
N ASP E 25 -20.07 13.11 -27.96
CA ASP E 25 -20.46 12.51 -26.70
C ASP E 25 -19.59 11.26 -26.50
N VAL E 26 -19.52 10.72 -25.29
CA VAL E 26 -18.76 9.49 -25.13
C VAL E 26 -19.60 8.20 -25.25
N ASP E 27 -20.40 7.94 -24.25
CA ASP E 27 -21.00 6.63 -24.11
C ASP E 27 -22.10 6.46 -25.15
N GLY E 28 -22.00 5.42 -25.97
CA GLY E 28 -22.99 5.24 -27.04
C GLY E 28 -22.56 5.86 -28.36
N VAL E 29 -21.53 6.70 -28.33
CA VAL E 29 -21.04 7.31 -29.54
C VAL E 29 -19.62 6.84 -29.84
N LEU E 30 -18.69 7.11 -28.93
CA LEU E 30 -17.37 6.49 -29.01
C LEU E 30 -17.35 5.08 -28.42
N THR E 31 -18.43 4.69 -27.75
CA THR E 31 -18.54 3.35 -27.18
C THR E 31 -19.88 2.77 -27.64
N ASP E 32 -20.10 1.51 -27.35
CA ASP E 32 -21.35 0.87 -27.76
C ASP E 32 -22.45 1.17 -26.76
N GLY E 33 -22.12 2.00 -25.75
CA GLY E 33 -23.06 2.28 -24.68
C GLY E 33 -23.00 1.34 -23.48
N ARG E 34 -22.16 0.31 -23.56
CA ARG E 34 -21.97 -0.61 -22.47
C ARG E 34 -21.13 0.03 -21.35
N LEU E 35 -21.48 -0.26 -20.10
CA LEU E 35 -20.68 0.17 -18.96
C LEU E 35 -20.20 -1.06 -18.23
N TYR E 36 -18.89 -1.26 -18.17
CA TYR E 36 -18.36 -2.46 -17.52
C TYR E 36 -17.99 -2.06 -16.12
N PHE E 37 -18.47 -2.82 -15.13
CA PHE E 37 -18.08 -2.52 -13.74
C PHE E 37 -17.47 -3.73 -13.08
N MET E 38 -16.39 -3.47 -12.35
CA MET E 38 -15.74 -4.48 -11.53
C MET E 38 -16.32 -4.43 -10.13
N GLU E 39 -15.99 -5.43 -9.30
CA GLU E 39 -16.57 -5.47 -7.95
C GLU E 39 -16.27 -4.26 -7.07
N ASP E 40 -15.09 -3.66 -7.21
CA ASP E 40 -14.72 -2.47 -6.41
C ASP E 40 -15.22 -1.15 -7.01
N GLY E 41 -16.07 -1.24 -8.03
CA GLY E 41 -16.60 -0.07 -8.69
C GLY E 41 -15.73 0.50 -9.81
N SER E 42 -14.52 -0.03 -9.99
CA SER E 42 -13.66 0.41 -11.07
C SER E 42 -14.31 0.06 -12.44
N GLU E 43 -14.00 0.83 -13.47
CA GLU E 43 -14.68 0.71 -14.75
C GLU E 43 -13.80 0.21 -15.88
N ILE E 44 -14.43 -0.29 -16.93
CA ILE E 44 -13.74 -0.54 -18.15
C ILE E 44 -14.59 0.10 -19.24
N LYS E 45 -13.95 0.69 -20.23
CA LYS E 45 -14.67 1.18 -21.37
C LYS E 45 -14.03 0.70 -22.65
N THR E 46 -14.80 0.65 -23.73
CA THR E 46 -14.28 0.12 -24.96
C THR E 46 -14.48 1.13 -26.08
N PHE E 47 -13.40 1.40 -26.78
CA PHE E 47 -13.41 2.30 -27.91
C PHE E 47 -13.12 1.47 -29.14
N ASN E 48 -12.96 2.14 -30.27
CA ASN E 48 -12.77 1.42 -31.52
C ASN E 48 -11.69 2.06 -32.41
N THR E 49 -10.86 1.20 -33.02
CA THR E 49 -9.71 1.68 -33.78
C THR E 49 -10.08 2.43 -35.05
N LEU E 50 -11.18 2.08 -35.70
CA LEU E 50 -11.67 2.89 -36.82
C LEU E 50 -11.97 4.34 -36.41
N ASP E 51 -12.64 4.51 -35.27
CA ASP E 51 -12.99 5.84 -34.77
C ASP E 51 -11.73 6.65 -34.50
N GLY E 52 -10.75 6.02 -33.84
CA GLY E 52 -9.46 6.63 -33.56
C GLY E 52 -8.78 7.20 -34.79
N GLN E 53 -8.65 6.37 -35.82
CA GLN E 53 -8.05 6.78 -37.07
C GLN E 53 -8.84 7.92 -37.75
N GLY E 54 -10.16 7.89 -37.62
CA GLY E 54 -11.02 8.92 -38.22
C GLY E 54 -10.79 10.24 -37.53
N ILE E 55 -10.76 10.19 -36.21
CA ILE E 55 -10.59 11.41 -35.41
C ILE E 55 -9.21 12.06 -35.69
N LYS E 56 -8.15 11.25 -35.74
CA LYS E 56 -6.82 11.77 -36.06
C LYS E 56 -6.76 12.42 -37.41
N MET E 57 -7.41 11.81 -38.40
CA MET E 57 -7.47 12.39 -39.74
C MET E 57 -8.24 13.69 -39.73
N LEU E 58 -9.39 13.71 -39.05
CA LEU E 58 -10.19 14.92 -38.92
C LEU E 58 -9.36 16.05 -38.32
N ILE E 59 -8.71 15.76 -37.20
CA ILE E 59 -7.84 16.74 -36.54
C ILE E 59 -6.71 17.24 -37.45
N ALA E 60 -5.99 16.33 -38.08
CA ALA E 60 -4.92 16.71 -39.00
C ALA E 60 -5.42 17.58 -40.17
N SER E 61 -6.70 17.49 -40.50
CA SER E 61 -7.26 18.33 -41.57
C SER E 61 -7.51 19.78 -41.11
N GLY E 62 -7.33 20.05 -39.83
CA GLY E 62 -7.54 21.40 -39.31
C GLY E 62 -8.79 21.65 -38.48
N VAL E 63 -9.71 20.69 -38.46
CA VAL E 63 -10.93 20.82 -37.63
C VAL E 63 -10.64 20.54 -36.16
N THR E 64 -11.05 21.45 -35.26
CA THR E 64 -10.87 21.23 -33.81
C THR E 64 -11.85 20.18 -33.28
N THR E 65 -11.44 19.43 -32.26
CA THR E 65 -12.37 18.50 -31.62
C THR E 65 -12.60 18.74 -30.13
N ALA E 66 -13.75 18.26 -29.66
CA ALA E 66 -14.11 18.32 -28.24
C ALA E 66 -14.92 17.08 -27.87
N ILE E 67 -14.89 16.74 -26.59
CA ILE E 67 -15.81 15.75 -26.05
C ILE E 67 -16.58 16.42 -24.95
N ILE E 68 -17.89 16.22 -24.94
CA ILE E 68 -18.70 16.66 -23.81
C ILE E 68 -19.49 15.50 -23.24
N SER E 69 -19.19 15.12 -22.00
CA SER E 69 -19.83 13.97 -21.36
C SER E 69 -20.50 14.26 -20.02
N GLY E 70 -21.60 13.56 -19.75
CA GLY E 70 -22.28 13.69 -18.46
C GLY E 70 -21.60 12.86 -17.39
N ARG E 71 -20.80 11.89 -17.82
CA ARG E 71 -20.09 11.02 -16.89
CA ARG E 71 -20.09 11.01 -16.91
C ARG E 71 -18.65 11.49 -16.70
N LYS E 72 -17.93 10.79 -15.83
CA LYS E 72 -16.60 11.22 -15.48
C LYS E 72 -15.67 10.05 -15.20
N THR E 73 -14.59 9.95 -15.95
CA THR E 73 -13.64 8.88 -15.74
C THR E 73 -12.29 9.20 -16.37
N ALA E 74 -11.22 8.81 -15.69
CA ALA E 74 -9.89 8.97 -16.23
C ALA E 74 -9.73 8.24 -17.56
N ILE E 75 -10.54 7.21 -17.80
CA ILE E 75 -10.35 6.45 -19.01
C ILE E 75 -10.58 7.38 -20.18
N VAL E 76 -11.61 8.20 -20.08
CA VAL E 76 -11.96 9.09 -21.18
C VAL E 76 -10.83 10.12 -21.30
N GLU E 77 -10.25 10.54 -20.19
CA GLU E 77 -9.14 11.51 -20.29
C GLU E 77 -7.95 10.94 -21.06
N ARG E 78 -7.56 9.70 -20.79
CA ARG E 78 -6.42 9.12 -21.50
C ARG E 78 -6.70 8.89 -22.99
N ARG E 79 -7.92 8.47 -23.30
CA ARG E 79 -8.30 8.25 -24.68
C ARG E 79 -8.37 9.61 -25.39
N ALA E 80 -9.06 10.58 -24.81
CA ALA E 80 -9.08 11.91 -25.41
C ALA E 80 -7.65 12.35 -25.70
N LYS E 81 -6.73 12.19 -24.74
CA LYS E 81 -5.32 12.62 -24.98
C LYS E 81 -4.57 11.79 -26.04
N SER E 82 -4.75 10.47 -26.04
CA SER E 82 -4.10 9.65 -27.05
CA SER E 82 -4.09 9.65 -27.05
C SER E 82 -4.46 10.14 -28.44
N LEU E 83 -5.72 10.55 -28.60
CA LEU E 83 -6.21 10.96 -29.93
C LEU E 83 -5.90 12.41 -30.30
N GLY E 84 -5.59 13.23 -29.30
CA GLY E 84 -5.30 14.64 -29.57
C GLY E 84 -6.56 15.48 -29.55
N ILE E 85 -7.55 15.03 -28.81
CA ILE E 85 -8.77 15.80 -28.67
C ILE E 85 -8.50 16.98 -27.74
N GLU E 86 -8.71 18.17 -28.28
CA GLU E 86 -8.15 19.38 -27.71
C GLU E 86 -8.99 19.95 -26.55
N HIS E 87 -10.25 19.54 -26.49
CA HIS E 87 -11.18 20.11 -25.51
C HIS E 87 -12.04 19.02 -24.88
N LEU E 88 -11.84 18.77 -23.59
CA LEU E 88 -12.55 17.70 -22.91
C LEU E 88 -13.35 18.22 -21.72
N PHE E 89 -14.63 17.88 -21.68
CA PHE E 89 -15.47 18.28 -20.55
C PHE E 89 -16.23 17.09 -20.02
N GLN E 90 -15.92 16.67 -18.80
CA GLN E 90 -16.63 15.55 -18.20
C GLN E 90 -17.49 15.97 -17.02
N GLY E 91 -18.39 15.09 -16.59
CA GLY E 91 -19.27 15.38 -15.46
C GLY E 91 -20.27 16.51 -15.69
N ARG E 92 -20.43 16.93 -16.95
CA ARG E 92 -21.34 18.03 -17.24
CA ARG E 92 -21.33 18.04 -17.27
C ARG E 92 -22.70 17.57 -17.74
N GLU E 93 -23.73 17.84 -16.94
CA GLU E 93 -25.10 17.41 -17.23
C GLU E 93 -25.88 18.38 -18.13
N ASP E 94 -25.33 19.58 -18.31
CA ASP E 94 -25.96 20.61 -19.12
C ASP E 94 -25.07 20.90 -20.32
N LYS E 95 -25.16 20.05 -21.35
CA LYS E 95 -24.16 20.12 -22.42
C LYS E 95 -24.19 21.43 -23.19
N LEU E 96 -25.37 22.01 -23.35
CA LEU E 96 -25.49 23.25 -24.10
C LEU E 96 -24.73 24.38 -23.40
N VAL E 97 -24.88 24.46 -22.08
CA VAL E 97 -24.16 25.46 -21.30
C VAL E 97 -22.66 25.32 -21.54
N VAL E 98 -22.16 24.08 -21.48
CA VAL E 98 -20.75 23.81 -21.70
C VAL E 98 -20.33 24.27 -23.10
N LEU E 99 -21.18 24.01 -24.08
CA LEU E 99 -20.85 24.33 -25.46
C LEU E 99 -20.84 25.84 -25.72
N ASP E 100 -21.80 26.55 -25.15
CA ASP E 100 -21.89 28.01 -25.35
C ASP E 100 -20.59 28.66 -24.88
N LYS E 101 -20.17 28.28 -23.68
CA LYS E 101 -18.91 28.71 -23.10
C LYS E 101 -17.75 28.47 -24.05
N LEU E 102 -17.60 27.22 -24.51
CA LEU E 102 -16.51 26.87 -25.41
C LEU E 102 -16.58 27.71 -26.68
N LEU E 103 -17.78 27.92 -27.19
CA LEU E 103 -17.94 28.69 -28.42
C LEU E 103 -17.52 30.14 -28.22
N ALA E 104 -17.67 30.63 -26.98
CA ALA E 104 -17.25 31.98 -26.62
C ALA E 104 -15.73 32.13 -26.67
N GLU E 105 -15.01 31.13 -26.16
CA GLU E 105 -13.54 31.15 -26.24
C GLU E 105 -13.03 31.03 -27.67
N LEU E 106 -13.61 30.11 -28.43
CA LEU E 106 -13.16 29.87 -29.79
C LEU E 106 -13.74 30.89 -30.75
N GLN E 107 -14.76 31.63 -30.29
CA GLN E 107 -15.42 32.63 -31.11
C GLN E 107 -16.07 32.00 -32.32
N LEU E 108 -16.91 31.00 -32.11
CA LEU E 108 -17.58 30.32 -33.20
C LEU E 108 -19.09 30.34 -32.97
N GLY E 109 -19.85 30.35 -34.05
CA GLY E 109 -21.31 30.23 -33.95
C GLY E 109 -21.76 28.79 -34.14
N TYR E 110 -22.96 28.47 -33.69
CA TYR E 110 -23.52 27.11 -33.77
C TYR E 110 -23.35 26.47 -35.14
N GLU E 111 -23.42 27.29 -36.19
CA GLU E 111 -23.41 26.76 -37.56
C GLU E 111 -22.03 26.23 -37.96
N GLN E 112 -21.03 26.51 -37.12
CA GLN E 112 -19.68 26.00 -37.32
C GLN E 112 -19.39 24.76 -36.48
N VAL E 113 -20.40 24.22 -35.82
CA VAL E 113 -20.21 23.04 -34.98
C VAL E 113 -20.91 21.80 -35.51
N ALA E 114 -20.23 20.66 -35.42
CA ALA E 114 -20.86 19.38 -35.68
C ALA E 114 -20.90 18.67 -34.34
N TYR E 115 -21.93 17.86 -34.11
CA TYR E 115 -22.04 17.08 -32.88
C TYR E 115 -22.58 15.69 -33.20
N LEU E 116 -22.00 14.67 -32.57
CA LEU E 116 -22.48 13.30 -32.73
C LEU E 116 -22.95 12.74 -31.39
N GLY E 117 -24.26 12.51 -31.23
CA GLY E 117 -24.82 12.07 -29.94
C GLY E 117 -25.64 10.80 -30.04
N ASP E 118 -26.14 10.29 -28.91
CA ASP E 118 -26.96 9.07 -28.91
C ASP E 118 -28.19 9.11 -28.01
N ASP E 119 -28.32 10.16 -27.19
CA ASP E 119 -29.40 10.15 -26.23
C ASP E 119 -29.84 11.56 -25.79
N LEU E 120 -30.86 11.63 -24.95
CA LEU E 120 -31.60 12.89 -24.70
C LEU E 120 -30.71 14.07 -24.32
N PRO E 121 -29.78 13.88 -23.37
CA PRO E 121 -28.92 14.99 -22.95
C PRO E 121 -28.06 15.59 -24.10
N ASP E 122 -28.05 14.95 -25.26
CA ASP E 122 -27.30 15.49 -26.39
C ASP E 122 -28.20 16.31 -27.28
N LEU E 123 -29.51 16.19 -27.07
CA LEU E 123 -30.46 16.74 -28.05
C LEU E 123 -30.49 18.27 -28.04
N PRO E 124 -30.42 18.88 -26.84
CA PRO E 124 -30.39 20.35 -26.90
C PRO E 124 -29.27 20.82 -27.82
N VAL E 125 -28.12 20.15 -27.78
CA VAL E 125 -27.03 20.51 -28.70
C VAL E 125 -27.30 20.05 -30.15
N ILE E 126 -27.69 18.80 -30.32
CA ILE E 126 -27.92 18.31 -31.69
C ILE E 126 -28.87 19.21 -32.49
N ARG E 127 -29.86 19.78 -31.82
CA ARG E 127 -30.88 20.61 -32.50
C ARG E 127 -30.38 21.98 -32.96
N ARG E 128 -29.31 22.47 -32.34
CA ARG E 128 -28.81 23.82 -32.60
C ARG E 128 -27.59 23.92 -33.53
N VAL E 129 -26.76 22.89 -33.57
CA VAL E 129 -25.51 22.96 -34.31
C VAL E 129 -25.74 22.80 -35.80
N GLY E 130 -24.73 23.19 -36.58
CA GLY E 130 -24.77 23.10 -38.03
C GLY E 130 -24.90 21.68 -38.56
N LEU E 131 -24.30 20.72 -37.87
CA LEU E 131 -24.37 19.31 -38.28
C LEU E 131 -24.53 18.44 -37.04
N GLY E 132 -25.77 18.34 -36.57
CA GLY E 132 -26.11 17.59 -35.38
C GLY E 132 -26.57 16.23 -35.87
N MET E 133 -25.77 15.21 -35.58
CA MET E 133 -26.09 13.87 -36.04
C MET E 133 -26.27 12.89 -34.88
N ALA E 134 -27.01 11.82 -35.14
CA ALA E 134 -27.23 10.78 -34.16
C ALA E 134 -26.62 9.49 -34.72
N VAL E 135 -26.14 8.62 -33.85
CA VAL E 135 -25.59 7.32 -34.25
C VAL E 135 -26.78 6.38 -34.47
N ALA E 136 -26.55 5.26 -35.16
CA ALA E 136 -27.70 4.41 -35.50
C ALA E 136 -28.41 3.83 -34.27
N ASN E 137 -27.65 3.59 -33.20
CA ASN E 137 -28.19 3.02 -31.96
C ASN E 137 -28.76 4.08 -31.01
N ALA E 138 -28.76 5.34 -31.45
CA ALA E 138 -29.29 6.42 -30.60
C ALA E 138 -30.75 6.20 -30.26
N ALA E 139 -31.20 6.70 -29.11
CA ALA E 139 -32.62 6.70 -28.78
C ALA E 139 -33.40 7.21 -29.99
N SER E 140 -34.54 6.60 -30.28
CA SER E 140 -35.24 6.93 -31.53
C SER E 140 -35.74 8.37 -31.53
N PHE E 141 -36.09 8.88 -30.36
CA PHE E 141 -36.51 10.29 -30.25
C PHE E 141 -35.39 11.23 -30.69
N VAL E 142 -34.16 10.87 -30.38
CA VAL E 142 -33.03 11.67 -30.80
C VAL E 142 -32.81 11.52 -32.29
N ARG E 143 -32.91 10.29 -32.82
CA ARG E 143 -32.79 10.09 -34.26
C ARG E 143 -33.80 10.96 -35.05
N GLU E 144 -35.03 11.07 -34.56
CA GLU E 144 -36.08 11.79 -35.27
C GLU E 144 -35.88 13.29 -35.22
N HIS E 145 -35.07 13.74 -34.28
CA HIS E 145 -34.81 15.17 -34.16
C HIS E 145 -33.40 15.61 -34.59
N ALA E 146 -32.62 14.67 -35.13
CA ALA E 146 -31.28 15.02 -35.63
C ALA E 146 -31.32 15.41 -37.11
N HIS E 147 -30.26 16.10 -37.58
CA HIS E 147 -30.16 16.45 -38.99
C HIS E 147 -29.86 15.20 -39.81
N GLY E 148 -29.11 14.28 -39.22
CA GLY E 148 -28.76 13.03 -39.90
C GLY E 148 -28.44 11.89 -38.95
N ILE E 149 -28.40 10.68 -39.50
CA ILE E 149 -28.13 9.51 -38.69
C ILE E 149 -27.04 8.69 -39.36
N THR E 150 -26.04 8.22 -38.60
CA THR E 150 -24.97 7.43 -39.21
C THR E 150 -25.52 6.00 -39.41
N ARG E 151 -25.02 5.31 -40.44
CA ARG E 151 -25.30 3.88 -40.66
C ARG E 151 -24.63 3.05 -39.59
N ALA E 152 -23.39 3.40 -39.26
CA ALA E 152 -22.69 2.68 -38.22
C ALA E 152 -23.27 2.97 -36.85
N GLN E 153 -23.08 2.04 -35.93
CA GLN E 153 -23.49 2.19 -34.55
C GLN E 153 -22.35 2.77 -33.73
N GLY E 154 -22.67 3.41 -32.60
CA GLY E 154 -21.63 3.87 -31.70
C GLY E 154 -20.74 2.73 -31.24
N GLY E 155 -19.44 2.98 -31.20
CA GLY E 155 -18.50 1.98 -30.74
C GLY E 155 -18.09 1.09 -31.90
N GLU E 156 -18.79 1.24 -33.02
CA GLU E 156 -18.52 0.41 -34.19
C GLU E 156 -18.24 1.20 -35.44
N GLY E 157 -17.62 2.39 -35.32
CA GLY E 157 -17.28 3.17 -36.51
C GLY E 157 -18.19 4.34 -36.86
N ALA E 158 -19.16 4.64 -36.01
CA ALA E 158 -20.04 5.78 -36.27
C ALA E 158 -19.23 7.06 -36.24
N ALA E 159 -18.29 7.13 -35.31
CA ALA E 159 -17.42 8.32 -35.25
C ALA E 159 -16.54 8.41 -36.50
N ARG E 160 -15.99 7.27 -36.93
CA ARG E 160 -15.23 7.24 -38.16
C ARG E 160 -16.06 7.83 -39.30
N GLU E 161 -17.31 7.36 -39.42
CA GLU E 161 -18.23 7.78 -40.47
C GLU E 161 -18.51 9.30 -40.45
N PHE E 162 -18.81 9.78 -39.26
CA PHE E 162 -19.04 11.20 -38.98
C PHE E 162 -17.82 12.02 -39.42
N CYS E 163 -16.62 11.61 -38.99
CA CYS E 163 -15.39 12.29 -39.39
C CYS E 163 -15.22 12.36 -40.91
N GLU E 164 -15.50 11.26 -41.58
CA GLU E 164 -15.31 11.23 -43.03
C GLU E 164 -16.33 12.12 -43.75
N LEU E 165 -17.49 12.25 -43.14
CA LEU E 165 -18.55 13.06 -43.72
C LEU E 165 -18.03 14.49 -43.78
N ILE E 166 -17.45 14.95 -42.68
CA ILE E 166 -16.89 16.28 -42.59
C ILE E 166 -15.66 16.46 -43.51
N LEU E 167 -14.71 15.54 -43.42
CA LEU E 167 -13.53 15.57 -44.30
C LEU E 167 -13.95 15.69 -45.74
N SER E 168 -14.85 14.82 -46.17
CA SER E 168 -15.33 14.82 -47.55
C SER E 168 -16.02 16.14 -47.94
N ALA E 169 -16.93 16.63 -47.11
CA ALA E 169 -17.62 17.91 -47.39
C ALA E 169 -16.67 19.11 -47.52
N GLN E 170 -15.46 19.00 -46.98
CA GLN E 170 -14.49 20.08 -47.05
C GLN E 170 -13.38 19.80 -48.06
N GLY E 171 -13.53 18.74 -48.86
CA GLY E 171 -12.58 18.42 -49.91
C GLY E 171 -11.28 17.80 -49.43
N ASN E 172 -11.24 17.39 -48.16
CA ASN E 172 -10.01 16.88 -47.56
C ASN E 172 -9.93 15.36 -47.44
N LEU E 173 -10.97 14.64 -47.83
CA LEU E 173 -10.94 13.17 -47.67
C LEU E 173 -9.89 12.52 -48.56
N GLU E 174 -9.74 13.01 -49.78
CA GLU E 174 -8.75 12.44 -50.70
C GLU E 174 -7.32 12.67 -50.24
N ALA E 175 -7.00 13.91 -49.86
CA ALA E 175 -5.67 14.22 -49.36
C ALA E 175 -5.32 13.31 -48.17
N ALA E 176 -6.30 13.04 -47.32
CA ALA E 176 -6.12 12.16 -46.18
C ALA E 176 -5.84 10.72 -46.62
N HIS E 177 -6.50 10.30 -47.69
CA HIS E 177 -6.29 8.96 -48.23
C HIS E 177 -4.92 8.81 -48.89
N SER E 178 -4.37 9.91 -49.38
CA SER E 178 -3.15 9.87 -50.21
C SER E 178 -1.90 9.38 -49.50
N VAL E 179 -1.74 9.74 -48.24
CA VAL E 179 -0.61 9.26 -47.46
C VAL E 179 -0.51 7.73 -47.50
N TYR E 180 -1.57 7.08 -47.97
CA TYR E 180 -1.64 5.62 -48.00
C TYR E 180 -1.70 5.09 -49.43
N LEU E 181 -1.55 6.00 -50.39
CA LEU E 181 -1.53 5.64 -51.81
C LEU E 181 -0.15 5.81 -52.43
N GLU E 182 0.84 6.17 -51.62
CA GLU E 182 2.20 6.38 -52.10
C GLU E 182 3.00 5.09 -52.19
N ASP F 11 -53.93 -5.91 -23.36
CA ASP F 11 -53.26 -4.80 -24.14
C ASP F 11 -52.24 -3.98 -23.31
N LEU F 12 -51.15 -3.60 -23.97
CA LEU F 12 -50.00 -3.03 -23.27
C LEU F 12 -50.22 -1.64 -22.69
N MET F 13 -50.70 -0.71 -23.51
CA MET F 13 -50.92 0.65 -23.04
CA MET F 13 -50.97 0.65 -23.07
C MET F 13 -51.96 0.68 -21.92
N GLN F 14 -52.95 -0.20 -21.98
CA GLN F 14 -53.94 -0.34 -20.92
C GLN F 14 -53.29 -0.92 -19.66
N ARG F 15 -52.49 -1.97 -19.83
CA ARG F 15 -51.82 -2.60 -18.70
C ARG F 15 -50.87 -1.61 -18.01
N GLY F 16 -50.33 -0.66 -18.78
CA GLY F 16 -49.38 0.31 -18.22
C GLY F 16 -49.96 1.40 -17.33
N LYS F 17 -51.27 1.64 -17.46
CA LYS F 17 -51.93 2.78 -16.80
C LYS F 17 -51.85 2.74 -15.26
N ALA F 18 -52.02 1.54 -14.70
CA ALA F 18 -52.11 1.35 -13.25
C ALA F 18 -50.76 1.20 -12.56
N ILE F 19 -49.69 1.18 -13.34
CA ILE F 19 -48.40 0.78 -12.79
C ILE F 19 -47.85 1.79 -11.76
N LYS F 20 -47.61 1.32 -10.54
CA LYS F 20 -46.93 2.12 -9.51
C LYS F 20 -45.53 1.55 -9.22
N LEU F 21 -45.31 0.28 -9.53
CA LEU F 21 -44.01 -0.35 -9.27
C LEU F 21 -43.47 -1.06 -10.50
N ALA F 22 -42.26 -0.68 -10.92
CA ALA F 22 -41.54 -1.37 -12.01
C ALA F 22 -40.38 -2.19 -11.46
N VAL F 23 -40.41 -3.49 -11.72
CA VAL F 23 -39.41 -4.44 -11.19
C VAL F 23 -38.59 -5.04 -12.33
N PHE F 24 -37.28 -5.09 -12.14
CA PHE F 24 -36.38 -5.60 -13.14
C PHE F 24 -35.63 -6.83 -12.62
N ASP F 25 -35.49 -7.83 -13.49
CA ASP F 25 -34.50 -8.86 -13.24
C ASP F 25 -33.13 -8.24 -13.57
N VAL F 26 -32.03 -8.86 -13.12
CA VAL F 26 -30.72 -8.37 -13.54
C VAL F 26 -30.10 -9.04 -14.81
N ASP F 27 -29.68 -10.30 -14.70
CA ASP F 27 -28.93 -10.92 -15.78
C ASP F 27 -29.84 -11.28 -16.96
N GLY F 28 -29.53 -10.70 -18.12
CA GLY F 28 -30.33 -10.87 -19.35
C GLY F 28 -31.35 -9.75 -19.51
N VAL F 29 -31.51 -8.91 -18.48
CA VAL F 29 -32.48 -7.81 -18.62
C VAL F 29 -31.78 -6.45 -18.49
N LEU F 30 -31.12 -6.20 -17.36
CA LEU F 30 -30.22 -5.01 -17.29
C LEU F 30 -28.87 -5.27 -17.94
N THR F 31 -28.57 -6.56 -18.18
CA THR F 31 -27.38 -6.93 -18.91
C THR F 31 -27.75 -7.87 -20.07
N ASP F 32 -26.77 -8.20 -20.91
CA ASP F 32 -27.05 -9.07 -22.05
C ASP F 32 -27.06 -10.57 -21.71
N GLY F 33 -26.88 -10.91 -20.43
CA GLY F 33 -26.94 -12.29 -19.94
C GLY F 33 -25.56 -12.93 -19.85
N ARG F 34 -24.54 -12.20 -20.28
CA ARG F 34 -23.17 -12.65 -20.09
C ARG F 34 -22.69 -12.47 -18.66
N LEU F 35 -22.01 -13.49 -18.16
CA LEU F 35 -21.25 -13.41 -16.89
C LEU F 35 -19.74 -13.39 -17.21
N TYR F 36 -19.05 -12.31 -16.82
CA TYR F 36 -17.62 -12.24 -17.05
C TYR F 36 -16.91 -12.68 -15.78
N PHE F 37 -16.01 -13.64 -15.91
CA PHE F 37 -15.24 -14.12 -14.77
C PHE F 37 -13.73 -13.95 -14.96
N MET F 38 -13.07 -13.43 -13.93
CA MET F 38 -11.62 -13.33 -13.90
C MET F 38 -11.02 -14.57 -13.25
N GLU F 39 -9.71 -14.74 -13.37
CA GLU F 39 -9.05 -15.94 -12.86
C GLU F 39 -9.28 -16.19 -11.38
N ASP F 40 -9.30 -15.11 -10.60
CA ASP F 40 -9.49 -15.17 -9.14
C ASP F 40 -10.94 -15.32 -8.71
N GLY F 41 -11.85 -15.45 -9.66
CA GLY F 41 -13.25 -15.66 -9.33
C GLY F 41 -14.08 -14.38 -9.25
N SER F 42 -13.44 -13.22 -9.28
CA SER F 42 -14.18 -11.97 -9.25
C SER F 42 -14.86 -11.74 -10.62
N GLU F 43 -15.93 -10.96 -10.60
CA GLU F 43 -16.81 -10.77 -11.74
C GLU F 43 -16.77 -9.39 -12.35
N ILE F 44 -17.15 -9.31 -13.62
CA ILE F 44 -17.47 -8.04 -14.27
C ILE F 44 -18.91 -8.12 -14.80
N LYS F 45 -19.62 -7.03 -14.72
CA LYS F 45 -20.98 -7.02 -15.26
C LYS F 45 -21.12 -5.79 -16.14
N THR F 46 -21.94 -5.88 -17.19
CA THR F 46 -22.08 -4.74 -18.11
C THR F 46 -23.52 -4.22 -18.05
N PHE F 47 -23.67 -2.90 -17.98
CA PHE F 47 -24.97 -2.30 -18.09
C PHE F 47 -25.01 -1.40 -19.33
N ASN F 48 -26.12 -0.70 -19.54
CA ASN F 48 -26.27 0.09 -20.74
C ASN F 48 -26.75 1.50 -20.41
N THR F 49 -26.17 2.51 -21.05
CA THR F 49 -26.54 3.91 -20.71
C THR F 49 -27.95 4.34 -21.14
N LEU F 50 -28.49 3.74 -22.21
CA LEU F 50 -29.89 4.04 -22.56
C LEU F 50 -30.80 3.61 -21.43
N ASP F 51 -30.47 2.46 -20.85
CA ASP F 51 -31.26 1.87 -19.79
C ASP F 51 -31.24 2.78 -18.55
N GLY F 52 -30.05 3.28 -18.21
CA GLY F 52 -29.94 4.20 -17.08
C GLY F 52 -30.83 5.43 -17.23
N GLN F 53 -30.70 6.11 -18.36
CA GLN F 53 -31.57 7.23 -18.71
C GLN F 53 -33.04 6.82 -18.57
N GLY F 54 -33.44 5.69 -19.13
CA GLY F 54 -34.84 5.30 -19.03
C GLY F 54 -35.32 5.07 -17.61
N ILE F 55 -34.49 4.41 -16.79
CA ILE F 55 -34.88 4.14 -15.42
C ILE F 55 -35.02 5.46 -14.63
N LYS F 56 -34.10 6.39 -14.83
CA LYS F 56 -34.19 7.67 -14.11
C LYS F 56 -35.42 8.47 -14.52
N MET F 57 -35.80 8.43 -15.80
CA MET F 57 -36.99 9.15 -16.22
C MET F 57 -38.23 8.53 -15.61
N LEU F 58 -38.27 7.20 -15.56
CA LEU F 58 -39.41 6.51 -14.97
C LEU F 58 -39.61 6.84 -13.49
N ILE F 59 -38.53 6.78 -12.72
CA ILE F 59 -38.57 7.10 -11.31
C ILE F 59 -39.06 8.55 -11.16
N ALA F 60 -38.53 9.44 -12.00
CA ALA F 60 -38.92 10.84 -11.98
C ALA F 60 -40.43 11.01 -12.20
N SER F 61 -41.01 10.12 -12.99
CA SER F 61 -42.43 10.22 -13.28
C SER F 61 -43.28 9.77 -12.09
N GLY F 62 -42.63 9.21 -11.06
CA GLY F 62 -43.37 8.85 -9.85
C GLY F 62 -43.60 7.35 -9.66
N VAL F 63 -43.09 6.56 -10.60
CA VAL F 63 -43.19 5.11 -10.52
C VAL F 63 -42.00 4.60 -9.74
N THR F 64 -42.23 3.74 -8.76
CA THR F 64 -41.08 3.27 -7.99
C THR F 64 -40.51 1.98 -8.60
N THR F 65 -39.24 1.71 -8.33
CA THR F 65 -38.56 0.61 -8.99
C THR F 65 -37.90 -0.32 -8.01
N ALA F 66 -37.76 -1.58 -8.45
CA ALA F 66 -37.16 -2.64 -7.66
C ALA F 66 -36.39 -3.56 -8.58
N ILE F 67 -35.46 -4.31 -8.00
CA ILE F 67 -34.75 -5.38 -8.68
C ILE F 67 -34.87 -6.64 -7.86
N ILE F 68 -35.15 -7.75 -8.53
CA ILE F 68 -35.16 -9.03 -7.86
C ILE F 68 -34.26 -9.99 -8.65
N SER F 69 -33.20 -10.47 -8.00
CA SER F 69 -32.22 -11.33 -8.64
C SER F 69 -31.88 -12.52 -7.79
N GLY F 70 -31.65 -13.67 -8.43
CA GLY F 70 -31.24 -14.88 -7.74
C GLY F 70 -29.74 -14.93 -7.45
N ARG F 71 -28.98 -14.04 -8.09
CA ARG F 71 -27.55 -13.97 -7.87
CA ARG F 71 -27.54 -13.98 -7.88
C ARG F 71 -27.30 -12.84 -6.89
N LYS F 72 -26.05 -12.57 -6.53
CA LYS F 72 -25.76 -11.50 -5.60
C LYS F 72 -24.37 -10.94 -5.83
N THR F 73 -24.27 -9.63 -6.05
CA THR F 73 -22.96 -9.05 -6.29
C THR F 73 -22.95 -7.60 -5.86
N ALA F 74 -21.82 -7.12 -5.38
CA ALA F 74 -21.73 -5.71 -5.02
C ALA F 74 -21.94 -4.84 -6.25
N ILE F 75 -21.69 -5.40 -7.43
CA ILE F 75 -21.81 -4.64 -8.67
C ILE F 75 -23.23 -4.16 -8.86
N VAL F 76 -24.17 -5.05 -8.57
CA VAL F 76 -25.57 -4.75 -8.70
C VAL F 76 -26.04 -3.77 -7.64
N GLU F 77 -25.56 -3.97 -6.42
CA GLU F 77 -25.82 -3.07 -5.31
C GLU F 77 -25.47 -1.67 -5.74
N ARG F 78 -24.24 -1.49 -6.23
CA ARG F 78 -23.77 -0.15 -6.59
C ARG F 78 -24.59 0.44 -7.75
N ARG F 79 -24.85 -0.36 -8.78
CA ARG F 79 -25.61 0.12 -9.95
C ARG F 79 -27.04 0.57 -9.58
N ALA F 80 -27.70 -0.23 -8.75
CA ALA F 80 -29.02 0.08 -8.23
C ALA F 80 -29.02 1.43 -7.51
N LYS F 81 -28.10 1.58 -6.57
CA LYS F 81 -28.02 2.85 -5.83
C LYS F 81 -27.70 4.07 -6.70
N SER F 82 -26.76 3.96 -7.65
CA SER F 82 -26.48 5.12 -8.49
C SER F 82 -27.64 5.48 -9.39
N LEU F 83 -28.57 4.55 -9.59
CA LEU F 83 -29.74 4.85 -10.44
C LEU F 83 -30.95 5.35 -9.65
N GLY F 84 -30.89 5.25 -8.34
CA GLY F 84 -32.03 5.62 -7.50
C GLY F 84 -33.03 4.51 -7.36
N ILE F 85 -32.63 3.29 -7.72
CA ILE F 85 -33.52 2.16 -7.55
C ILE F 85 -33.74 1.86 -6.06
N GLU F 86 -35.00 1.92 -5.64
CA GLU F 86 -35.34 1.96 -4.23
C GLU F 86 -35.35 0.62 -3.53
N HIS F 87 -35.63 -0.46 -4.25
CA HIS F 87 -35.73 -1.73 -3.58
C HIS F 87 -34.90 -2.76 -4.33
N LEU F 88 -33.97 -3.39 -3.60
CA LEU F 88 -33.02 -4.36 -4.16
C LEU F 88 -33.06 -5.65 -3.38
N PHE F 89 -33.35 -6.73 -4.09
CA PHE F 89 -33.35 -8.05 -3.52
C PHE F 89 -32.40 -8.94 -4.32
N GLN F 90 -31.36 -9.45 -3.65
CA GLN F 90 -30.38 -10.31 -4.30
C GLN F 90 -30.34 -11.68 -3.63
N GLY F 91 -29.74 -12.64 -4.31
CA GLY F 91 -29.66 -13.99 -3.78
C GLY F 91 -31.00 -14.59 -3.49
N ARG F 92 -32.02 -14.20 -4.26
CA ARG F 92 -33.40 -14.68 -4.03
C ARG F 92 -33.95 -15.36 -5.29
N GLU F 93 -34.09 -16.67 -5.23
CA GLU F 93 -34.52 -17.45 -6.39
C GLU F 93 -36.06 -17.64 -6.45
N ASP F 94 -36.70 -17.52 -5.29
CA ASP F 94 -38.16 -17.57 -5.20
C ASP F 94 -38.72 -16.16 -5.39
N LYS F 95 -38.82 -15.73 -6.63
CA LYS F 95 -39.08 -14.33 -6.91
C LYS F 95 -40.49 -13.90 -6.52
N LEU F 96 -41.45 -14.82 -6.62
CA LEU F 96 -42.82 -14.49 -6.24
C LEU F 96 -42.95 -14.15 -4.76
N VAL F 97 -42.26 -14.91 -3.90
CA VAL F 97 -42.23 -14.63 -2.46
C VAL F 97 -41.63 -13.24 -2.17
N VAL F 98 -40.47 -12.95 -2.76
CA VAL F 98 -39.87 -11.62 -2.65
C VAL F 98 -40.87 -10.57 -3.10
N LEU F 99 -41.54 -10.82 -4.23
CA LEU F 99 -42.49 -9.83 -4.73
C LEU F 99 -43.66 -9.61 -3.76
N ASP F 100 -44.23 -10.68 -3.22
CA ASP F 100 -45.37 -10.54 -2.32
C ASP F 100 -45.01 -9.74 -1.07
N LYS F 101 -43.80 -9.96 -0.56
CA LYS F 101 -43.31 -9.25 0.62
C LYS F 101 -43.22 -7.77 0.32
N LEU F 102 -42.82 -7.44 -0.91
CA LEU F 102 -42.66 -6.07 -1.33
C LEU F 102 -44.02 -5.37 -1.48
N LEU F 103 -44.97 -6.06 -2.10
CA LEU F 103 -46.29 -5.47 -2.32
C LEU F 103 -46.93 -5.14 -0.98
N ALA F 104 -46.64 -5.96 0.03
CA ALA F 104 -47.09 -5.71 1.39
C ALA F 104 -46.43 -4.43 1.93
N GLU F 105 -45.11 -4.35 1.84
CA GLU F 105 -44.44 -3.16 2.32
C GLU F 105 -44.93 -1.91 1.60
N LEU F 106 -45.44 -2.08 0.37
CA LEU F 106 -45.84 -0.93 -0.44
C LEU F 106 -47.36 -0.76 -0.52
N GLN F 107 -48.08 -1.81 -0.14
CA GLN F 107 -49.54 -1.80 -0.22
C GLN F 107 -50.03 -1.61 -1.65
N LEU F 108 -49.54 -2.45 -2.56
CA LEU F 108 -50.00 -2.41 -3.95
C LEU F 108 -50.55 -3.79 -4.29
N GLY F 109 -51.35 -3.85 -5.36
CA GLY F 109 -51.86 -5.14 -5.82
C GLY F 109 -51.08 -5.49 -7.07
N TYR F 110 -51.22 -6.74 -7.52
CA TYR F 110 -50.48 -7.23 -8.68
C TYR F 110 -50.64 -6.35 -9.93
N GLU F 111 -51.88 -5.94 -10.20
CA GLU F 111 -52.18 -5.13 -11.38
C GLU F 111 -51.41 -3.80 -11.36
N GLN F 112 -50.86 -3.44 -10.21
CA GLN F 112 -50.07 -2.20 -10.13
C GLN F 112 -48.60 -2.43 -10.38
N VAL F 113 -48.24 -3.66 -10.71
CA VAL F 113 -46.84 -4.00 -10.88
C VAL F 113 -46.49 -4.32 -12.31
N ALA F 114 -45.40 -3.71 -12.79
CA ALA F 114 -44.78 -4.14 -14.05
C ALA F 114 -43.48 -4.92 -13.78
N TYR F 115 -43.20 -5.90 -14.64
CA TYR F 115 -41.99 -6.72 -14.50
C TYR F 115 -41.32 -7.06 -15.85
N LEU F 116 -40.02 -6.84 -15.92
CA LEU F 116 -39.24 -7.20 -17.09
C LEU F 116 -38.28 -8.34 -16.75
N GLY F 117 -38.49 -9.50 -17.38
CA GLY F 117 -37.68 -10.67 -17.07
C GLY F 117 -37.13 -11.33 -18.35
N ASP F 118 -36.32 -12.37 -18.21
CA ASP F 118 -35.72 -13.08 -19.35
C ASP F 118 -35.69 -14.61 -19.25
N ASP F 119 -36.03 -15.18 -18.09
CA ASP F 119 -35.93 -16.64 -17.97
C ASP F 119 -36.92 -17.23 -16.96
N LEU F 120 -36.95 -18.55 -16.90
CA LEU F 120 -37.98 -19.26 -16.12
C LEU F 120 -38.24 -18.71 -14.70
N PRO F 121 -37.19 -18.48 -13.89
CA PRO F 121 -37.43 -17.94 -12.55
C PRO F 121 -38.21 -16.62 -12.54
N ASP F 122 -38.29 -15.98 -13.70
CA ASP F 122 -39.07 -14.75 -13.80
C ASP F 122 -40.55 -15.04 -14.11
N LEU F 123 -40.85 -16.24 -14.59
CA LEU F 123 -42.15 -16.49 -15.21
C LEU F 123 -43.33 -16.42 -14.23
N PRO F 124 -43.18 -17.02 -13.03
CA PRO F 124 -44.30 -16.96 -12.10
C PRO F 124 -44.70 -15.52 -11.80
N VAL F 125 -43.74 -14.60 -11.76
CA VAL F 125 -44.07 -13.21 -11.49
C VAL F 125 -44.71 -12.55 -12.72
N ILE F 126 -44.10 -12.76 -13.88
CA ILE F 126 -44.58 -12.20 -15.13
C ILE F 126 -46.06 -12.53 -15.34
N ARG F 127 -46.43 -13.79 -15.05
CA ARG F 127 -47.79 -14.30 -15.23
C ARG F 127 -48.81 -13.61 -14.32
N ARG F 128 -48.35 -13.12 -13.17
CA ARG F 128 -49.27 -12.57 -12.18
C ARG F 128 -49.43 -11.05 -12.23
N VAL F 129 -48.37 -10.30 -12.59
CA VAL F 129 -48.42 -8.85 -12.49
C VAL F 129 -49.28 -8.27 -13.61
N GLY F 130 -49.57 -6.97 -13.52
CA GLY F 130 -50.38 -6.30 -14.52
C GLY F 130 -49.68 -6.10 -15.85
N LEU F 131 -48.37 -5.85 -15.82
CA LEU F 131 -47.63 -5.72 -17.06
C LEU F 131 -46.37 -6.58 -16.99
N GLY F 132 -46.50 -7.84 -17.38
CA GLY F 132 -45.37 -8.76 -17.41
C GLY F 132 -44.72 -8.84 -18.78
N MET F 133 -43.48 -8.38 -18.87
CA MET F 133 -42.77 -8.41 -20.15
C MET F 133 -41.53 -9.27 -20.19
N ALA F 134 -41.20 -9.71 -21.40
CA ALA F 134 -39.94 -10.39 -21.67
C ALA F 134 -39.09 -9.48 -22.52
N VAL F 135 -37.77 -9.62 -22.37
CA VAL F 135 -36.84 -9.01 -23.27
C VAL F 135 -36.76 -9.86 -24.54
N ALA F 136 -36.22 -9.29 -25.60
CA ALA F 136 -36.15 -10.01 -26.89
C ALA F 136 -35.31 -11.28 -26.80
N ASN F 137 -34.33 -11.29 -25.90
CA ASN F 137 -33.46 -12.45 -25.72
C ASN F 137 -33.96 -13.44 -24.66
N ALA F 138 -35.16 -13.26 -24.15
CA ALA F 138 -35.65 -14.12 -23.12
C ALA F 138 -35.84 -15.50 -23.74
N ALA F 139 -35.83 -16.54 -22.91
CA ALA F 139 -36.13 -17.92 -23.35
C ALA F 139 -37.48 -17.96 -24.04
N SER F 140 -37.60 -18.72 -25.14
CA SER F 140 -38.84 -18.69 -25.91
CA SER F 140 -38.84 -18.69 -25.91
C SER F 140 -40.11 -18.93 -25.09
N PHE F 141 -40.04 -19.82 -24.10
CA PHE F 141 -41.22 -20.15 -23.31
C PHE F 141 -41.71 -18.92 -22.54
N VAL F 142 -40.76 -18.14 -22.04
CA VAL F 142 -41.06 -16.92 -21.30
C VAL F 142 -41.65 -15.84 -22.20
N ARG F 143 -41.11 -15.66 -23.40
CA ARG F 143 -41.65 -14.68 -24.35
C ARG F 143 -43.10 -15.04 -24.69
N GLU F 144 -43.33 -16.32 -24.94
CA GLU F 144 -44.68 -16.78 -25.30
C GLU F 144 -45.70 -16.52 -24.19
N HIS F 145 -45.27 -16.59 -22.94
CA HIS F 145 -46.23 -16.44 -21.85
C HIS F 145 -46.29 -15.02 -21.23
N ALA F 146 -45.45 -14.11 -21.73
CA ALA F 146 -45.47 -12.75 -21.23
C ALA F 146 -46.56 -12.01 -21.99
N HIS F 147 -46.98 -10.86 -21.46
CA HIS F 147 -47.96 -10.02 -22.13
C HIS F 147 -47.34 -9.34 -23.35
N GLY F 148 -46.02 -9.20 -23.34
CA GLY F 148 -45.33 -8.48 -24.40
C GLY F 148 -43.85 -8.76 -24.40
N ILE F 149 -43.22 -8.44 -25.51
CA ILE F 149 -41.81 -8.71 -25.73
C ILE F 149 -41.21 -7.44 -26.28
N THR F 150 -40.17 -6.92 -25.62
CA THR F 150 -39.53 -5.72 -26.13
C THR F 150 -38.84 -6.05 -27.45
N ARG F 151 -38.69 -5.03 -28.28
CA ARG F 151 -37.91 -5.17 -29.49
C ARG F 151 -36.42 -5.27 -29.13
N ALA F 152 -35.98 -4.44 -28.19
CA ALA F 152 -34.56 -4.42 -27.83
C ALA F 152 -34.16 -5.57 -26.91
N GLN F 153 -32.89 -5.94 -26.92
CA GLN F 153 -32.39 -7.01 -26.10
C GLN F 153 -31.89 -6.49 -24.75
N GLY F 154 -31.95 -7.34 -23.75
CA GLY F 154 -31.31 -7.07 -22.43
C GLY F 154 -29.90 -6.51 -22.58
N GLY F 155 -29.58 -5.48 -21.80
CA GLY F 155 -28.27 -4.84 -21.87
C GLY F 155 -28.03 -4.04 -23.15
N GLU F 156 -29.06 -3.92 -23.98
CA GLU F 156 -28.96 -3.14 -25.20
C GLU F 156 -30.17 -2.25 -25.40
N GLY F 157 -30.80 -1.87 -24.30
CA GLY F 157 -31.94 -0.96 -24.37
C GLY F 157 -33.32 -1.54 -24.12
N ALA F 158 -33.42 -2.81 -23.73
CA ALA F 158 -34.74 -3.36 -23.35
C ALA F 158 -35.35 -2.63 -22.14
N ALA F 159 -34.56 -2.43 -21.10
CA ALA F 159 -35.09 -1.70 -19.96
C ALA F 159 -35.62 -0.33 -20.36
N ARG F 160 -34.85 0.42 -21.16
CA ARG F 160 -35.27 1.73 -21.66
C ARG F 160 -36.59 1.66 -22.45
N GLU F 161 -36.70 0.70 -23.35
CA GLU F 161 -37.95 0.49 -24.08
C GLU F 161 -39.12 0.23 -23.11
N PHE F 162 -38.92 -0.65 -22.13
CA PHE F 162 -39.90 -0.98 -21.09
C PHE F 162 -40.30 0.29 -20.28
N CYS F 163 -39.29 1.07 -19.89
CA CYS F 163 -39.57 2.30 -19.17
C CYS F 163 -40.44 3.23 -20.03
N GLU F 164 -40.08 3.41 -21.29
CA GLU F 164 -40.80 4.32 -22.14
C GLU F 164 -42.21 3.86 -22.40
N LEU F 165 -42.41 2.58 -22.55
CA LEU F 165 -43.76 2.05 -22.66
C LEU F 165 -44.61 2.52 -21.47
N ILE F 166 -44.06 2.40 -20.25
CA ILE F 166 -44.82 2.75 -19.08
C ILE F 166 -45.07 4.25 -19.10
N LEU F 167 -44.04 5.02 -19.39
CA LEU F 167 -44.19 6.48 -19.39
C LEU F 167 -45.24 6.86 -20.42
N SER F 168 -45.15 6.24 -21.59
CA SER F 168 -46.08 6.62 -22.64
C SER F 168 -47.52 6.23 -22.26
N ALA F 169 -47.68 5.09 -21.62
CA ALA F 169 -49.02 4.61 -21.27
C ALA F 169 -49.63 5.54 -20.22
N GLN F 170 -48.77 6.18 -19.43
CA GLN F 170 -49.22 7.02 -18.34
C GLN F 170 -49.30 8.49 -18.73
N GLY F 171 -49.13 8.75 -20.03
CA GLY F 171 -49.17 10.10 -20.56
C GLY F 171 -48.02 10.96 -20.05
N ASN F 172 -46.92 10.33 -19.65
CA ASN F 172 -45.78 11.06 -19.07
C ASN F 172 -44.55 11.18 -19.94
N LEU F 173 -44.55 10.52 -21.09
CA LEU F 173 -43.36 10.50 -21.91
C LEU F 173 -43.10 11.85 -22.58
N GLU F 174 -44.17 12.49 -23.04
CA GLU F 174 -44.02 13.79 -23.70
C GLU F 174 -43.32 14.77 -22.76
N ALA F 175 -43.71 14.75 -21.49
CA ALA F 175 -43.10 15.65 -20.51
C ALA F 175 -41.65 15.27 -20.19
N ALA F 176 -41.38 13.96 -20.18
CA ALA F 176 -40.02 13.48 -19.98
C ALA F 176 -39.15 14.06 -21.08
N HIS F 177 -39.66 14.10 -22.29
CA HIS F 177 -38.92 14.61 -23.44
C HIS F 177 -38.77 16.13 -23.48
N SER F 178 -39.79 16.83 -22.99
CA SER F 178 -39.86 18.29 -23.11
CA SER F 178 -39.85 18.28 -23.12
C SER F 178 -38.65 18.98 -22.47
N VAL F 179 -38.15 18.42 -21.38
CA VAL F 179 -36.95 18.95 -20.74
C VAL F 179 -35.83 19.11 -21.76
N TYR F 180 -35.76 18.19 -22.72
CA TYR F 180 -34.68 18.20 -23.71
C TYR F 180 -35.06 18.89 -25.03
N LEU F 181 -36.30 19.37 -25.09
CA LEU F 181 -36.76 20.18 -26.22
C LEU F 181 -36.79 21.66 -25.86
N GLU F 182 -36.71 21.95 -24.56
CA GLU F 182 -36.77 23.31 -24.05
C GLU F 182 -35.63 24.18 -24.58
N GLY F 183 -35.88 25.49 -24.65
CA GLY F 183 -34.82 26.47 -24.87
C GLY F 183 -34.00 26.64 -23.60
N HIS F 184 -33.34 27.78 -23.44
CA HIS F 184 -32.55 28.03 -22.24
C HIS F 184 -32.62 29.47 -21.75
N GLN G 10 -31.39 -41.58 -36.60
CA GLN G 10 -31.18 -40.57 -37.68
C GLN G 10 -32.17 -39.41 -37.55
N ASP G 11 -32.90 -39.39 -36.44
CA ASP G 11 -33.83 -38.32 -36.11
C ASP G 11 -33.37 -37.68 -34.79
N LEU G 12 -33.13 -36.37 -34.81
CA LEU G 12 -32.65 -35.69 -33.60
C LEU G 12 -33.40 -36.10 -32.34
N MET G 13 -34.73 -36.02 -32.39
CA MET G 13 -35.54 -36.39 -31.23
CA MET G 13 -35.61 -36.41 -31.28
C MET G 13 -35.41 -37.87 -30.84
N GLN G 14 -35.04 -38.72 -31.79
CA GLN G 14 -34.80 -40.13 -31.51
C GLN G 14 -33.46 -40.34 -30.79
N ARG G 15 -32.39 -39.80 -31.35
CA ARG G 15 -31.10 -39.88 -30.71
C ARG G 15 -31.16 -39.39 -29.26
N GLY G 16 -32.05 -38.44 -28.98
CA GLY G 16 -32.13 -37.85 -27.64
C GLY G 16 -32.64 -38.78 -26.55
N LYS G 17 -33.45 -39.77 -26.92
CA LYS G 17 -34.08 -40.66 -25.94
C LYS G 17 -33.09 -41.34 -25.02
N ALA G 18 -31.98 -41.82 -25.58
CA ALA G 18 -31.07 -42.69 -24.84
C ALA G 18 -29.97 -41.97 -24.06
N ILE G 19 -29.95 -40.64 -24.12
CA ILE G 19 -28.85 -39.87 -23.51
C ILE G 19 -28.82 -39.97 -22.01
N LYS G 20 -27.68 -40.39 -21.47
CA LYS G 20 -27.48 -40.45 -20.04
C LYS G 20 -26.39 -39.47 -19.67
N LEU G 21 -25.56 -39.14 -20.66
CA LEU G 21 -24.45 -38.20 -20.46
C LEU G 21 -24.42 -37.13 -21.54
N ALA G 22 -24.28 -35.87 -21.12
CA ALA G 22 -24.20 -34.76 -22.08
C ALA G 22 -22.90 -34.04 -21.83
N VAL G 23 -22.14 -33.84 -22.90
CA VAL G 23 -20.78 -33.30 -22.79
C VAL G 23 -20.66 -32.00 -23.57
N PHE G 24 -19.97 -31.03 -22.98
CA PHE G 24 -19.76 -29.73 -23.61
C PHE G 24 -18.30 -29.37 -23.79
N ASP G 25 -17.97 -28.83 -24.96
CA ASP G 25 -16.71 -28.13 -25.14
C ASP G 25 -16.90 -26.82 -24.37
N VAL G 26 -15.81 -26.11 -24.05
CA VAL G 26 -15.92 -24.80 -23.42
C VAL G 26 -15.93 -23.66 -24.44
N ASP G 27 -14.78 -23.40 -25.07
CA ASP G 27 -14.62 -22.21 -25.89
C ASP G 27 -15.35 -22.30 -27.23
N GLY G 28 -16.30 -21.39 -27.42
CA GLY G 28 -17.12 -21.36 -28.64
C GLY G 28 -18.44 -22.11 -28.44
N VAL G 29 -18.56 -22.81 -27.32
CA VAL G 29 -19.77 -23.51 -26.97
C VAL G 29 -20.45 -22.92 -25.74
N LEU G 30 -19.81 -23.02 -24.57
CA LEU G 30 -20.26 -22.27 -23.37
C LEU G 30 -19.85 -20.80 -23.41
N THR G 31 -18.92 -20.48 -24.29
CA THR G 31 -18.55 -19.09 -24.53
C THR G 31 -18.81 -18.78 -26.00
N ASP G 32 -18.73 -17.49 -26.33
CA ASP G 32 -18.83 -17.03 -27.70
C ASP G 32 -17.52 -17.26 -28.47
N GLY G 33 -16.55 -17.95 -27.88
CA GLY G 33 -15.30 -18.20 -28.61
C GLY G 33 -14.29 -17.06 -28.43
N ARG G 34 -14.63 -16.06 -27.64
CA ARG G 34 -13.65 -15.01 -27.40
C ARG G 34 -12.72 -15.36 -26.24
N LEU G 35 -11.44 -15.03 -26.40
CA LEU G 35 -10.48 -15.16 -25.30
C LEU G 35 -10.08 -13.74 -24.89
N TYR G 36 -10.30 -13.42 -23.62
CA TYR G 36 -9.95 -12.08 -23.11
C TYR G 36 -8.62 -12.21 -22.35
N PHE G 37 -7.65 -11.35 -22.64
CA PHE G 37 -6.36 -11.37 -21.92
C PHE G 37 -6.02 -9.97 -21.42
N MET G 38 -5.46 -9.90 -20.22
CA MET G 38 -4.93 -8.65 -19.66
C MET G 38 -3.43 -8.54 -19.86
N GLU G 39 -2.87 -7.34 -19.64
CA GLU G 39 -1.44 -7.12 -19.89
C GLU G 39 -0.51 -8.18 -19.30
N ASP G 40 -0.88 -8.75 -18.17
CA ASP G 40 -0.04 -9.74 -17.47
C ASP G 40 -0.27 -11.21 -17.88
N GLY G 41 -1.20 -11.47 -18.79
CA GLY G 41 -1.40 -12.83 -19.24
C GLY G 41 -2.59 -13.55 -18.60
N SER G 42 -3.18 -12.94 -17.58
CA SER G 42 -4.36 -13.51 -16.91
C SER G 42 -5.62 -13.33 -17.77
N GLU G 43 -6.56 -14.25 -17.63
CA GLU G 43 -7.69 -14.33 -18.53
C GLU G 43 -9.04 -13.95 -17.92
N ILE G 44 -9.98 -13.58 -18.79
CA ILE G 44 -11.36 -13.38 -18.46
C ILE G 44 -12.16 -14.26 -19.41
N LYS G 45 -13.23 -14.87 -18.92
CA LYS G 45 -14.09 -15.66 -19.77
C LYS G 45 -15.54 -15.31 -19.49
N THR G 46 -16.38 -15.40 -20.52
CA THR G 46 -17.80 -15.09 -20.36
C THR G 46 -18.69 -16.30 -20.59
N PHE G 47 -19.69 -16.46 -19.74
CA PHE G 47 -20.66 -17.54 -19.88
C PHE G 47 -22.00 -16.87 -20.00
N ASN G 48 -23.05 -17.66 -20.07
CA ASN G 48 -24.36 -17.10 -20.34
C ASN G 48 -25.38 -17.74 -19.43
N THR G 49 -26.25 -16.91 -18.85
CA THR G 49 -27.22 -17.35 -17.87
C THR G 49 -28.32 -18.29 -18.41
N LEU G 50 -28.77 -18.11 -19.64
CA LEU G 50 -29.71 -19.11 -20.19
C LEU G 50 -29.04 -20.47 -20.18
N ASP G 51 -27.77 -20.52 -20.58
CA ASP G 51 -27.02 -21.77 -20.56
C ASP G 51 -26.99 -22.40 -19.17
N GLY G 52 -26.71 -21.59 -18.15
CA GLY G 52 -26.64 -22.12 -16.81
C GLY G 52 -27.95 -22.74 -16.38
N GLN G 53 -29.05 -22.05 -16.67
CA GLN G 53 -30.37 -22.51 -16.30
C GLN G 53 -30.68 -23.82 -17.04
N GLY G 54 -30.30 -23.89 -18.31
CA GLY G 54 -30.54 -25.11 -19.08
C GLY G 54 -29.78 -26.30 -18.52
N ILE G 55 -28.50 -26.10 -18.23
CA ILE G 55 -27.65 -27.15 -17.67
C ILE G 55 -28.18 -27.67 -16.33
N LYS G 56 -28.56 -26.76 -15.42
CA LYS G 56 -29.11 -27.15 -14.11
C LYS G 56 -30.39 -27.96 -14.31
N MET G 57 -31.19 -27.57 -15.29
CA MET G 57 -32.40 -28.30 -15.61
C MET G 57 -32.10 -29.69 -16.16
N LEU G 58 -31.10 -29.78 -17.03
CA LEU G 58 -30.67 -31.05 -17.57
C LEU G 58 -30.20 -31.96 -16.43
N ILE G 59 -29.27 -31.46 -15.63
CA ILE G 59 -28.74 -32.23 -14.50
C ILE G 59 -29.84 -32.69 -13.55
N ALA G 60 -30.84 -31.82 -13.34
CA ALA G 60 -31.92 -32.12 -12.41
C ALA G 60 -32.81 -33.22 -12.96
N SER G 61 -32.86 -33.35 -14.28
CA SER G 61 -33.68 -34.40 -14.90
C SER G 61 -33.01 -35.77 -14.80
N GLY G 62 -31.83 -35.84 -14.20
CA GLY G 62 -31.12 -37.10 -14.06
C GLY G 62 -30.05 -37.41 -15.08
N VAL G 63 -29.96 -36.59 -16.13
CA VAL G 63 -28.88 -36.71 -17.12
C VAL G 63 -27.60 -36.06 -16.57
N THR G 64 -26.51 -36.81 -16.54
CA THR G 64 -25.26 -36.29 -15.97
C THR G 64 -24.46 -35.53 -17.05
N THR G 65 -23.56 -34.63 -16.61
CA THR G 65 -22.89 -33.74 -17.56
C THR G 65 -21.37 -33.72 -17.42
N ALA G 66 -20.70 -33.45 -18.53
CA ALA G 66 -19.26 -33.30 -18.49
C ALA G 66 -18.77 -32.15 -19.36
N ILE G 67 -17.60 -31.64 -19.03
CA ILE G 67 -16.87 -30.76 -19.93
C ILE G 67 -15.51 -31.34 -20.34
N ILE G 68 -15.19 -31.20 -21.63
CA ILE G 68 -13.85 -31.55 -22.11
C ILE G 68 -13.26 -30.40 -22.92
N SER G 69 -12.14 -29.87 -22.42
CA SER G 69 -11.50 -28.69 -22.98
C SER G 69 -10.02 -28.96 -23.24
N GLY G 70 -9.51 -28.45 -24.35
CA GLY G 70 -8.08 -28.50 -24.63
C GLY G 70 -7.31 -27.40 -23.93
N ARG G 71 -8.04 -26.44 -23.35
CA ARG G 71 -7.45 -25.35 -22.58
CA ARG G 71 -7.43 -25.37 -22.58
C ARG G 71 -7.56 -25.64 -21.08
N LYS G 72 -6.97 -24.79 -20.25
CA LYS G 72 -7.05 -25.02 -18.82
C LYS G 72 -7.07 -23.71 -18.04
N THR G 73 -8.06 -23.57 -17.15
CA THR G 73 -8.18 -22.36 -16.35
C THR G 73 -9.06 -22.61 -15.13
N ALA G 74 -8.76 -21.91 -14.04
CA ALA G 74 -9.57 -22.00 -12.84
C ALA G 74 -10.98 -21.46 -13.11
N ILE G 75 -11.06 -20.50 -14.02
CA ILE G 75 -12.34 -19.92 -14.42
C ILE G 75 -13.30 -21.07 -14.74
N VAL G 76 -12.85 -22.04 -15.53
CA VAL G 76 -13.75 -23.14 -15.95
C VAL G 76 -14.04 -24.08 -14.79
N GLU G 77 -13.06 -24.31 -13.93
CA GLU G 77 -13.31 -25.05 -12.70
C GLU G 77 -14.41 -24.42 -11.85
N ARG G 78 -14.33 -23.12 -11.58
CA ARG G 78 -15.36 -22.51 -10.74
C ARG G 78 -16.73 -22.57 -11.39
N ARG G 79 -16.79 -22.38 -12.70
CA ARG G 79 -18.06 -22.35 -13.40
C ARG G 79 -18.67 -23.73 -13.41
N ALA G 80 -17.86 -24.75 -13.68
CA ALA G 80 -18.36 -26.15 -13.66
C ALA G 80 -18.91 -26.50 -12.28
N LYS G 81 -18.21 -26.07 -11.24
CA LYS G 81 -18.68 -26.32 -9.88
C LYS G 81 -20.01 -25.60 -9.60
N SER G 82 -20.09 -24.30 -9.91
CA SER G 82 -21.33 -23.54 -9.69
CA SER G 82 -21.33 -23.56 -9.67
C SER G 82 -22.54 -24.18 -10.38
N LEU G 83 -22.30 -24.77 -11.55
CA LEU G 83 -23.43 -25.39 -12.27
C LEU G 83 -23.76 -26.82 -11.81
N GLY G 84 -22.87 -27.42 -11.03
CA GLY G 84 -23.03 -28.81 -10.62
C GLY G 84 -22.63 -29.78 -11.72
N ILE G 85 -21.71 -29.34 -12.59
CA ILE G 85 -21.20 -30.24 -13.63
C ILE G 85 -20.31 -31.26 -12.94
N GLU G 86 -20.59 -32.55 -13.17
CA GLU G 86 -19.97 -33.63 -12.40
C GLU G 86 -18.55 -34.00 -12.86
N HIS G 87 -18.25 -33.77 -14.13
CA HIS G 87 -17.00 -34.27 -14.69
C HIS G 87 -16.30 -33.23 -15.54
N LEU G 88 -15.07 -32.90 -15.19
CA LEU G 88 -14.35 -31.83 -15.84
C LEU G 88 -12.96 -32.27 -16.24
N PHE G 89 -12.61 -32.06 -17.51
CA PHE G 89 -11.30 -32.44 -18.04
C PHE G 89 -10.73 -31.28 -18.84
N GLN G 90 -9.57 -30.77 -18.41
CA GLN G 90 -8.98 -29.64 -19.08
C GLN G 90 -7.57 -30.00 -19.56
N GLY G 91 -7.07 -29.25 -20.53
CA GLY G 91 -5.71 -29.45 -21.03
C GLY G 91 -5.55 -30.74 -21.80
N ARG G 92 -6.65 -31.27 -22.33
CA ARG G 92 -6.64 -32.51 -23.07
C ARG G 92 -6.74 -32.21 -24.55
N GLU G 93 -5.69 -32.51 -25.30
CA GLU G 93 -5.74 -32.24 -26.74
C GLU G 93 -6.53 -33.30 -27.52
N ASP G 94 -6.61 -34.52 -26.98
CA ASP G 94 -7.29 -35.61 -27.67
C ASP G 94 -8.62 -35.96 -26.99
N LYS G 95 -9.72 -35.49 -27.56
CA LYS G 95 -10.96 -35.50 -26.81
C LYS G 95 -11.59 -36.89 -26.78
N LEU G 96 -11.38 -37.66 -27.85
CA LEU G 96 -11.90 -39.01 -27.93
C LEU G 96 -11.31 -39.88 -26.81
N VAL G 97 -9.99 -39.89 -26.70
CA VAL G 97 -9.34 -40.61 -25.60
C VAL G 97 -9.95 -40.23 -24.26
N VAL G 98 -10.17 -38.94 -24.05
CA VAL G 98 -10.76 -38.50 -22.79
C VAL G 98 -12.16 -39.02 -22.65
N LEU G 99 -12.95 -38.88 -23.71
CA LEU G 99 -14.34 -39.34 -23.66
C LEU G 99 -14.39 -40.83 -23.32
N ASP G 100 -13.53 -41.64 -23.93
CA ASP G 100 -13.52 -43.09 -23.68
C ASP G 100 -13.26 -43.42 -22.21
N LYS G 101 -12.27 -42.76 -21.61
CA LYS G 101 -12.00 -42.95 -20.19
C LYS G 101 -13.28 -42.73 -19.39
N LEU G 102 -13.94 -41.62 -19.69
CA LEU G 102 -15.18 -41.24 -19.02
C LEU G 102 -16.30 -42.27 -19.20
N LEU G 103 -16.47 -42.76 -20.42
CA LEU G 103 -17.53 -43.74 -20.69
C LEU G 103 -17.25 -45.02 -19.92
N ALA G 104 -15.97 -45.36 -19.79
CA ALA G 104 -15.55 -46.48 -18.96
C ALA G 104 -15.89 -46.22 -17.48
N GLU G 105 -15.60 -45.04 -16.97
CA GLU G 105 -15.98 -44.73 -15.59
C GLU G 105 -17.50 -44.83 -15.38
N LEU G 106 -18.27 -44.46 -16.39
CA LEU G 106 -19.73 -44.41 -16.24
C LEU G 106 -20.47 -45.65 -16.76
N GLN G 107 -19.75 -46.61 -17.30
CA GLN G 107 -20.41 -47.78 -17.86
C GLN G 107 -21.44 -47.40 -18.92
N LEU G 108 -21.07 -46.50 -19.83
CA LEU G 108 -22.01 -46.10 -20.87
C LEU G 108 -21.41 -46.38 -22.23
N GLY G 109 -22.28 -46.54 -23.23
CA GLY G 109 -21.85 -46.66 -24.62
C GLY G 109 -22.01 -45.34 -25.36
N TYR G 110 -21.40 -45.27 -26.55
CA TYR G 110 -21.41 -44.06 -27.36
C TYR G 110 -22.81 -43.49 -27.59
N GLU G 111 -23.77 -44.36 -27.91
CA GLU G 111 -25.10 -43.89 -28.28
C GLU G 111 -25.88 -43.30 -27.10
N GLN G 112 -25.35 -43.47 -25.89
CA GLN G 112 -25.91 -42.88 -24.70
C GLN G 112 -25.28 -41.51 -24.38
N VAL G 113 -24.55 -40.95 -25.34
CA VAL G 113 -23.81 -39.72 -25.10
C VAL G 113 -24.13 -38.64 -26.12
N ALA G 114 -24.37 -37.43 -25.60
CA ALA G 114 -24.56 -36.25 -26.41
C ALA G 114 -23.35 -35.32 -26.27
N TYR G 115 -23.02 -34.62 -27.34
CA TYR G 115 -21.85 -33.75 -27.30
C TYR G 115 -22.12 -32.50 -28.11
N LEU G 116 -21.74 -31.35 -27.56
CA LEU G 116 -21.93 -30.08 -28.23
C LEU G 116 -20.58 -29.43 -28.45
N GLY G 117 -20.16 -29.31 -29.70
CA GLY G 117 -18.83 -28.75 -30.05
C GLY G 117 -18.86 -27.59 -31.02
N ASP G 118 -17.70 -27.01 -31.28
CA ASP G 118 -17.62 -25.92 -32.26
C ASP G 118 -16.45 -25.98 -33.23
N ASP G 119 -15.48 -26.86 -32.98
CA ASP G 119 -14.33 -26.87 -33.90
C ASP G 119 -13.75 -28.27 -34.11
N LEU G 120 -12.73 -28.36 -34.95
CA LEU G 120 -12.14 -29.66 -35.33
C LEU G 120 -11.86 -30.63 -34.18
N PRO G 121 -11.23 -30.13 -33.10
CA PRO G 121 -10.91 -31.03 -31.99
C PRO G 121 -12.13 -31.74 -31.43
N ASP G 122 -13.32 -31.19 -31.66
CA ASP G 122 -14.54 -31.79 -31.17
C ASP G 122 -15.05 -32.83 -32.16
N LEU G 123 -14.53 -32.79 -33.37
CA LEU G 123 -15.11 -33.55 -34.46
C LEU G 123 -15.02 -35.07 -34.29
N PRO G 124 -13.90 -35.59 -33.75
CA PRO G 124 -13.86 -37.05 -33.54
C PRO G 124 -14.91 -37.56 -32.54
N VAL G 125 -15.25 -36.74 -31.55
CA VAL G 125 -16.31 -37.11 -30.60
C VAL G 125 -17.70 -36.99 -31.22
N ILE G 126 -17.95 -35.90 -31.92
CA ILE G 126 -19.23 -35.62 -32.53
C ILE G 126 -19.63 -36.74 -33.51
N ARG G 127 -18.65 -37.34 -34.15
CA ARG G 127 -18.93 -38.33 -35.19
C ARG G 127 -19.30 -39.68 -34.61
N ARG G 128 -18.86 -39.95 -33.39
CA ARG G 128 -19.04 -41.26 -32.79
C ARG G 128 -20.23 -41.35 -31.83
N VAL G 129 -20.60 -40.25 -31.20
CA VAL G 129 -21.63 -40.33 -30.18
C VAL G 129 -23.03 -40.38 -30.78
N GLY G 130 -24.01 -40.68 -29.92
CA GLY G 130 -25.42 -40.77 -30.31
C GLY G 130 -26.02 -39.46 -30.75
N LEU G 131 -25.68 -38.37 -30.04
CA LEU G 131 -26.16 -37.06 -30.43
C LEU G 131 -25.02 -36.03 -30.46
N GLY G 132 -24.35 -35.95 -31.59
CA GLY G 132 -23.24 -35.05 -31.78
C GLY G 132 -23.72 -33.80 -32.48
N MET G 133 -23.72 -32.67 -31.79
CA MET G 133 -24.22 -31.45 -32.40
C MET G 133 -23.13 -30.37 -32.45
N ALA G 134 -23.28 -29.46 -33.41
CA ALA G 134 -22.46 -28.25 -33.54
C ALA G 134 -23.24 -26.99 -33.16
N VAL G 135 -22.56 -25.96 -32.64
CA VAL G 135 -23.24 -24.71 -32.37
C VAL G 135 -23.39 -23.99 -33.71
N ALA G 136 -24.23 -22.97 -33.77
CA ALA G 136 -24.54 -22.33 -35.06
C ALA G 136 -23.32 -21.70 -35.69
N ASN G 137 -22.40 -21.19 -34.88
CA ASN G 137 -21.19 -20.68 -35.47
C ASN G 137 -19.99 -21.63 -35.36
N ALA G 138 -20.25 -22.93 -35.26
CA ALA G 138 -19.18 -23.92 -35.37
C ALA G 138 -18.45 -23.76 -36.72
N ALA G 139 -17.20 -24.20 -36.82
CA ALA G 139 -16.51 -24.27 -38.10
C ALA G 139 -17.41 -25.02 -39.09
N SER G 140 -17.45 -24.55 -40.33
CA SER G 140 -18.37 -25.10 -41.33
C SER G 140 -18.19 -26.61 -41.48
N PHE G 141 -16.94 -27.04 -41.51
CA PHE G 141 -16.63 -28.45 -41.66
C PHE G 141 -17.21 -29.28 -40.53
N VAL G 142 -17.19 -28.74 -39.31
CA VAL G 142 -17.78 -29.46 -38.18
C VAL G 142 -19.30 -29.54 -38.34
N ARG G 143 -19.92 -28.42 -38.65
CA ARG G 143 -21.37 -28.43 -38.84
C ARG G 143 -21.73 -29.48 -39.89
N GLU G 144 -20.96 -29.51 -40.96
CA GLU G 144 -21.24 -30.42 -42.08
C GLU G 144 -21.30 -31.86 -41.60
N HIS G 145 -20.46 -32.21 -40.65
CA HIS G 145 -20.35 -33.59 -40.23
C HIS G 145 -21.02 -33.93 -38.91
N ALA G 146 -21.73 -32.97 -38.33
CA ALA G 146 -22.49 -33.21 -37.10
C ALA G 146 -23.89 -33.76 -37.44
N HIS G 147 -24.53 -34.38 -36.46
CA HIS G 147 -25.92 -34.80 -36.61
C HIS G 147 -26.89 -33.63 -36.76
N GLY G 148 -26.62 -32.51 -36.09
CA GLY G 148 -27.45 -31.33 -36.23
C GLY G 148 -26.73 -30.07 -35.76
N ILE G 149 -27.34 -28.92 -36.00
CA ILE G 149 -26.78 -27.64 -35.65
C ILE G 149 -27.81 -26.89 -34.79
N THR G 150 -27.41 -26.30 -33.67
CA THR G 150 -28.35 -25.50 -32.88
C THR G 150 -28.56 -24.22 -33.67
N ARG G 151 -29.75 -23.61 -33.55
CA ARG G 151 -29.99 -22.30 -34.16
C ARG G 151 -29.22 -21.21 -33.45
N ALA G 152 -29.03 -21.38 -32.15
CA ALA G 152 -28.35 -20.36 -31.36
C ALA G 152 -26.83 -20.56 -31.45
N GLN G 153 -26.10 -19.46 -31.30
CA GLN G 153 -24.64 -19.44 -31.34
C GLN G 153 -24.05 -19.76 -29.95
N GLY G 154 -22.78 -20.16 -29.92
CA GLY G 154 -22.09 -20.47 -28.67
C GLY G 154 -22.06 -19.23 -27.80
N GLY G 155 -22.26 -19.41 -26.50
CA GLY G 155 -22.22 -18.29 -25.55
C GLY G 155 -23.50 -17.48 -25.61
N GLU G 156 -24.45 -17.92 -26.44
CA GLU G 156 -25.68 -17.18 -26.65
C GLU G 156 -26.91 -18.06 -26.57
N GLY G 157 -26.83 -19.14 -25.79
CA GLY G 157 -27.97 -20.01 -25.58
C GLY G 157 -27.93 -21.31 -26.37
N ALA G 158 -26.84 -21.56 -27.08
CA ALA G 158 -26.70 -22.85 -27.81
C ALA G 158 -26.77 -24.02 -26.85
N ALA G 159 -26.06 -23.92 -25.72
CA ALA G 159 -26.11 -25.00 -24.75
C ALA G 159 -27.50 -25.21 -24.15
N ARG G 160 -28.18 -24.10 -23.82
CA ARG G 160 -29.55 -24.16 -23.33
C ARG G 160 -30.46 -24.90 -24.33
N GLU G 161 -30.29 -24.58 -25.61
CA GLU G 161 -31.08 -25.19 -26.68
C GLU G 161 -30.78 -26.69 -26.78
N PHE G 162 -29.52 -27.07 -26.55
CA PHE G 162 -29.04 -28.45 -26.55
C PHE G 162 -29.69 -29.21 -25.41
N CYS G 163 -29.61 -28.62 -24.23
CA CYS G 163 -30.22 -29.15 -23.03
C CYS G 163 -31.71 -29.41 -23.22
N GLU G 164 -32.38 -28.50 -23.88
CA GLU G 164 -33.81 -28.60 -24.06
C GLU G 164 -34.18 -29.65 -25.08
N LEU G 165 -33.38 -29.78 -26.12
CA LEU G 165 -33.54 -30.83 -27.10
C LEU G 165 -33.59 -32.17 -26.37
N ILE G 166 -32.70 -32.37 -25.41
CA ILE G 166 -32.63 -33.63 -24.67
C ILE G 166 -33.78 -33.81 -23.68
N LEU G 167 -34.09 -32.76 -22.91
CA LEU G 167 -35.24 -32.80 -22.02
C LEU G 167 -36.52 -33.17 -22.79
N SER G 168 -36.72 -32.55 -23.94
CA SER G 168 -37.89 -32.81 -24.77
CA SER G 168 -37.90 -32.82 -24.75
C SER G 168 -37.97 -34.30 -25.16
N ALA G 169 -36.94 -34.76 -25.87
CA ALA G 169 -36.87 -36.13 -26.35
C ALA G 169 -37.16 -37.13 -25.24
N GLN G 170 -36.86 -36.75 -24.00
CA GLN G 170 -37.05 -37.64 -22.85
C GLN G 170 -38.34 -37.36 -22.08
N GLY G 171 -39.18 -36.49 -22.64
CA GLY G 171 -40.46 -36.13 -22.02
C GLY G 171 -40.33 -35.43 -20.68
N ASN G 172 -39.17 -34.83 -20.41
CA ASN G 172 -38.97 -34.14 -19.13
C ASN G 172 -39.07 -32.59 -19.20
N LEU G 173 -39.28 -32.06 -20.41
CA LEU G 173 -39.31 -30.61 -20.61
C LEU G 173 -40.55 -29.95 -19.98
N GLU G 174 -41.73 -30.44 -20.35
CA GLU G 174 -42.97 -29.89 -19.82
C GLU G 174 -43.01 -29.86 -18.29
N ALA G 175 -42.47 -30.90 -17.66
CA ALA G 175 -42.41 -30.96 -16.20
C ALA G 175 -41.45 -29.93 -15.60
N ALA G 176 -40.34 -29.67 -16.29
CA ALA G 176 -39.41 -28.64 -15.86
C ALA G 176 -40.02 -27.27 -16.08
N HIS G 177 -40.86 -27.17 -17.11
CA HIS G 177 -41.59 -25.95 -17.40
C HIS G 177 -42.77 -25.71 -16.47
N SER G 178 -43.44 -26.80 -16.09
CA SER G 178 -44.60 -26.73 -15.20
C SER G 178 -44.26 -26.11 -13.84
N VAL G 179 -43.10 -26.48 -13.31
CA VAL G 179 -42.63 -25.90 -12.06
C VAL G 179 -42.66 -24.37 -12.07
N TYR G 180 -42.62 -23.76 -13.26
CA TYR G 180 -42.53 -22.29 -13.36
C TYR G 180 -43.83 -21.63 -13.82
N LEU G 181 -44.72 -22.41 -14.41
CA LEU G 181 -46.08 -21.94 -14.67
C LEU G 181 -46.78 -21.70 -13.32
N GLU G 182 -46.82 -22.73 -12.48
CA GLU G 182 -47.33 -22.60 -11.12
C GLU G 182 -46.38 -23.24 -10.10
N ASP H 11 -33.58 10.77 -3.71
CA ASP H 11 -32.47 11.25 -4.58
C ASP H 11 -31.34 11.84 -3.73
N LEU H 12 -30.09 11.46 -4.04
CA LEU H 12 -28.96 11.81 -3.21
C LEU H 12 -28.67 13.31 -3.16
N MET H 13 -28.76 13.99 -4.30
CA MET H 13 -28.53 15.43 -4.32
CA MET H 13 -28.56 15.44 -4.37
C MET H 13 -29.58 16.16 -3.49
N GLN H 14 -30.83 15.69 -3.56
CA GLN H 14 -31.91 16.27 -2.76
C GLN H 14 -31.63 16.09 -1.27
N ARG H 15 -31.20 14.90 -0.87
CA ARG H 15 -30.90 14.66 0.53
C ARG H 15 -29.78 15.60 1.02
N GLY H 16 -28.84 15.88 0.13
CA GLY H 16 -27.66 16.70 0.42
C GLY H 16 -27.99 18.15 0.72
N LYS H 17 -29.01 18.68 0.03
CA LYS H 17 -29.40 20.07 0.15
C LYS H 17 -29.67 20.49 1.59
N ALA H 18 -30.28 19.61 2.37
CA ALA H 18 -30.75 20.01 3.69
C ALA H 18 -29.71 19.86 4.80
N ILE H 19 -28.52 19.36 4.47
CA ILE H 19 -27.54 18.97 5.49
C ILE H 19 -26.95 20.20 6.25
N LYS H 20 -26.93 20.12 7.58
CA LYS H 20 -26.31 21.16 8.40
C LYS H 20 -25.26 20.57 9.32
N LEU H 21 -25.28 19.24 9.44
CA LEU H 21 -24.29 18.54 10.25
C LEU H 21 -23.83 17.28 9.48
N ALA H 22 -22.52 17.14 9.31
CA ALA H 22 -21.92 15.95 8.70
C ALA H 22 -21.09 15.23 9.72
N VAL H 23 -21.40 13.95 9.93
CA VAL H 23 -20.75 13.17 10.99
C VAL H 23 -19.95 12.03 10.36
N PHE H 24 -18.76 11.78 10.89
CA PHE H 24 -17.92 10.70 10.41
C PHE H 24 -17.60 9.70 11.50
N ASP H 25 -17.65 8.42 11.13
CA ASP H 25 -17.00 7.37 11.90
C ASP H 25 -15.48 7.53 11.70
N VAL H 26 -14.69 6.91 12.55
CA VAL H 26 -13.25 6.94 12.30
C VAL H 26 -12.70 5.73 11.51
N ASP H 27 -12.67 4.59 12.15
CA ASP H 27 -12.00 3.41 11.61
C ASP H 27 -12.82 2.82 10.46
N GLY H 28 -12.18 2.77 9.30
CA GLY H 28 -12.83 2.26 8.08
C GLY H 28 -13.44 3.38 7.26
N VAL H 29 -13.49 4.60 7.82
CA VAL H 29 -14.04 5.71 7.08
C VAL H 29 -12.98 6.84 6.91
N LEU H 30 -12.49 7.39 8.01
CA LEU H 30 -11.33 8.32 7.93
C LEU H 30 -10.01 7.53 7.77
N THR H 31 -10.02 6.25 8.14
CA THR H 31 -8.89 5.35 7.93
C THR H 31 -9.34 4.21 7.04
N ASP H 32 -8.40 3.40 6.56
CA ASP H 32 -8.77 2.23 5.76
C ASP H 32 -9.25 1.01 6.56
N GLY H 33 -9.41 1.15 7.88
CA GLY H 33 -9.85 0.02 8.71
C GLY H 33 -8.74 -0.76 9.38
N ARG H 34 -7.48 -0.46 9.03
CA ARG H 34 -6.36 -1.17 9.59
C ARG H 34 -6.03 -0.61 10.95
N LEU H 35 -5.69 -1.48 11.88
CA LEU H 35 -5.21 -1.08 13.20
C LEU H 35 -3.75 -1.51 13.31
N TYR H 36 -2.88 -0.55 13.54
CA TYR H 36 -1.47 -0.82 13.64
C TYR H 36 -1.09 -0.82 15.11
N PHE H 37 -0.43 -1.89 15.53
CA PHE H 37 -0.01 -2.01 16.93
C PHE H 37 1.47 -2.31 17.00
N MET H 38 2.16 -1.58 17.87
CA MET H 38 3.55 -1.88 18.23
C MET H 38 3.59 -2.87 19.39
N GLU H 39 4.75 -3.47 19.62
CA GLU H 39 4.90 -4.51 20.63
C GLU H 39 4.45 -4.06 22.03
N ASP H 40 4.62 -2.78 22.34
CA ASP H 40 4.23 -2.27 23.65
C ASP H 40 2.79 -1.79 23.71
N GLY H 41 2.04 -2.06 22.65
CA GLY H 41 0.62 -1.71 22.65
C GLY H 41 0.25 -0.34 22.12
N SER H 42 1.22 0.53 21.89
CA SER H 42 0.89 1.82 21.26
C SER H 42 0.45 1.58 19.79
N GLU H 43 -0.35 2.50 19.30
CA GLU H 43 -1.02 2.35 18.00
C GLU H 43 -0.50 3.36 17.00
N ILE H 44 -0.69 3.08 15.72
CA ILE H 44 -0.44 4.05 14.68
C ILE H 44 -1.73 4.08 13.89
N LYS H 45 -2.09 5.21 13.33
CA LYS H 45 -3.32 5.27 12.53
C LYS H 45 -3.09 6.09 11.28
N THR H 46 -3.73 5.73 10.14
CA THR H 46 -3.49 6.48 8.91
C THR H 46 -4.72 7.26 8.49
N PHE H 47 -4.49 8.50 8.09
CA PHE H 47 -5.52 9.31 7.49
C PHE H 47 -5.08 9.63 6.08
N ASN H 48 -5.90 10.40 5.37
CA ASN H 48 -5.67 10.69 4.00
C ASN H 48 -5.77 12.21 3.80
N THR H 49 -4.84 12.77 3.03
CA THR H 49 -4.83 14.21 2.69
C THR H 49 -6.00 14.68 1.76
N LEU H 50 -6.44 13.85 0.83
CA LEU H 50 -7.63 14.25 0.07
C LEU H 50 -8.80 14.49 1.03
N ASP H 51 -8.90 13.62 2.03
CA ASP H 51 -9.97 13.67 3.01
C ASP H 51 -9.92 14.95 3.84
N GLY H 52 -8.72 15.33 4.28
CA GLY H 52 -8.56 16.57 5.05
C GLY H 52 -8.97 17.81 4.28
N GLN H 53 -8.55 17.90 3.02
CA GLN H 53 -8.93 19.03 2.18
C GLN H 53 -10.46 19.06 2.05
N GLY H 54 -11.08 17.90 1.87
CA GLY H 54 -12.55 17.87 1.75
C GLY H 54 -13.28 18.33 3.01
N ILE H 55 -12.85 17.83 4.17
CA ILE H 55 -13.43 18.24 5.43
C ILE H 55 -13.24 19.74 5.71
N LYS H 56 -12.05 20.27 5.43
CA LYS H 56 -11.83 21.71 5.56
C LYS H 56 -12.75 22.50 4.65
N MET H 57 -12.95 22.04 3.42
CA MET H 57 -13.85 22.79 2.52
C MET H 57 -15.34 22.72 2.94
N LEU H 58 -15.77 21.59 3.50
CA LEU H 58 -17.12 21.48 4.01
C LEU H 58 -17.36 22.44 5.21
N ILE H 59 -16.44 22.41 6.15
CA ILE H 59 -16.50 23.31 7.28
C ILE H 59 -16.61 24.77 6.81
N ALA H 60 -15.71 25.19 5.93
CA ALA H 60 -15.73 26.54 5.40
C ALA H 60 -17.07 26.88 4.78
N SER H 61 -17.76 25.90 4.22
CA SER H 61 -19.02 26.19 3.55
C SER H 61 -20.14 26.48 4.56
N GLY H 62 -19.89 26.28 5.84
CA GLY H 62 -20.92 26.50 6.85
C GLY H 62 -21.66 25.26 7.37
N VAL H 63 -21.19 24.07 6.97
CA VAL H 63 -21.72 22.83 7.51
C VAL H 63 -20.88 22.40 8.69
N THR H 64 -21.52 22.15 9.81
CA THR H 64 -20.69 21.74 10.94
CA THR H 64 -20.86 21.69 11.05
C THR H 64 -20.46 20.22 10.90
N THR H 65 -19.41 19.79 11.56
CA THR H 65 -18.94 18.41 11.46
C THR H 65 -18.73 17.79 12.82
N ALA H 66 -18.85 16.48 12.87
CA ALA H 66 -18.64 15.74 14.10
C ALA H 66 -18.02 14.39 13.79
N ILE H 67 -17.38 13.80 14.80
CA ILE H 67 -16.93 12.41 14.74
C ILE H 67 -17.53 11.60 15.88
N ILE H 68 -18.03 10.42 15.57
CA ILE H 68 -18.50 9.51 16.61
C ILE H 68 -17.83 8.16 16.51
N SER H 69 -17.07 7.81 17.54
CA SER H 69 -16.28 6.59 17.49
C SER H 69 -16.42 5.71 18.73
N GLY H 70 -16.48 4.39 18.51
CA GLY H 70 -16.46 3.43 19.62
C GLY H 70 -15.09 3.26 20.24
N ARG H 71 -14.06 3.74 19.55
CA ARG H 71 -12.68 3.64 20.05
CA ARG H 71 -12.68 3.65 20.04
CA ARG H 71 -12.69 3.63 20.04
C ARG H 71 -12.25 4.93 20.69
N LYS H 72 -11.04 4.96 21.24
CA LYS H 72 -10.56 6.18 21.88
C LYS H 72 -9.05 6.29 21.79
N THR H 73 -8.56 7.38 21.21
CA THR H 73 -7.12 7.54 21.04
C THR H 73 -6.77 9.00 20.87
N ALA H 74 -5.62 9.39 21.40
CA ALA H 74 -5.18 10.79 21.28
C ALA H 74 -4.98 11.12 19.81
N ILE H 75 -4.68 10.10 19.01
CA ILE H 75 -4.43 10.30 17.60
C ILE H 75 -5.62 10.96 16.93
N VAL H 76 -6.81 10.57 17.35
CA VAL H 76 -8.01 11.07 16.73
C VAL H 76 -8.31 12.48 17.28
N GLU H 77 -8.01 12.73 18.54
CA GLU H 77 -8.24 14.06 19.06
C GLU H 77 -7.40 15.06 18.29
N ARG H 78 -6.10 14.78 18.12
CA ARG H 78 -5.21 15.62 17.34
C ARG H 78 -5.70 15.83 15.91
N ARG H 79 -6.03 14.72 15.25
CA ARG H 79 -6.52 14.82 13.89
C ARG H 79 -7.76 15.68 13.81
N ALA H 80 -8.75 15.43 14.67
CA ALA H 80 -9.97 16.25 14.69
C ALA H 80 -9.67 17.76 14.86
N LYS H 81 -8.79 18.09 15.80
CA LYS H 81 -8.41 19.50 16.03
C LYS H 81 -7.76 20.13 14.81
N SER H 82 -6.79 19.42 14.22
CA SER H 82 -6.07 19.91 13.05
CA SER H 82 -6.08 19.98 13.08
C SER H 82 -7.01 20.25 11.91
N LEU H 83 -8.13 19.54 11.84
CA LEU H 83 -9.08 19.77 10.74
C LEU H 83 -10.17 20.77 11.08
N GLY H 84 -10.26 21.15 12.35
CA GLY H 84 -11.32 22.04 12.79
C GLY H 84 -12.64 21.36 13.02
N ILE H 85 -12.61 20.05 13.26
CA ILE H 85 -13.83 19.31 13.59
C ILE H 85 -14.36 19.69 14.96
N GLU H 86 -15.59 20.19 14.96
CA GLU H 86 -16.11 20.93 16.10
C GLU H 86 -16.61 20.03 17.22
N HIS H 87 -16.99 18.79 16.88
CA HIS H 87 -17.61 17.89 17.85
C HIS H 87 -17.05 16.47 17.72
N LEU H 88 -16.42 16.00 18.79
CA LEU H 88 -15.75 14.73 18.80
C LEU H 88 -16.20 13.89 19.95
N PHE H 89 -16.70 12.69 19.67
CA PHE H 89 -17.12 11.76 20.70
C PHE H 89 -16.45 10.41 20.54
N GLN H 90 -15.64 10.04 21.52
CA GLN H 90 -14.92 8.77 21.44
C GLN H 90 -15.32 7.79 22.54
N GLY H 91 -14.88 6.55 22.42
CA GLY H 91 -15.22 5.52 23.40
C GLY H 91 -16.73 5.37 23.55
N ARG H 92 -17.45 5.69 22.49
CA ARG H 92 -18.91 5.64 22.52
C ARG H 92 -19.46 4.59 21.57
N GLU H 93 -19.90 3.46 22.11
CA GLU H 93 -20.44 2.37 21.28
C GLU H 93 -21.90 2.62 20.85
N ASP H 94 -22.62 3.38 21.67
CA ASP H 94 -24.03 3.69 21.44
C ASP H 94 -24.20 4.96 20.58
N LYS H 95 -23.97 4.84 19.28
CA LYS H 95 -23.75 6.04 18.47
C LYS H 95 -24.99 6.92 18.33
N LEU H 96 -26.17 6.29 18.30
CA LEU H 96 -27.43 7.02 18.11
C LEU H 96 -27.79 7.82 19.38
N VAL H 97 -27.41 7.32 20.53
CA VAL H 97 -27.62 8.07 21.76
C VAL H 97 -26.70 9.30 21.76
N VAL H 98 -25.45 9.10 21.33
CA VAL H 98 -24.52 10.21 21.19
C VAL H 98 -25.08 11.25 20.22
N LEU H 99 -25.49 10.78 19.03
CA LEU H 99 -26.11 11.67 18.06
C LEU H 99 -27.32 12.45 18.61
N ASP H 100 -28.22 11.76 19.31
CA ASP H 100 -29.45 12.41 19.78
C ASP H 100 -29.11 13.59 20.70
N LYS H 101 -28.15 13.37 21.58
CA LYS H 101 -27.65 14.38 22.47
C LYS H 101 -27.14 15.59 21.67
N LEU H 102 -26.27 15.32 20.70
CA LEU H 102 -25.71 16.38 19.89
C LEU H 102 -26.79 17.11 19.11
N LEU H 103 -27.77 16.37 18.59
CA LEU H 103 -28.86 17.00 17.83
C LEU H 103 -29.65 17.93 18.77
N ALA H 104 -29.74 17.55 20.04
CA ALA H 104 -30.42 18.40 21.02
C ALA H 104 -29.65 19.70 21.14
N GLU H 105 -28.35 19.59 21.36
CA GLU H 105 -27.52 20.77 21.53
C GLU H 105 -27.59 21.69 20.31
N LEU H 106 -27.78 21.12 19.12
CA LEU H 106 -27.71 21.92 17.90
C LEU H 106 -29.08 22.28 17.35
N GLN H 107 -30.12 21.75 17.98
CA GLN H 107 -31.49 21.98 17.54
C GLN H 107 -31.69 21.56 16.09
N LEU H 108 -31.19 20.38 15.77
CA LEU H 108 -31.35 19.84 14.43
C LEU H 108 -32.15 18.56 14.48
N GLY H 109 -32.83 18.23 13.39
CA GLY H 109 -33.45 16.91 13.27
C GLY H 109 -32.62 15.95 12.43
N TYR H 110 -33.07 14.70 12.34
CA TYR H 110 -32.34 13.68 11.63
C TYR H 110 -32.12 14.05 10.16
N GLU H 111 -33.10 14.71 9.58
CA GLU H 111 -33.11 14.96 8.14
C GLU H 111 -32.02 15.96 7.74
N GLN H 112 -31.49 16.71 8.70
CA GLN H 112 -30.36 17.62 8.43
C GLN H 112 -28.96 17.05 8.75
N VAL H 113 -28.88 15.75 9.00
CA VAL H 113 -27.61 15.10 9.39
C VAL H 113 -27.19 14.18 8.24
N ALA H 114 -25.96 14.33 7.77
CA ALA H 114 -25.34 13.30 6.91
C ALA H 114 -24.39 12.45 7.77
N TYR H 115 -24.28 11.15 7.49
CA TYR H 115 -23.37 10.37 8.29
C TYR H 115 -22.61 9.42 7.33
N LEU H 116 -21.31 9.29 7.54
CA LEU H 116 -20.47 8.39 6.70
C LEU H 116 -19.94 7.25 7.56
N GLY H 117 -20.37 6.01 7.29
CA GLY H 117 -20.02 4.94 8.24
C GLY H 117 -19.47 3.70 7.48
N ASP H 118 -18.95 2.70 8.20
CA ASP H 118 -18.52 1.44 7.51
C ASP H 118 -18.97 0.11 8.09
N ASP H 119 -19.59 0.12 9.27
CA ASP H 119 -19.88 -1.18 9.89
C ASP H 119 -21.13 -1.12 10.74
N LEU H 120 -21.51 -2.26 11.33
CA LEU H 120 -22.78 -2.40 12.04
C LEU H 120 -23.11 -1.31 13.07
N PRO H 121 -22.13 -0.89 13.87
CA PRO H 121 -22.47 0.14 14.89
C PRO H 121 -22.86 1.49 14.28
N ASP H 122 -22.56 1.70 13.02
CA ASP H 122 -22.93 2.95 12.35
C ASP H 122 -24.32 2.86 11.80
N LEU H 123 -24.83 1.64 11.67
CA LEU H 123 -26.11 1.43 10.96
C LEU H 123 -27.36 2.04 11.61
N PRO H 124 -27.50 1.95 12.95
CA PRO H 124 -28.65 2.66 13.51
C PRO H 124 -28.70 4.15 13.13
N VAL H 125 -27.57 4.84 13.12
CA VAL H 125 -27.55 6.21 12.62
C VAL H 125 -27.83 6.34 11.10
N ILE H 126 -27.09 5.60 10.30
CA ILE H 126 -27.23 5.63 8.85
C ILE H 126 -28.69 5.48 8.43
N ARG H 127 -29.39 4.62 9.14
CA ARG H 127 -30.77 4.29 8.80
C ARG H 127 -31.70 5.46 9.06
N ARG H 128 -31.32 6.34 9.97
CA ARG H 128 -32.26 7.35 10.45
C ARG H 128 -32.01 8.76 9.90
N VAL H 129 -30.78 9.07 9.52
CA VAL H 129 -30.45 10.40 9.05
C VAL H 129 -30.87 10.74 7.63
N GLY H 130 -30.85 12.05 7.34
CA GLY H 130 -31.16 12.56 6.01
C GLY H 130 -30.27 12.03 4.90
N LEU H 131 -28.97 11.98 5.14
CA LEU H 131 -28.05 11.44 4.16
C LEU H 131 -27.11 10.42 4.81
N GLY H 132 -27.53 9.16 4.84
CA GLY H 132 -26.75 8.11 5.48
C GLY H 132 -25.98 7.34 4.43
N MET H 133 -24.65 7.39 4.49
CA MET H 133 -23.81 6.78 3.45
C MET H 133 -22.79 5.75 3.96
N ALA H 134 -22.45 4.79 3.10
CA ALA H 134 -21.43 3.83 3.45
C ALA H 134 -20.27 4.09 2.51
N VAL H 135 -19.03 3.82 2.95
CA VAL H 135 -17.86 3.82 2.11
C VAL H 135 -17.92 2.46 1.33
N ALA H 136 -17.13 2.34 0.28
CA ALA H 136 -17.16 1.17 -0.65
C ALA H 136 -16.78 -0.13 0.03
N ASN H 137 -15.88 -0.01 0.99
CA ASN H 137 -15.37 -1.13 1.74
C ASN H 137 -16.23 -1.47 2.96
N ALA H 138 -17.37 -0.78 3.15
CA ALA H 138 -18.21 -1.03 4.29
C ALA H 138 -18.71 -2.45 4.23
N ALA H 139 -19.13 -2.97 5.38
CA ALA H 139 -19.76 -4.29 5.46
C ALA H 139 -20.96 -4.34 4.50
N SER H 140 -21.10 -5.43 3.76
CA SER H 140 -22.21 -5.44 2.79
C SER H 140 -23.56 -5.12 3.37
N PHE H 141 -23.88 -5.62 4.56
CA PHE H 141 -25.19 -5.33 5.14
C PHE H 141 -25.41 -3.83 5.37
N VAL H 142 -24.33 -3.11 5.69
CA VAL H 142 -24.43 -1.67 5.90
C VAL H 142 -24.63 -1.00 4.54
N ARG H 143 -23.87 -1.43 3.54
CA ARG H 143 -24.05 -0.91 2.19
C ARG H 143 -25.51 -1.05 1.74
N GLU H 144 -26.12 -2.20 2.02
CA GLU H 144 -27.47 -2.47 1.56
C GLU H 144 -28.50 -1.55 2.19
N HIS H 145 -28.23 -1.09 3.42
CA HIS H 145 -29.20 -0.28 4.13
C HIS H 145 -28.89 1.21 4.12
N ALA H 146 -27.86 1.62 3.39
CA ALA H 146 -27.54 3.04 3.27
C ALA H 146 -28.22 3.61 2.03
N HIS H 147 -28.40 4.93 2.03
CA HIS H 147 -28.98 5.64 0.90
C HIS H 147 -27.98 5.68 -0.24
N GLY H 148 -26.70 5.67 0.11
CA GLY H 148 -25.66 5.76 -0.89
C GLY H 148 -24.34 5.16 -0.45
N ILE H 149 -23.48 4.92 -1.43
CA ILE H 149 -22.22 4.27 -1.20
C ILE H 149 -21.19 5.07 -1.97
N THR H 150 -20.11 5.49 -1.32
CA THR H 150 -19.09 6.18 -2.07
C THR H 150 -18.32 5.23 -2.98
N ARG H 151 -17.83 5.77 -4.10
CA ARG H 151 -16.90 5.07 -4.96
C ARG H 151 -15.58 4.81 -4.23
N ALA H 152 -15.06 5.84 -3.56
CA ALA H 152 -13.78 5.65 -2.91
C ALA H 152 -13.90 4.82 -1.64
N GLN H 153 -12.82 4.14 -1.26
CA GLN H 153 -12.81 3.35 -0.05
C GLN H 153 -12.46 4.23 1.15
N GLY H 154 -12.81 3.77 2.34
CA GLY H 154 -12.39 4.46 3.57
C GLY H 154 -10.90 4.68 3.64
N GLY H 155 -10.50 5.87 4.09
CA GLY H 155 -9.09 6.21 4.19
C GLY H 155 -8.41 6.45 2.85
N GLU H 156 -9.18 6.38 1.77
CA GLU H 156 -8.63 6.63 0.45
C GLU H 156 -9.47 7.67 -0.29
N GLY H 157 -10.01 8.63 0.45
CA GLY H 157 -10.80 9.71 -0.11
C GLY H 157 -12.31 9.50 -0.16
N ALA H 158 -12.83 8.50 0.56
CA ALA H 158 -14.30 8.37 0.66
C ALA H 158 -14.89 9.58 1.37
N ALA H 159 -14.20 10.08 2.40
CA ALA H 159 -14.68 11.28 3.07
C ALA H 159 -14.64 12.54 2.19
N ARG H 160 -13.60 12.68 1.36
CA ARG H 160 -13.52 13.81 0.44
C ARG H 160 -14.70 13.73 -0.54
N GLU H 161 -14.98 12.52 -1.02
CA GLU H 161 -16.13 12.33 -1.93
C GLU H 161 -17.49 12.68 -1.29
N PHE H 162 -17.68 12.29 -0.04
CA PHE H 162 -18.86 12.59 0.78
C PHE H 162 -19.00 14.09 0.96
N CYS H 163 -17.90 14.75 1.30
CA CYS H 163 -17.90 16.21 1.42
C CYS H 163 -18.30 16.94 0.13
N GLU H 164 -17.80 16.49 -0.99
CA GLU H 164 -18.09 17.18 -2.22
C GLU H 164 -19.50 16.94 -2.64
N LEU H 165 -20.03 15.77 -2.37
CA LEU H 165 -21.42 15.46 -2.64
C LEU H 165 -22.36 16.49 -1.98
N ILE H 166 -22.08 16.78 -0.72
CA ILE H 166 -22.82 17.77 0.04
C ILE H 166 -22.58 19.21 -0.47
N LEU H 167 -21.32 19.59 -0.66
CA LEU H 167 -21.03 20.89 -1.28
C LEU H 167 -21.76 21.06 -2.62
N SER H 168 -21.69 20.05 -3.45
CA SER H 168 -22.34 20.12 -4.76
C SER H 168 -23.85 20.28 -4.58
N ALA H 169 -24.43 19.47 -3.70
CA ALA H 169 -25.88 19.52 -3.48
C ALA H 169 -26.31 20.89 -3.01
N GLN H 170 -25.46 21.56 -2.25
CA GLN H 170 -25.81 22.87 -1.72
C GLN H 170 -25.33 24.03 -2.60
N GLY H 171 -24.82 23.73 -3.80
CA GLY H 171 -24.33 24.76 -4.71
C GLY H 171 -23.13 25.53 -4.21
N ASN H 172 -22.31 24.89 -3.36
CA ASN H 172 -21.17 25.56 -2.75
C ASN H 172 -19.82 25.04 -3.27
N LEU H 173 -19.87 24.04 -4.14
CA LEU H 173 -18.65 23.41 -4.62
C LEU H 173 -17.86 24.27 -5.61
N GLU H 174 -18.55 24.87 -6.57
CA GLU H 174 -17.92 25.82 -7.47
C GLU H 174 -17.18 26.94 -6.71
N ALA H 175 -17.82 27.54 -5.72
CA ALA H 175 -17.17 28.57 -4.89
C ALA H 175 -15.94 28.06 -4.13
N ALA H 176 -15.98 26.81 -3.69
CA ALA H 176 -14.83 26.23 -3.00
C ALA H 176 -13.68 26.03 -3.98
N HIS H 177 -14.01 25.71 -5.24
CA HIS H 177 -13.01 25.50 -6.28
C HIS H 177 -12.44 26.83 -6.76
N SER H 178 -13.26 27.89 -6.73
CA SER H 178 -12.88 29.18 -7.30
C SER H 178 -11.64 29.76 -6.62
N VAL H 179 -11.43 29.38 -5.36
CA VAL H 179 -10.23 29.80 -4.64
C VAL H 179 -8.94 29.38 -5.37
N TYR H 180 -9.06 28.35 -6.21
CA TYR H 180 -7.90 27.75 -6.87
C TYR H 180 -7.92 27.92 -8.39
N LEU H 181 -8.92 28.63 -8.90
CA LEU H 181 -9.03 28.85 -10.35
C LEU H 181 -8.89 30.35 -10.68
N GLU H 182 -8.51 31.14 -9.68
CA GLU H 182 -8.34 32.57 -9.86
C GLU H 182 -6.88 32.93 -10.12
N GLU I 6 -11.97 -16.73 -64.63
CA GLU I 6 -11.75 -15.29 -64.39
C GLU I 6 -12.57 -14.77 -63.21
N THR I 7 -13.28 -15.69 -62.54
CA THR I 7 -14.09 -15.35 -61.37
C THR I 7 -13.24 -14.62 -60.31
N MET I 8 -13.90 -13.89 -59.41
CA MET I 8 -13.20 -13.24 -58.32
C MET I 8 -12.77 -14.27 -57.27
N SER I 9 -13.37 -15.45 -57.35
CA SER I 9 -13.05 -16.57 -56.48
C SER I 9 -11.79 -17.31 -56.97
N GLN I 10 -11.79 -17.69 -58.24
CA GLN I 10 -10.66 -18.39 -58.85
C GLN I 10 -9.44 -17.48 -58.99
N ASP I 11 -9.68 -16.17 -58.93
CA ASP I 11 -8.58 -15.21 -58.84
C ASP I 11 -7.89 -15.37 -57.49
N LEU I 12 -8.68 -15.32 -56.42
CA LEU I 12 -8.18 -15.49 -55.07
C LEU I 12 -7.46 -16.83 -54.90
N MET I 13 -8.07 -17.91 -55.38
CA MET I 13 -7.45 -19.22 -55.28
CA MET I 13 -7.48 -19.24 -55.34
C MET I 13 -6.10 -19.27 -56.01
N GLN I 14 -6.02 -18.64 -57.18
CA GLN I 14 -4.76 -18.56 -57.93
C GLN I 14 -3.71 -17.77 -57.18
N ARG I 15 -4.11 -16.64 -56.58
CA ARG I 15 -3.19 -15.85 -55.78
C ARG I 15 -2.78 -16.63 -54.53
N GLY I 16 -3.62 -17.58 -54.14
CA GLY I 16 -3.38 -18.39 -52.94
C GLY I 16 -2.26 -19.43 -53.08
N LYS I 17 -2.05 -19.94 -54.29
CA LYS I 17 -1.09 -21.03 -54.52
C LYS I 17 0.34 -20.67 -54.15
N ALA I 18 0.77 -19.46 -54.47
CA ALA I 18 2.16 -19.05 -54.31
C ALA I 18 2.57 -18.60 -52.91
N ILE I 19 1.61 -18.56 -51.98
CA ILE I 19 1.86 -17.95 -50.68
C ILE I 19 2.78 -18.79 -49.78
N LYS I 20 3.76 -18.13 -49.18
CA LYS I 20 4.68 -18.80 -48.27
C LYS I 20 4.72 -18.04 -46.95
N LEU I 21 4.25 -16.79 -46.99
CA LEU I 21 4.15 -15.97 -45.77
C LEU I 21 2.76 -15.34 -45.67
N ALA I 22 2.10 -15.57 -44.54
CA ALA I 22 0.83 -14.91 -44.24
C ALA I 22 1.03 -13.89 -43.13
N VAL I 23 0.58 -12.67 -43.36
CA VAL I 23 0.80 -11.57 -42.42
C VAL I 23 -0.51 -10.97 -41.92
N PHE I 24 -0.59 -10.78 -40.61
CA PHE I 24 -1.81 -10.27 -39.98
C PHE I 24 -1.58 -8.94 -39.31
N ASP I 25 -2.51 -8.02 -39.54
CA ASP I 25 -2.69 -6.87 -38.66
C ASP I 25 -3.29 -7.44 -37.37
N VAL I 26 -3.15 -6.72 -36.25
CA VAL I 26 -3.83 -7.15 -35.05
C VAL I 26 -5.25 -6.57 -34.91
N ASP I 27 -5.33 -5.30 -34.57
CA ASP I 27 -6.59 -4.69 -34.18
C ASP I 27 -7.54 -4.55 -35.37
N GLY I 28 -8.70 -5.19 -35.26
CA GLY I 28 -9.67 -5.16 -36.34
C GLY I 28 -9.59 -6.41 -37.19
N VAL I 29 -8.52 -7.19 -37.01
CA VAL I 29 -8.27 -8.38 -37.82
C VAL I 29 -8.19 -9.61 -36.93
N LEU I 30 -7.23 -9.61 -36.00
CA LEU I 30 -7.22 -10.67 -34.99
C LEU I 30 -8.17 -10.36 -33.81
N THR I 31 -8.54 -9.08 -33.68
CA THR I 31 -9.58 -8.65 -32.72
C THR I 31 -10.71 -8.02 -33.48
N ASP I 32 -11.78 -7.68 -32.77
CA ASP I 32 -12.93 -7.05 -33.44
C ASP I 32 -12.77 -5.54 -33.59
N GLY I 33 -11.60 -5.02 -33.29
CA GLY I 33 -11.40 -3.58 -33.45
C GLY I 33 -11.65 -2.83 -32.15
N ARG I 34 -12.16 -3.54 -31.14
CA ARG I 34 -12.41 -2.89 -29.85
C ARG I 34 -11.18 -2.78 -28.96
N LEU I 35 -11.09 -1.67 -28.23
CA LEU I 35 -10.00 -1.44 -27.29
C LEU I 35 -10.61 -1.32 -25.91
N TYR I 36 -10.24 -2.22 -25.01
CA TYR I 36 -10.75 -2.18 -23.66
C TYR I 36 -9.68 -1.48 -22.82
N PHE I 37 -10.07 -0.42 -22.10
CA PHE I 37 -9.18 0.30 -21.19
C PHE I 37 -9.72 0.28 -19.76
N MET I 38 -8.83 0.01 -18.80
CA MET I 38 -9.14 0.16 -17.38
C MET I 38 -8.70 1.57 -16.93
N GLU I 39 -9.02 1.95 -15.68
CA GLU I 39 -8.76 3.32 -15.22
C GLU I 39 -7.27 3.70 -15.23
N ASP I 40 -6.40 2.76 -14.84
CA ASP I 40 -4.94 2.97 -14.88
C ASP I 40 -4.40 3.03 -16.32
N GLY I 41 -5.27 2.82 -17.30
CA GLY I 41 -4.84 2.84 -18.70
C GLY I 41 -4.29 1.50 -19.15
N SER I 42 -4.32 0.49 -18.28
CA SER I 42 -4.01 -0.85 -18.74
C SER I 42 -5.08 -1.29 -19.73
N GLU I 43 -4.81 -2.39 -20.43
CA GLU I 43 -5.65 -2.82 -21.55
C GLU I 43 -6.03 -4.29 -21.44
N ILE I 44 -7.12 -4.64 -22.12
CA ILE I 44 -7.52 -6.03 -22.29
C ILE I 44 -7.74 -6.17 -23.79
N LYS I 45 -7.38 -7.32 -24.33
CA LYS I 45 -7.54 -7.60 -25.75
CA LYS I 45 -7.64 -7.56 -25.73
C LYS I 45 -8.25 -8.93 -25.91
N THR I 46 -9.07 -9.07 -26.94
CA THR I 46 -9.76 -10.34 -27.17
C THR I 46 -9.34 -10.97 -28.48
N PHE I 47 -9.12 -12.28 -28.46
CA PHE I 47 -8.87 -13.01 -29.69
C PHE I 47 -9.94 -14.10 -29.80
N ASN I 48 -9.91 -14.87 -30.89
CA ASN I 48 -10.98 -15.82 -31.15
C ASN I 48 -10.41 -17.22 -31.35
N THR I 49 -11.07 -18.24 -30.80
CA THR I 49 -10.48 -19.58 -30.88
C THR I 49 -10.51 -20.23 -32.27
N LEU I 50 -11.46 -19.83 -33.11
CA LEU I 50 -11.49 -20.32 -34.49
C LEU I 50 -10.27 -19.81 -35.25
N ASP I 51 -9.88 -18.57 -34.94
CA ASP I 51 -8.74 -17.94 -35.57
C ASP I 51 -7.49 -18.68 -35.13
N GLY I 52 -7.47 -19.13 -33.87
CA GLY I 52 -6.27 -19.78 -33.36
C GLY I 52 -6.05 -21.11 -34.06
N GLN I 53 -7.10 -21.91 -34.14
CA GLN I 53 -6.98 -23.20 -34.76
C GLN I 53 -6.54 -23.04 -36.21
N GLY I 54 -7.06 -22.01 -36.87
CA GLY I 54 -6.74 -21.77 -38.29
C GLY I 54 -5.29 -21.38 -38.50
N ILE I 55 -4.79 -20.48 -37.68
CA ILE I 55 -3.40 -20.10 -37.81
C ILE I 55 -2.46 -21.31 -37.57
N LYS I 56 -2.78 -22.13 -36.57
CA LYS I 56 -1.98 -23.31 -36.31
C LYS I 56 -1.97 -24.25 -37.52
N MET I 57 -3.10 -24.41 -38.19
CA MET I 57 -3.16 -25.34 -39.32
C MET I 57 -2.37 -24.75 -40.49
N LEU I 58 -2.47 -23.44 -40.69
CA LEU I 58 -1.75 -22.78 -41.77
C LEU I 58 -0.25 -22.94 -41.60
N ILE I 59 0.21 -22.81 -40.36
CA ILE I 59 1.61 -22.96 -40.04
C ILE I 59 2.06 -24.40 -40.27
N ALA I 60 1.25 -25.33 -39.81
CA ALA I 60 1.59 -26.74 -39.87
C ALA I 60 1.72 -27.21 -41.33
N SER I 61 1.02 -26.54 -42.23
CA SER I 61 1.11 -26.87 -43.64
C SER I 61 2.39 -26.28 -44.27
N GLY I 62 3.15 -25.52 -43.49
CA GLY I 62 4.43 -25.01 -43.98
C GLY I 62 4.40 -23.58 -44.49
N VAL I 63 3.32 -22.86 -44.21
CA VAL I 63 3.24 -21.44 -44.54
C VAL I 63 3.63 -20.67 -43.31
N THR I 64 4.65 -19.83 -43.41
CA THR I 64 5.11 -19.07 -42.25
C THR I 64 4.18 -17.86 -42.03
N THR I 65 4.11 -17.36 -40.80
CA THR I 65 3.16 -16.30 -40.48
C THR I 65 3.88 -15.13 -39.82
N ALA I 66 3.26 -13.97 -39.85
CA ALA I 66 3.85 -12.82 -39.18
C ALA I 66 2.77 -11.84 -38.78
N ILE I 67 3.14 -10.93 -37.89
CA ILE I 67 2.24 -9.90 -37.45
C ILE I 67 2.95 -8.56 -37.55
N ILE I 68 2.26 -7.56 -38.08
CA ILE I 68 2.78 -6.20 -38.12
C ILE I 68 1.71 -5.27 -37.59
N SER I 69 2.00 -4.63 -36.47
CA SER I 69 1.06 -3.74 -35.83
C SER I 69 1.72 -2.40 -35.56
N GLY I 70 0.92 -1.34 -35.63
CA GLY I 70 1.36 -0.01 -35.27
C GLY I 70 1.29 0.20 -33.76
N ARG I 71 0.57 -0.69 -33.06
N ARG I 71 0.60 -0.70 -33.05
CA ARG I 71 0.46 -0.61 -31.61
CA ARG I 71 0.49 -0.60 -31.62
C ARG I 71 1.52 -1.52 -30.97
C ARG I 71 1.45 -1.59 -30.96
N LYS I 72 1.62 -1.47 -29.66
CA LYS I 72 2.60 -2.29 -28.95
C LYS I 72 2.04 -2.75 -27.61
N THR I 73 2.06 -4.06 -27.37
CA THR I 73 1.54 -4.61 -26.11
C THR I 73 2.07 -6.01 -25.88
N ALA I 74 2.34 -6.33 -24.62
CA ALA I 74 2.73 -7.65 -24.25
C ALA I 74 1.65 -8.68 -24.58
N ILE I 75 0.39 -8.24 -24.61
CA ILE I 75 -0.73 -9.16 -24.86
C ILE I 75 -0.52 -9.85 -26.21
N VAL I 76 -0.10 -9.05 -27.19
CA VAL I 76 0.09 -9.51 -28.55
C VAL I 76 1.29 -10.45 -28.64
N GLU I 77 2.33 -10.13 -27.88
CA GLU I 77 3.52 -10.95 -27.87
C GLU I 77 3.18 -12.35 -27.38
N ARG I 78 2.40 -12.43 -26.31
CA ARG I 78 2.06 -13.70 -25.71
C ARG I 78 1.17 -14.53 -26.65
N ARG I 79 0.17 -13.86 -27.24
CA ARG I 79 -0.75 -14.51 -28.18
C ARG I 79 0.03 -15.09 -29.35
N ALA I 80 0.90 -14.28 -29.94
CA ALA I 80 1.75 -14.70 -31.06
C ALA I 80 2.60 -15.91 -30.70
N LYS I 81 3.22 -15.88 -29.52
CA LYS I 81 3.97 -17.03 -29.01
C LYS I 81 3.08 -18.25 -28.87
N SER I 82 1.92 -18.08 -28.26
CA SER I 82 1.02 -19.19 -28.02
CA SER I 82 1.02 -19.20 -28.02
C SER I 82 0.63 -19.90 -29.33
N LEU I 83 0.55 -19.15 -30.41
CA LEU I 83 0.12 -19.72 -31.70
C LEU I 83 1.25 -20.24 -32.57
N GLY I 84 2.48 -19.83 -32.26
CA GLY I 84 3.64 -20.23 -33.02
C GLY I 84 3.92 -19.30 -34.18
N ILE I 85 3.46 -18.07 -34.07
CA ILE I 85 3.73 -17.06 -35.09
C ILE I 85 5.20 -16.68 -35.00
N GLU I 86 5.93 -16.96 -36.07
CA GLU I 86 7.38 -16.79 -36.12
C GLU I 86 7.94 -15.38 -36.02
N HIS I 87 7.30 -14.44 -36.69
CA HIS I 87 7.81 -13.08 -36.82
C HIS I 87 6.80 -12.05 -36.35
N LEU I 88 7.19 -11.23 -35.40
CA LEU I 88 6.26 -10.26 -34.83
C LEU I 88 6.87 -8.87 -34.85
N PHE I 89 6.13 -7.88 -35.34
CA PHE I 89 6.59 -6.49 -35.34
C PHE I 89 5.51 -5.58 -34.76
N GLN I 90 5.82 -4.94 -33.63
CA GLN I 90 4.90 -3.98 -33.03
C GLN I 90 5.47 -2.56 -33.04
N GLY I 91 4.63 -1.57 -32.76
CA GLY I 91 5.05 -0.17 -32.73
C GLY I 91 5.44 0.40 -34.08
N ARG I 92 4.97 -0.23 -35.15
CA ARG I 92 5.39 0.13 -36.51
CA ARG I 92 5.39 0.14 -36.50
C ARG I 92 4.27 0.72 -37.34
N GLU I 93 4.32 2.03 -37.56
CA GLU I 93 3.36 2.73 -38.41
C GLU I 93 3.67 2.49 -39.90
N ASP I 94 4.97 2.37 -40.19
CA ASP I 94 5.48 2.13 -41.53
C ASP I 94 5.48 0.63 -41.88
N LYS I 95 4.31 0.07 -42.20
CA LYS I 95 4.20 -1.39 -42.33
C LYS I 95 4.92 -1.89 -43.60
N LEU I 96 4.92 -1.07 -44.65
CA LEU I 96 5.61 -1.47 -45.89
C LEU I 96 7.12 -1.57 -45.64
N VAL I 97 7.68 -0.60 -44.92
CA VAL I 97 9.10 -0.67 -44.58
C VAL I 97 9.38 -1.99 -43.87
N VAL I 98 8.63 -2.25 -42.80
CA VAL I 98 8.79 -3.47 -41.99
C VAL I 98 8.72 -4.72 -42.86
N LEU I 99 7.67 -4.81 -43.68
CA LEU I 99 7.48 -5.95 -44.55
C LEU I 99 8.68 -6.15 -45.47
N ASP I 100 9.17 -5.05 -46.05
CA ASP I 100 10.29 -5.11 -47.00
C ASP I 100 11.55 -5.67 -46.32
N LYS I 101 11.83 -5.19 -45.13
CA LYS I 101 12.92 -5.75 -44.35
C LYS I 101 12.77 -7.26 -44.20
N LEU I 102 11.61 -7.69 -43.72
CA LEU I 102 11.37 -9.11 -43.46
C LEU I 102 11.48 -9.98 -44.72
N LEU I 103 11.04 -9.42 -45.84
CA LEU I 103 11.09 -10.15 -47.12
C LEU I 103 12.52 -10.36 -47.64
N ALA I 104 13.39 -9.37 -47.44
CA ALA I 104 14.82 -9.53 -47.72
C ALA I 104 15.38 -10.63 -46.82
N GLU I 105 15.19 -10.48 -45.53
CA GLU I 105 15.59 -11.51 -44.57
C GLU I 105 15.15 -12.91 -45.00
N LEU I 106 13.92 -13.04 -45.47
CA LEU I 106 13.40 -14.33 -45.88
C LEU I 106 13.62 -14.64 -47.35
N GLN I 107 14.14 -13.70 -48.10
CA GLN I 107 14.33 -13.95 -49.50
C GLN I 107 13.04 -14.40 -50.19
N LEU I 108 11.99 -13.60 -50.05
CA LEU I 108 10.70 -13.89 -50.66
C LEU I 108 10.24 -12.66 -51.41
N GLY I 109 9.44 -12.81 -52.45
CA GLY I 109 8.90 -11.65 -53.17
C GLY I 109 7.47 -11.32 -52.75
N TYR I 110 6.98 -10.17 -53.19
CA TYR I 110 5.61 -9.74 -52.86
C TYR I 110 4.57 -10.81 -53.16
N GLU I 111 4.70 -11.50 -54.28
CA GLU I 111 3.66 -12.43 -54.73
C GLU I 111 3.54 -13.64 -53.82
N GLN I 112 4.57 -13.89 -53.02
CA GLN I 112 4.54 -14.98 -52.05
C GLN I 112 3.97 -14.52 -50.69
N VAL I 113 3.53 -13.28 -50.61
CA VAL I 113 2.94 -12.75 -49.35
C VAL I 113 1.42 -12.57 -49.41
N ALA I 114 0.76 -13.03 -48.35
CA ALA I 114 -0.65 -12.75 -48.15
C ALA I 114 -0.77 -11.84 -46.93
N TYR I 115 -1.71 -10.90 -46.98
CA TYR I 115 -1.90 -9.95 -45.89
C TYR I 115 -3.38 -9.67 -45.63
N LEU I 116 -3.75 -9.68 -44.35
CA LEU I 116 -5.12 -9.41 -43.92
C LEU I 116 -5.13 -8.15 -43.04
N GLY I 117 -5.77 -7.09 -43.52
CA GLY I 117 -5.83 -5.80 -42.81
C GLY I 117 -7.27 -5.29 -42.64
N ASP I 118 -7.40 -4.15 -41.96
CA ASP I 118 -8.72 -3.56 -41.73
C ASP I 118 -8.78 -2.04 -41.97
N ASP I 119 -7.63 -1.38 -42.02
CA ASP I 119 -7.63 0.07 -42.06
C ASP I 119 -6.46 0.63 -42.87
N LEU I 120 -6.51 1.93 -43.12
CA LEU I 120 -5.57 2.58 -44.03
C LEU I 120 -4.08 2.20 -43.85
N PRO I 121 -3.59 2.17 -42.59
CA PRO I 121 -2.16 1.85 -42.47
C PRO I 121 -1.77 0.50 -43.04
N ASP I 122 -2.75 -0.36 -43.32
CA ASP I 122 -2.51 -1.67 -43.95
C ASP I 122 -2.49 -1.60 -45.46
N LEU I 123 -3.04 -0.53 -46.03
CA LEU I 123 -3.31 -0.42 -47.46
C LEU I 123 -2.09 -0.48 -48.39
N PRO I 124 -1.00 0.24 -48.05
CA PRO I 124 0.19 0.17 -48.90
C PRO I 124 0.70 -1.28 -49.07
N VAL I 125 0.59 -2.08 -48.01
CA VAL I 125 0.95 -3.48 -48.10
C VAL I 125 -0.09 -4.29 -48.90
N ILE I 126 -1.38 -4.07 -48.61
CA ILE I 126 -2.43 -4.83 -49.28
C ILE I 126 -2.32 -4.65 -50.80
N ARG I 127 -1.91 -3.46 -51.22
CA ARG I 127 -1.91 -3.15 -52.64
C ARG I 127 -0.78 -3.87 -53.35
N ARG I 128 0.30 -4.15 -52.63
CA ARG I 128 1.50 -4.68 -53.27
C ARG I 128 1.64 -6.20 -53.21
N VAL I 129 1.02 -6.84 -52.23
CA VAL I 129 1.23 -8.28 -52.05
C VAL I 129 0.35 -9.14 -52.96
N GLY I 130 0.72 -10.41 -53.06
CA GLY I 130 0.07 -11.34 -53.97
C GLY I 130 -1.36 -11.63 -53.56
N LEU I 131 -1.61 -11.69 -52.26
CA LEU I 131 -2.95 -11.88 -51.76
C LEU I 131 -3.25 -10.88 -50.64
N GLY I 132 -3.70 -9.71 -51.03
CA GLY I 132 -3.97 -8.64 -50.06
C GLY I 132 -5.46 -8.56 -49.81
N MET I 133 -5.88 -8.97 -48.63
CA MET I 133 -7.29 -9.05 -48.30
C MET I 133 -7.69 -8.15 -47.11
N ALA I 134 -8.94 -7.71 -47.12
CA ALA I 134 -9.49 -6.92 -46.04
C ALA I 134 -10.55 -7.74 -45.34
N VAL I 135 -10.74 -7.53 -44.05
CA VAL I 135 -11.86 -8.15 -43.36
C VAL I 135 -13.21 -7.44 -43.67
N ALA I 136 -14.32 -8.13 -43.40
CA ALA I 136 -15.63 -7.57 -43.70
C ALA I 136 -15.87 -6.22 -43.00
N ASN I 137 -15.32 -6.08 -41.80
CA ASN I 137 -15.48 -4.84 -41.03
C ASN I 137 -14.44 -3.78 -41.37
N ALA I 138 -13.61 -4.05 -42.38
CA ALA I 138 -12.58 -3.07 -42.74
C ALA I 138 -13.18 -1.75 -43.26
N ALA I 139 -12.42 -0.67 -43.13
CA ALA I 139 -12.81 0.60 -43.73
C ALA I 139 -13.12 0.40 -45.20
N SER I 140 -14.17 1.05 -45.70
CA SER I 140 -14.61 0.82 -47.06
C SER I 140 -13.53 1.15 -48.09
N PHE I 141 -12.81 2.25 -47.90
CA PHE I 141 -11.74 2.58 -48.81
C PHE I 141 -10.75 1.42 -48.89
N VAL I 142 -10.47 0.80 -47.75
CA VAL I 142 -9.57 -0.36 -47.73
C VAL I 142 -10.18 -1.57 -48.45
N ARG I 143 -11.43 -1.89 -48.15
CA ARG I 143 -12.15 -2.95 -48.85
C ARG I 143 -12.20 -2.70 -50.36
N GLU I 144 -12.38 -1.45 -50.77
CA GLU I 144 -12.53 -1.13 -52.19
C GLU I 144 -11.21 -1.21 -52.96
N HIS I 145 -10.09 -1.39 -52.24
CA HIS I 145 -8.77 -1.50 -52.88
C HIS I 145 -8.00 -2.78 -52.54
N ALA I 146 -8.71 -3.78 -52.02
CA ALA I 146 -8.10 -5.08 -51.69
C ALA I 146 -8.46 -6.06 -52.79
N HIS I 147 -7.70 -7.16 -52.94
CA HIS I 147 -8.03 -8.19 -53.93
C HIS I 147 -9.27 -8.97 -53.50
N GLY I 148 -9.52 -9.00 -52.20
CA GLY I 148 -10.61 -9.76 -51.66
C GLY I 148 -11.00 -9.30 -50.27
N ILE I 149 -12.24 -9.60 -49.89
CA ILE I 149 -12.76 -9.29 -48.57
C ILE I 149 -13.27 -10.59 -47.98
N THR I 150 -12.93 -10.86 -46.73
CA THR I 150 -13.52 -12.03 -46.07
C THR I 150 -14.99 -11.75 -45.75
N ARG I 151 -15.78 -12.82 -45.67
CA ARG I 151 -17.15 -12.71 -45.26
C ARG I 151 -17.23 -12.50 -43.75
N ALA I 152 -16.35 -13.16 -43.01
CA ALA I 152 -16.39 -12.99 -41.57
C ALA I 152 -15.67 -11.69 -41.17
N GLN I 153 -16.05 -11.15 -40.01
CA GLN I 153 -15.50 -9.90 -39.51
C GLN I 153 -14.25 -10.16 -38.71
N GLY I 154 -13.45 -9.12 -38.50
CA GLY I 154 -12.29 -9.24 -37.61
C GLY I 154 -12.71 -9.75 -36.24
N GLY I 155 -11.92 -10.68 -35.69
CA GLY I 155 -12.15 -11.20 -34.35
C GLY I 155 -13.36 -12.11 -34.24
N GLU I 156 -13.91 -12.51 -35.39
CA GLU I 156 -15.05 -13.39 -35.44
C GLU I 156 -14.84 -14.46 -36.52
N GLY I 157 -13.58 -14.82 -36.73
CA GLY I 157 -13.28 -15.88 -37.66
C GLY I 157 -12.79 -15.42 -39.01
N ALA I 158 -12.52 -14.13 -39.18
CA ALA I 158 -11.94 -13.66 -40.44
C ALA I 158 -10.58 -14.27 -40.73
N ALA I 159 -9.74 -14.34 -39.69
CA ALA I 159 -8.40 -14.89 -39.86
C ALA I 159 -8.50 -16.37 -40.17
N ARG I 160 -9.40 -17.07 -39.51
CA ARG I 160 -9.64 -18.48 -39.82
C ARG I 160 -10.01 -18.66 -41.31
N GLU I 161 -10.93 -17.84 -41.79
CA GLU I 161 -11.36 -17.85 -43.20
C GLU I 161 -10.20 -17.60 -44.16
N PHE I 162 -9.40 -16.60 -43.84
CA PHE I 162 -8.18 -16.26 -44.58
C PHE I 162 -7.20 -17.45 -44.62
N CYS I 163 -7.01 -18.12 -43.47
CA CYS I 163 -6.16 -19.31 -43.38
C CYS I 163 -6.72 -20.43 -44.26
N GLU I 164 -8.01 -20.68 -44.17
CA GLU I 164 -8.59 -21.79 -44.92
C GLU I 164 -8.55 -21.55 -46.43
N LEU I 165 -8.66 -20.29 -46.82
CA LEU I 165 -8.52 -19.89 -48.23
C LEU I 165 -7.13 -20.29 -48.79
N ILE I 166 -6.07 -19.97 -48.04
CA ILE I 166 -4.72 -20.29 -48.46
C ILE I 166 -4.48 -21.81 -48.45
N LEU I 167 -4.92 -22.46 -47.38
CA LEU I 167 -4.85 -23.91 -47.29
C LEU I 167 -5.57 -24.56 -48.45
N SER I 168 -6.82 -24.18 -48.69
CA SER I 168 -7.59 -24.76 -49.78
CA SER I 168 -7.61 -24.75 -49.79
C SER I 168 -6.96 -24.49 -51.15
N ALA I 169 -6.45 -23.27 -51.37
CA ALA I 169 -5.76 -22.92 -52.62
C ALA I 169 -4.56 -23.82 -52.92
N GLN I 170 -3.87 -24.21 -51.86
CA GLN I 170 -2.67 -25.02 -51.98
C GLN I 170 -3.00 -26.50 -51.82
N GLY I 171 -4.30 -26.81 -51.77
CA GLY I 171 -4.79 -28.19 -51.72
C GLY I 171 -4.61 -28.88 -50.38
N ASN I 172 -4.15 -28.13 -49.37
CA ASN I 172 -3.81 -28.72 -48.08
C ASN I 172 -4.91 -28.74 -47.04
N LEU I 173 -6.08 -28.22 -47.38
CA LEU I 173 -7.18 -28.22 -46.41
C LEU I 173 -7.72 -29.64 -46.09
N GLU I 174 -7.94 -30.48 -47.12
CA GLU I 174 -8.45 -31.84 -46.87
C GLU I 174 -7.59 -32.65 -45.90
N ALA I 175 -6.27 -32.59 -46.06
CA ALA I 175 -5.35 -33.31 -45.19
C ALA I 175 -5.36 -32.79 -43.77
N ALA I 176 -5.49 -31.47 -43.62
CA ALA I 176 -5.56 -30.91 -42.28
C ALA I 176 -6.84 -31.40 -41.61
N HIS I 177 -7.92 -31.51 -42.39
CA HIS I 177 -9.17 -32.06 -41.86
C HIS I 177 -9.08 -33.55 -41.56
N SER I 178 -8.28 -34.28 -42.34
CA SER I 178 -8.16 -35.73 -42.20
CA SER I 178 -8.17 -35.73 -42.19
C SER I 178 -7.76 -36.14 -40.78
N VAL I 179 -6.90 -35.34 -40.16
CA VAL I 179 -6.46 -35.55 -38.78
C VAL I 179 -7.65 -35.81 -37.84
N TYR I 180 -8.81 -35.25 -38.19
CA TYR I 180 -9.98 -35.27 -37.31
C TYR I 180 -11.13 -36.12 -37.88
N LEU I 181 -10.84 -36.91 -38.90
CA LEU I 181 -11.85 -37.76 -39.53
C LEU I 181 -11.57 -39.26 -39.37
N GLU I 182 -10.30 -39.62 -39.13
CA GLU I 182 -9.92 -41.00 -38.95
C GLU I 182 -10.55 -41.62 -37.69
N GLN J 10 24.02 -24.16 9.76
CA GLN J 10 24.32 -24.28 11.22
C GLN J 10 23.72 -23.14 12.07
N ASP J 11 22.67 -23.46 12.81
CA ASP J 11 21.91 -22.51 13.64
C ASP J 11 22.84 -21.69 14.55
N LEU J 12 22.31 -20.61 15.13
CA LEU J 12 23.03 -19.91 16.19
C LEU J 12 23.03 -20.80 17.43
N MET J 13 21.89 -21.45 17.65
CA MET J 13 21.73 -22.44 18.71
C MET J 13 22.78 -23.53 18.54
N GLN J 14 22.88 -24.03 17.32
CA GLN J 14 23.88 -25.04 16.95
C GLN J 14 25.29 -24.60 17.38
N ARG J 15 25.67 -23.37 17.04
CA ARG J 15 27.00 -22.85 17.38
C ARG J 15 27.17 -22.66 18.90
N GLY J 16 26.10 -22.24 19.56
CA GLY J 16 26.12 -22.06 21.01
C GLY J 16 26.46 -23.32 21.80
N LYS J 17 25.99 -24.47 21.32
CA LYS J 17 26.24 -25.76 21.97
C LYS J 17 27.66 -25.93 22.51
N ALA J 18 28.66 -25.74 21.66
CA ALA J 18 30.05 -26.10 21.98
C ALA J 18 30.87 -25.04 22.73
N ILE J 19 30.25 -23.91 23.04
CA ILE J 19 30.97 -22.78 23.62
C ILE J 19 31.45 -23.05 25.06
N LYS J 20 32.74 -22.95 25.28
CA LYS J 20 33.27 -23.06 26.64
C LYS J 20 33.93 -21.77 27.14
N LEU J 21 34.20 -20.83 26.22
CA LEU J 21 34.74 -19.53 26.60
C LEU J 21 34.00 -18.40 25.88
N ALA J 22 33.45 -17.46 26.64
CA ALA J 22 32.79 -16.31 26.06
C ALA J 22 33.64 -15.05 26.27
N VAL J 23 33.92 -14.33 25.19
CA VAL J 23 34.83 -13.19 25.26
C VAL J 23 34.09 -11.90 24.88
N PHE J 24 34.36 -10.82 25.62
CA PHE J 24 33.68 -9.55 25.39
C PHE J 24 34.66 -8.44 25.03
N ASP J 25 34.33 -7.64 24.02
CA ASP J 25 34.95 -6.33 23.88
C ASP J 25 34.38 -5.47 25.02
N VAL J 26 35.05 -4.35 25.34
CA VAL J 26 34.47 -3.43 26.33
C VAL J 26 33.62 -2.32 25.67
N ASP J 27 34.28 -1.39 24.99
CA ASP J 27 33.59 -0.20 24.50
C ASP J 27 32.67 -0.51 23.33
N GLY J 28 31.38 -0.23 23.52
CA GLY J 28 30.39 -0.44 22.48
C GLY J 28 29.69 -1.78 22.70
N VAL J 29 30.30 -2.63 23.52
CA VAL J 29 29.72 -3.93 23.84
C VAL J 29 29.23 -3.97 25.29
N LEU J 30 30.14 -3.73 26.22
CA LEU J 30 29.74 -3.60 27.64
C LEU J 30 29.27 -2.20 27.98
N THR J 31 29.72 -1.23 27.20
CA THR J 31 29.26 0.14 27.29
C THR J 31 28.51 0.43 26.02
N ASP J 32 27.86 1.58 25.98
CA ASP J 32 27.15 2.05 24.80
C ASP J 32 28.12 2.73 23.82
N GLY J 33 29.41 2.76 24.14
CA GLY J 33 30.39 3.34 23.23
C GLY J 33 30.74 4.79 23.51
N ARG J 34 30.07 5.40 24.49
CA ARG J 34 30.41 6.76 24.90
C ARG J 34 31.67 6.73 25.76
N LEU J 35 32.52 7.74 25.61
CA LEU J 35 33.65 7.89 26.50
C LEU J 35 33.43 9.25 27.18
N TYR J 36 33.46 9.25 28.50
CA TYR J 36 33.19 10.46 29.24
C TYR J 36 34.55 10.94 29.70
N PHE J 37 34.85 12.22 29.48
CA PHE J 37 36.15 12.76 29.89
C PHE J 37 35.97 13.98 30.79
N MET J 38 36.76 14.05 31.85
CA MET J 38 36.75 15.19 32.75
C MET J 38 37.95 16.11 32.42
N GLU J 39 37.96 17.32 32.95
CA GLU J 39 39.00 18.28 32.58
C GLU J 39 40.42 17.83 32.90
N ASP J 40 40.57 17.11 34.00
CA ASP J 40 41.88 16.55 34.36
C ASP J 40 42.17 15.26 33.59
N GLY J 41 41.35 14.93 32.59
CA GLY J 41 41.61 13.76 31.75
C GLY J 41 41.19 12.39 32.28
N SER J 42 40.64 12.32 33.49
CA SER J 42 40.14 11.02 33.99
C SER J 42 38.79 10.69 33.32
N GLU J 43 38.39 9.44 33.39
CA GLU J 43 37.24 8.99 32.61
C GLU J 43 36.08 8.55 33.47
N ILE J 44 34.92 8.45 32.84
CA ILE J 44 33.79 7.78 33.40
C ILE J 44 33.36 6.78 32.35
N LYS J 45 32.83 5.66 32.78
CA LYS J 45 32.37 4.68 31.83
C LYS J 45 31.07 4.11 32.39
N THR J 46 30.16 3.70 31.50
CA THR J 46 28.88 3.20 31.94
C THR J 46 28.70 1.72 31.57
N PHE J 47 28.12 0.95 32.49
CA PHE J 47 27.80 -0.46 32.26
C PHE J 47 26.33 -0.62 32.56
N ASN J 48 25.81 -1.83 32.36
CA ASN J 48 24.38 -2.03 32.47
C ASN J 48 24.10 -3.23 33.36
N THR J 49 23.12 -3.09 34.23
CA THR J 49 22.80 -4.09 35.25
C THR J 49 22.19 -5.36 34.63
N LEU J 50 21.38 -5.22 33.59
CA LEU J 50 20.91 -6.44 32.88
C LEU J 50 22.10 -7.25 32.44
N ASP J 51 23.15 -6.55 31.98
CA ASP J 51 24.37 -7.22 31.51
C ASP J 51 25.11 -7.98 32.61
N GLY J 52 25.23 -7.37 33.79
CA GLY J 52 25.96 -8.01 34.88
C GLY J 52 25.29 -9.32 35.33
N GLN J 53 23.97 -9.28 35.47
CA GLN J 53 23.18 -10.45 35.78
C GLN J 53 23.41 -11.56 34.74
N GLY J 54 23.30 -11.20 33.47
CA GLY J 54 23.48 -12.17 32.40
C GLY J 54 24.84 -12.81 32.46
N ILE J 55 25.87 -12.00 32.70
CA ILE J 55 27.22 -12.52 32.74
C ILE J 55 27.48 -13.42 33.96
N LYS J 56 26.87 -13.08 35.10
CA LYS J 56 27.03 -13.91 36.30
C LYS J 56 26.37 -15.27 36.09
N MET J 57 25.21 -15.28 35.43
CA MET J 57 24.51 -16.53 35.14
C MET J 57 25.28 -17.42 34.16
N LEU J 58 25.94 -16.80 33.19
CA LEU J 58 26.75 -17.53 32.22
C LEU J 58 27.94 -18.18 32.93
N ILE J 59 28.55 -17.44 33.84
CA ILE J 59 29.71 -17.96 34.57
C ILE J 59 29.26 -19.12 35.47
N ALA J 60 28.16 -18.92 36.15
CA ALA J 60 27.67 -19.87 37.12
C ALA J 60 27.38 -21.21 36.43
N SER J 61 27.10 -21.18 35.14
CA SER J 61 26.78 -22.41 34.40
C SER J 61 28.01 -23.13 33.90
N GLY J 62 29.19 -22.55 34.09
CA GLY J 62 30.42 -23.22 33.71
C GLY J 62 31.10 -22.71 32.45
N VAL J 63 30.57 -21.65 31.84
CA VAL J 63 31.28 -20.99 30.75
C VAL J 63 32.27 -19.96 31.28
N THR J 64 33.55 -20.11 30.95
CA THR J 64 34.57 -19.13 31.33
C THR J 64 34.40 -17.88 30.52
N THR J 65 34.84 -16.75 31.06
CA THR J 65 34.72 -15.49 30.35
C THR J 65 36.05 -14.74 30.29
N ALA J 66 36.13 -13.80 29.37
CA ALA J 66 37.32 -12.99 29.23
C ALA J 66 36.96 -11.66 28.60
N ILE J 67 37.77 -10.66 28.90
CA ILE J 67 37.66 -9.39 28.21
C ILE J 67 38.95 -9.10 27.47
N ILE J 68 38.82 -8.69 26.20
CA ILE J 68 39.94 -8.20 25.44
C ILE J 68 39.63 -6.79 24.98
N SER J 69 40.33 -5.81 25.55
CA SER J 69 40.14 -4.42 25.15
C SER J 69 41.44 -3.79 24.69
N GLY J 70 41.34 -2.92 23.68
CA GLY J 70 42.50 -2.17 23.18
C GLY J 70 42.85 -1.01 24.10
N ARG J 71 41.86 -0.53 24.84
CA ARG J 71 42.07 0.56 25.78
CA ARG J 71 42.08 0.55 25.78
C ARG J 71 42.44 -0.02 27.15
N LYS J 72 42.74 0.85 28.10
CA LYS J 72 43.15 0.38 29.42
C LYS J 72 42.68 1.34 30.50
N THR J 73 41.99 0.82 31.50
CA THR J 73 41.47 1.67 32.59
C THR J 73 41.12 0.85 33.83
N ALA J 74 41.39 1.41 35.01
CA ALA J 74 41.06 0.76 36.28
C ALA J 74 39.56 0.46 36.42
N ILE J 75 38.73 1.27 35.76
CA ILE J 75 37.29 1.08 35.79
C ILE J 75 36.97 -0.33 35.27
N VAL J 76 37.60 -0.69 34.17
CA VAL J 76 37.33 -1.98 33.53
C VAL J 76 37.82 -3.16 34.40
N GLU J 77 38.98 -3.02 35.03
CA GLU J 77 39.47 -4.09 35.90
C GLU J 77 38.57 -4.25 37.10
N ARG J 78 38.05 -3.14 37.61
CA ARG J 78 37.15 -3.21 38.74
C ARG J 78 35.85 -3.88 38.33
N ARG J 79 35.33 -3.50 37.16
CA ARG J 79 34.08 -4.07 36.70
C ARG J 79 34.28 -5.55 36.45
N ALA J 80 35.31 -5.91 35.70
CA ALA J 80 35.60 -7.32 35.46
C ALA J 80 35.66 -8.11 36.76
N LYS J 81 36.51 -7.68 37.70
CA LYS J 81 36.64 -8.37 38.97
C LYS J 81 35.28 -8.54 39.60
N SER J 82 34.49 -7.48 39.56
CA SER J 82 33.20 -7.44 40.19
C SER J 82 32.22 -8.48 39.63
N LEU J 83 32.37 -8.79 38.35
CA LEU J 83 31.46 -9.72 37.70
C LEU J 83 31.96 -11.17 37.76
N GLY J 84 33.23 -11.35 38.12
CA GLY J 84 33.82 -12.69 38.20
C GLY J 84 34.52 -13.08 36.92
N ILE J 85 34.67 -12.13 36.01
CA ILE J 85 35.32 -12.44 34.76
C ILE J 85 36.75 -12.92 35.02
N GLU J 86 37.08 -14.11 34.56
CA GLU J 86 38.35 -14.74 34.92
C GLU J 86 39.61 -14.19 34.23
N HIS J 87 39.50 -13.83 32.95
CA HIS J 87 40.65 -13.37 32.18
C HIS J 87 40.45 -11.98 31.56
N LEU J 88 41.29 -11.02 31.93
CA LEU J 88 41.15 -9.65 31.46
C LEU J 88 42.39 -9.19 30.70
N PHE J 89 42.23 -8.78 29.45
CA PHE J 89 43.34 -8.23 28.69
C PHE J 89 43.04 -6.81 28.22
N GLN J 90 43.81 -5.85 28.74
CA GLN J 90 43.67 -4.45 28.37
C GLN J 90 44.89 -3.94 27.57
N GLY J 91 44.73 -2.79 26.94
CA GLY J 91 45.78 -2.21 26.09
C GLY J 91 46.29 -3.07 24.94
N ARG J 92 45.42 -3.45 24.01
CA ARG J 92 45.82 -4.33 22.90
C ARG J 92 44.82 -4.30 21.75
N GLU J 93 45.28 -3.95 20.55
CA GLU J 93 44.41 -4.03 19.35
C GLU J 93 44.58 -5.37 18.65
N ASP J 94 45.76 -5.96 18.83
CA ASP J 94 46.04 -7.31 18.36
C ASP J 94 45.24 -8.29 19.20
N LYS J 95 43.94 -8.43 18.89
CA LYS J 95 43.07 -9.23 19.74
C LYS J 95 43.18 -10.73 19.46
N LEU J 96 43.47 -11.09 18.21
CA LEU J 96 43.66 -12.49 17.84
C LEU J 96 44.92 -13.03 18.50
N VAL J 97 46.00 -12.29 18.39
CA VAL J 97 47.25 -12.66 19.04
C VAL J 97 46.90 -13.11 20.44
N VAL J 98 46.22 -12.22 21.16
CA VAL J 98 45.87 -12.45 22.56
C VAL J 98 44.94 -13.65 22.75
N LEU J 99 43.90 -13.75 21.95
CA LEU J 99 42.98 -14.88 22.07
C LEU J 99 43.70 -16.20 21.87
N ASP J 100 44.77 -16.19 21.07
CA ASP J 100 45.54 -17.40 20.79
C ASP J 100 46.40 -17.83 21.98
N LYS J 101 47.05 -16.88 22.64
CA LYS J 101 47.80 -17.17 23.87
C LYS J 101 46.88 -17.76 24.92
N LEU J 102 45.62 -17.32 24.88
CA LEU J 102 44.62 -17.80 25.80
C LEU J 102 44.11 -19.17 25.36
N LEU J 103 43.80 -19.31 24.07
CA LEU J 103 43.28 -20.57 23.55
C LEU J 103 44.32 -21.70 23.64
N ALA J 104 45.59 -21.31 23.71
CA ALA J 104 46.67 -22.27 23.91
C ALA J 104 46.71 -22.65 25.39
N GLU J 105 46.77 -21.63 26.24
CA GLU J 105 46.74 -21.82 27.68
C GLU J 105 45.55 -22.67 28.14
N LEU J 106 44.34 -22.30 27.72
CA LEU J 106 43.12 -23.00 28.13
C LEU J 106 42.91 -24.27 27.32
N GLN J 107 43.65 -24.39 26.22
CA GLN J 107 43.60 -25.57 25.37
C GLN J 107 42.23 -25.80 24.77
N LEU J 108 41.78 -24.83 23.97
CA LEU J 108 40.49 -24.91 23.31
C LEU J 108 40.59 -24.53 21.84
N GLY J 109 39.66 -25.04 21.03
CA GLY J 109 39.62 -24.68 19.62
C GLY J 109 38.69 -23.51 19.36
N TYR J 110 38.95 -22.77 18.28
CA TYR J 110 38.12 -21.61 17.92
C TYR J 110 36.63 -21.91 18.03
N GLU J 111 36.22 -23.10 17.61
CA GLU J 111 34.80 -23.45 17.57
C GLU J 111 34.17 -23.48 18.97
N GLN J 112 35.02 -23.39 20.00
CA GLN J 112 34.58 -23.41 21.40
C GLN J 112 34.54 -22.01 22.01
N VAL J 113 34.79 -20.99 21.19
CA VAL J 113 34.85 -19.60 21.64
C VAL J 113 33.71 -18.76 21.07
N ALA J 114 32.97 -18.10 21.96
CA ALA J 114 31.98 -17.12 21.54
C ALA J 114 32.59 -15.72 21.75
N TYR J 115 32.22 -14.76 20.90
CA TYR J 115 32.74 -13.39 21.03
C TYR J 115 31.70 -12.36 20.64
N LEU J 116 31.54 -11.33 21.48
CA LEU J 116 30.65 -10.23 21.21
C LEU J 116 31.48 -8.96 20.96
N GLY J 117 31.31 -8.32 19.81
CA GLY J 117 32.13 -7.16 19.45
C GLY J 117 31.32 -6.07 18.79
N ASP J 118 31.95 -4.94 18.49
CA ASP J 118 31.20 -3.83 17.89
C ASP J 118 31.94 -3.02 16.83
N ASP J 119 33.25 -3.24 16.69
CA ASP J 119 34.03 -2.47 15.70
C ASP J 119 35.17 -3.28 15.08
N LEU J 120 35.94 -2.62 14.24
CA LEU J 120 36.88 -3.31 13.35
C LEU J 120 37.91 -4.18 14.05
N PRO J 121 38.52 -3.68 15.14
CA PRO J 121 39.55 -4.46 15.81
C PRO J 121 38.99 -5.77 16.39
N ASP J 122 37.68 -5.94 16.31
CA ASP J 122 37.02 -7.15 16.80
C ASP J 122 36.83 -8.14 15.66
N LEU J 123 36.90 -7.62 14.44
CA LEU J 123 36.53 -8.42 13.27
C LEU J 123 37.33 -9.70 13.03
N PRO J 124 38.66 -9.64 13.21
CA PRO J 124 39.48 -10.83 12.96
C PRO J 124 39.11 -11.98 13.88
N VAL J 125 38.66 -11.66 15.09
CA VAL J 125 38.22 -12.69 16.03
C VAL J 125 36.83 -13.14 15.63
N ILE J 126 35.90 -12.20 15.52
CA ILE J 126 34.54 -12.54 15.15
C ILE J 126 34.51 -13.44 13.93
N ARG J 127 35.42 -13.17 13.00
CA ARG J 127 35.55 -13.95 11.77
C ARG J 127 35.88 -15.42 12.05
N ARG J 128 36.76 -15.62 13.01
CA ARG J 128 37.23 -16.95 13.37
C ARG J 128 36.50 -17.86 14.35
N VAL J 129 36.02 -17.32 15.45
CA VAL J 129 35.40 -18.08 16.52
C VAL J 129 34.14 -18.78 16.15
N GLY J 130 33.77 -19.73 16.99
CA GLY J 130 32.58 -20.54 16.81
C GLY J 130 31.32 -19.73 16.81
N LEU J 131 31.24 -18.75 17.69
CA LEU J 131 30.11 -17.84 17.74
C LEU J 131 30.60 -16.41 17.82
N GLY J 132 30.74 -15.77 16.68
CA GLY J 132 31.18 -14.38 16.60
C GLY J 132 29.98 -13.50 16.35
N MET J 133 29.60 -12.71 17.34
CA MET J 133 28.41 -11.90 17.22
C MET J 133 28.74 -10.42 17.35
N ALA J 134 27.85 -9.59 16.85
CA ALA J 134 28.02 -8.16 16.93
C ALA J 134 26.79 -7.58 17.62
N VAL J 135 26.97 -6.46 18.31
CA VAL J 135 25.86 -5.77 18.94
C VAL J 135 25.06 -4.94 17.90
N ALA J 136 23.83 -4.57 18.21
CA ALA J 136 23.02 -3.84 17.24
C ALA J 136 23.63 -2.49 16.80
N ASN J 137 24.39 -1.86 17.70
CA ASN J 137 25.05 -0.60 17.37
C ASN J 137 26.43 -0.79 16.72
N ALA J 138 26.80 -2.02 16.42
CA ALA J 138 28.12 -2.27 15.82
C ALA J 138 28.30 -1.61 14.45
N ALA J 139 29.52 -1.24 14.10
CA ALA J 139 29.84 -0.76 12.76
C ALA J 139 29.19 -1.71 11.75
N SER J 140 28.66 -1.19 10.64
CA SER J 140 27.94 -2.06 9.70
C SER J 140 28.85 -3.09 9.05
N PHE J 141 30.11 -2.71 8.81
CA PHE J 141 31.06 -3.64 8.23
C PHE J 141 31.20 -4.88 9.12
N VAL J 142 31.05 -4.68 10.42
CA VAL J 142 31.19 -5.78 11.36
C VAL J 142 29.90 -6.58 11.50
N ARG J 143 28.76 -5.91 11.46
CA ARG J 143 27.48 -6.60 11.54
C ARG J 143 27.28 -7.58 10.37
N GLU J 144 27.80 -7.23 9.20
CA GLU J 144 27.60 -8.07 8.02
C GLU J 144 28.52 -9.29 8.00
N HIS J 145 29.68 -9.16 8.63
CA HIS J 145 30.62 -10.27 8.70
C HIS J 145 30.52 -11.08 9.99
N ALA J 146 29.36 -11.03 10.64
CA ALA J 146 29.13 -11.74 11.91
C ALA J 146 28.03 -12.78 11.75
N HIS J 147 28.13 -13.86 12.52
CA HIS J 147 27.14 -14.92 12.49
C HIS J 147 25.77 -14.42 12.92
N GLY J 148 25.77 -13.47 13.85
CA GLY J 148 24.53 -12.91 14.34
C GLY J 148 24.67 -11.49 14.86
N ILE J 149 23.54 -10.79 14.98
CA ILE J 149 23.49 -9.49 15.61
C ILE J 149 22.45 -9.53 16.71
N THR J 150 22.79 -8.98 17.88
CA THR J 150 21.82 -8.89 18.95
C THR J 150 20.83 -7.80 18.63
N ARG J 151 19.62 -7.97 19.15
CA ARG J 151 18.60 -6.95 19.05
CA ARG J 151 18.61 -6.95 19.04
C ARG J 151 19.02 -5.79 19.95
N ALA J 152 19.52 -6.13 21.12
CA ALA J 152 19.91 -5.11 22.10
C ALA J 152 21.23 -4.46 21.73
N GLN J 153 21.35 -3.18 22.11
CA GLN J 153 22.54 -2.38 21.93
C GLN J 153 23.54 -2.54 23.07
N GLY J 154 24.81 -2.21 22.78
CA GLY J 154 25.89 -2.30 23.75
C GLY J 154 25.60 -1.33 24.87
N GLY J 155 25.87 -1.75 26.10
CA GLY J 155 25.58 -0.93 27.27
C GLY J 155 24.11 -0.93 27.62
N GLU J 156 23.32 -1.69 26.86
CA GLU J 156 21.87 -1.63 27.01
C GLU J 156 21.24 -3.02 26.95
N GLY J 157 22.02 -4.07 27.22
CA GLY J 157 21.43 -5.40 27.32
C GLY J 157 21.94 -6.36 26.29
N ALA J 158 22.86 -5.92 25.44
CA ALA J 158 23.40 -6.80 24.41
C ALA J 158 24.17 -7.97 24.98
N ALA J 159 25.06 -7.71 25.94
CA ALA J 159 25.81 -8.79 26.55
C ALA J 159 24.85 -9.80 27.22
N ARG J 160 23.80 -9.28 27.83
CA ARG J 160 22.81 -10.09 28.48
C ARG J 160 22.15 -11.03 27.46
N GLU J 161 21.77 -10.47 26.32
CA GLU J 161 21.08 -11.24 25.30
C GLU J 161 22.00 -12.34 24.77
N PHE J 162 23.28 -11.99 24.68
CA PHE J 162 24.34 -12.87 24.19
C PHE J 162 24.63 -14.01 25.18
N CYS J 163 24.58 -13.69 26.48
CA CYS J 163 24.73 -14.70 27.51
C CYS J 163 23.56 -15.69 27.45
N GLU J 164 22.36 -15.18 27.30
CA GLU J 164 21.18 -16.02 27.22
C GLU J 164 21.17 -16.93 26.02
N LEU J 165 21.81 -16.52 24.95
CA LEU J 165 21.81 -17.31 23.72
C LEU J 165 22.63 -18.53 23.99
N ILE J 166 23.74 -18.33 24.68
CA ILE J 166 24.63 -19.42 24.98
C ILE J 166 24.02 -20.36 26.02
N LEU J 167 23.43 -19.78 27.06
CA LEU J 167 22.78 -20.59 28.10
C LEU J 167 21.72 -21.50 27.48
N SER J 168 20.78 -20.90 26.76
CA SER J 168 19.68 -21.63 26.15
C SER J 168 20.21 -22.72 25.22
N ALA J 169 21.17 -22.37 24.38
CA ALA J 169 21.80 -23.30 23.45
C ALA J 169 22.38 -24.54 24.16
N GLN J 170 22.75 -24.38 25.42
CA GLN J 170 23.36 -25.48 26.17
C GLN J 170 22.36 -26.08 27.15
N GLY J 171 21.09 -25.72 26.97
CA GLY J 171 20.02 -26.20 27.82
C GLY J 171 20.22 -25.83 29.27
N ASN J 172 20.86 -24.69 29.51
CA ASN J 172 21.15 -24.26 30.87
C ASN J 172 20.33 -23.08 31.34
N LEU J 173 19.44 -22.58 30.48
CA LEU J 173 18.69 -21.37 30.77
C LEU J 173 17.61 -21.60 31.84
N GLU J 174 16.68 -22.51 31.57
CA GLU J 174 15.67 -22.86 32.57
C GLU J 174 16.34 -23.06 33.93
N ALA J 175 17.46 -23.77 33.94
CA ALA J 175 18.20 -24.01 35.18
C ALA J 175 18.61 -22.71 35.89
N ALA J 176 18.95 -21.68 35.11
CA ALA J 176 19.36 -20.41 35.70
C ALA J 176 18.14 -19.59 36.08
N HIS J 177 17.03 -19.83 35.38
CA HIS J 177 15.76 -19.20 35.75
C HIS J 177 15.16 -19.88 36.98
N SER J 178 15.67 -21.07 37.28
CA SER J 178 15.16 -21.86 38.39
C SER J 178 15.35 -21.19 39.71
N VAL J 179 16.48 -20.56 39.88
CA VAL J 179 16.77 -19.92 41.13
C VAL J 179 15.71 -18.88 41.38
N TYR J 180 15.11 -18.36 40.34
CA TYR J 180 14.13 -17.30 40.47
C TYR J 180 12.66 -17.70 40.47
N LEU J 181 12.42 -19.01 40.58
CA LEU J 181 11.07 -19.56 40.64
C LEU J 181 10.99 -20.80 41.52
N GLN K 10 -3.13 28.35 13.40
CA GLN K 10 -1.98 29.11 13.99
C GLN K 10 -2.39 30.13 15.04
N ASP K 11 -2.99 29.64 16.12
CA ASP K 11 -3.22 30.46 17.29
C ASP K 11 -1.85 30.74 17.91
N LEU K 12 -1.00 29.72 17.89
CA LEU K 12 0.34 29.80 18.49
C LEU K 12 1.09 31.06 18.08
N MET K 13 1.19 31.30 16.77
CA MET K 13 1.90 32.45 16.25
C MET K 13 1.30 33.77 16.74
N GLN K 14 -0.02 33.81 16.82
CA GLN K 14 -0.71 35.00 17.31
C GLN K 14 -0.34 35.30 18.75
N ARG K 15 -0.34 34.27 19.58
CA ARG K 15 0.00 34.41 21.00
C ARG K 15 1.44 34.90 21.17
N GLY K 16 2.27 34.62 20.17
CA GLY K 16 3.69 34.98 20.23
C GLY K 16 3.99 36.46 20.01
N LYS K 17 3.17 37.12 19.20
CA LYS K 17 3.36 38.54 18.90
C LYS K 17 3.67 39.36 20.14
N ALA K 18 2.87 39.14 21.19
CA ALA K 18 2.87 39.99 22.38
C ALA K 18 3.98 39.71 23.39
N ILE K 19 4.62 38.55 23.26
CA ILE K 19 5.59 38.11 24.25
C ILE K 19 6.70 39.13 24.44
N LYS K 20 6.90 39.55 25.68
CA LYS K 20 8.07 40.37 26.03
C LYS K 20 8.89 39.67 27.10
N LEU K 21 8.31 38.62 27.69
CA LEU K 21 8.98 37.80 28.71
C LEU K 21 8.89 36.30 28.44
N ALA K 22 10.05 35.65 28.36
CA ALA K 22 10.13 34.19 28.16
C ALA K 22 10.65 33.49 29.41
N VAL K 23 9.85 32.57 29.93
CA VAL K 23 10.17 31.89 31.18
C VAL K 23 10.36 30.40 30.95
N PHE K 24 11.37 29.83 31.61
CA PHE K 24 11.71 28.43 31.45
C PHE K 24 11.77 27.75 32.81
N ASP K 25 11.14 26.59 32.91
CA ASP K 25 11.47 25.64 33.96
C ASP K 25 12.82 25.06 33.61
N VAL K 26 13.52 24.51 34.60
CA VAL K 26 14.83 23.92 34.37
C VAL K 26 14.71 22.43 34.06
N ASP K 27 14.51 21.63 35.10
CA ASP K 27 14.55 20.17 34.97
C ASP K 27 13.42 19.64 34.10
N GLY K 28 13.79 18.91 33.05
CA GLY K 28 12.84 18.37 32.09
C GLY K 28 12.54 19.33 30.95
N VAL K 29 13.07 20.54 31.02
CA VAL K 29 12.84 21.52 29.97
C VAL K 29 14.15 21.97 29.34
N LEU K 30 15.03 22.54 30.16
CA LEU K 30 16.40 22.77 29.74
C LEU K 30 17.32 21.57 29.96
N THR K 31 16.84 20.58 30.72
CA THR K 31 17.51 19.29 30.82
C THR K 31 16.54 18.20 30.35
N ASP K 32 17.01 16.98 30.19
CA ASP K 32 16.13 15.90 29.78
C ASP K 32 15.33 15.34 30.97
N GLY K 33 15.49 15.95 32.14
CA GLY K 33 14.77 15.46 33.31
C GLY K 33 15.59 14.51 34.17
N ARG K 34 16.78 14.17 33.70
CA ARG K 34 17.65 13.33 34.47
C ARG K 34 18.33 14.13 35.58
N LEU K 35 18.44 13.51 36.75
CA LEU K 35 19.25 14.03 37.84
C LEU K 35 20.46 13.15 38.05
N TYR K 36 21.66 13.73 37.93
CA TYR K 36 22.91 13.02 38.13
C TYR K 36 23.49 13.26 39.52
N PHE K 37 23.53 12.22 40.35
CA PHE K 37 24.09 12.32 41.70
C PHE K 37 25.39 11.54 41.84
N MET K 38 26.38 12.14 42.49
CA MET K 38 27.66 11.50 42.67
C MET K 38 27.70 10.82 44.04
N GLU K 39 28.64 9.90 44.20
CA GLU K 39 28.71 9.10 45.41
C GLU K 39 28.71 9.99 46.65
N ASP K 40 29.29 11.18 46.51
CA ASP K 40 29.48 12.11 47.63
C ASP K 40 28.36 13.14 47.82
N GLY K 41 27.25 12.99 47.10
CA GLY K 41 26.10 13.89 47.22
C GLY K 41 26.03 15.06 46.21
N SER K 42 27.15 15.38 45.60
CA SER K 42 27.15 16.50 44.65
C SER K 42 26.42 16.12 43.34
N GLU K 43 25.80 17.11 42.71
CA GLU K 43 25.05 16.89 41.46
C GLU K 43 25.79 17.26 40.17
N ILE K 44 25.38 16.63 39.08
CA ILE K 44 25.79 17.00 37.72
C ILE K 44 24.53 17.27 36.91
N LYS K 45 24.52 18.32 36.09
CA LYS K 45 23.36 18.59 35.22
C LYS K 45 23.79 18.72 33.76
N THR K 46 22.87 18.42 32.85
CA THR K 46 23.22 18.48 31.44
C THR K 46 22.36 19.53 30.75
N PHE K 47 22.98 20.41 29.98
CA PHE K 47 22.24 21.33 29.13
C PHE K 47 22.53 21.02 27.68
N ASN K 48 21.91 21.77 26.79
CA ASN K 48 22.05 21.49 25.37
C ASN K 48 22.50 22.73 24.57
N THR K 49 23.43 22.54 23.64
CA THR K 49 23.97 23.67 22.87
C THR K 49 22.96 24.26 21.89
N LEU K 50 21.99 23.48 21.45
CA LEU K 50 21.01 24.04 20.51
C LEU K 50 20.16 25.03 21.29
N ASP K 51 19.86 24.68 22.54
CA ASP K 51 19.04 25.52 23.38
C ASP K 51 19.83 26.80 23.70
N GLY K 52 21.12 26.65 24.02
CA GLY K 52 21.96 27.81 24.34
C GLY K 52 21.90 28.82 23.20
N GLN K 53 22.24 28.38 22.00
CA GLN K 53 22.10 29.22 20.81
C GLN K 53 20.71 29.87 20.72
N GLY K 54 19.66 29.12 21.03
CA GLY K 54 18.31 29.65 20.88
C GLY K 54 17.99 30.76 21.86
N ILE K 55 18.41 30.58 23.11
CA ILE K 55 18.09 31.53 24.15
C ILE K 55 18.89 32.81 23.93
N LYS K 56 20.13 32.67 23.49
CA LYS K 56 20.96 33.83 23.20
C LYS K 56 20.35 34.65 22.06
N MET K 57 19.72 33.98 21.10
CA MET K 57 19.09 34.65 19.95
C MET K 57 17.81 35.37 20.37
N LEU K 58 17.00 34.69 21.15
CA LEU K 58 15.74 35.27 21.62
C LEU K 58 16.02 36.54 22.42
N ILE K 59 16.95 36.43 23.35
CA ILE K 59 17.34 37.55 24.17
C ILE K 59 17.76 38.70 23.26
N ALA K 60 18.73 38.45 22.39
CA ALA K 60 19.29 39.48 21.53
C ALA K 60 18.23 40.22 20.71
N SER K 61 17.06 39.61 20.53
CA SER K 61 15.99 40.29 19.81
C SER K 61 15.17 41.18 20.74
N GLY K 62 15.63 41.37 21.97
CA GLY K 62 14.93 42.25 22.93
C GLY K 62 14.04 41.57 23.95
N VAL K 63 13.56 40.37 23.66
CA VAL K 63 12.71 39.62 24.61
C VAL K 63 13.49 39.22 25.84
N THR K 64 12.94 39.54 27.02
CA THR K 64 13.63 39.25 28.28
C THR K 64 13.40 37.79 28.73
N THR K 65 14.31 37.25 29.53
CA THR K 65 14.14 35.86 29.96
C THR K 65 14.31 35.64 31.46
N ALA K 66 13.71 34.56 31.94
CA ALA K 66 13.79 34.18 33.34
C ALA K 66 13.73 32.66 33.51
N ILE K 67 14.30 32.18 34.60
CA ILE K 67 14.15 30.78 35.00
C ILE K 67 13.45 30.70 36.35
N ILE K 68 12.42 29.85 36.43
CA ILE K 68 11.74 29.61 37.71
C ILE K 68 11.77 28.12 38.05
N SER K 69 12.58 27.76 39.03
CA SER K 69 12.80 26.37 39.38
C SER K 69 12.40 26.11 40.82
N GLY K 70 12.00 24.86 41.09
CA GLY K 70 11.72 24.43 42.45
C GLY K 70 13.00 24.00 43.15
N ARG K 71 14.01 23.64 42.36
CA ARG K 71 15.27 23.18 42.92
CA ARG K 71 15.28 23.18 42.93
C ARG K 71 16.28 24.33 43.00
N LYS K 72 17.45 24.06 43.58
CA LYS K 72 18.44 25.10 43.73
C LYS K 72 19.84 24.54 43.59
N THR K 73 20.64 25.17 42.72
CA THR K 73 22.01 24.72 42.52
C THR K 73 22.86 25.80 41.83
N ALA K 74 24.15 25.82 42.15
CA ALA K 74 25.05 26.81 41.53
C ALA K 74 25.17 26.52 40.04
N ILE K 75 24.97 25.26 39.65
CA ILE K 75 25.05 24.87 38.25
C ILE K 75 24.12 25.72 37.38
N VAL K 76 22.88 25.86 37.82
CA VAL K 76 21.89 26.63 37.09
C VAL K 76 22.15 28.14 37.16
N GLU K 77 22.75 28.58 38.26
CA GLU K 77 23.14 29.98 38.39
C GLU K 77 24.21 30.28 37.36
N ARG K 78 25.27 29.46 37.35
CA ARG K 78 26.36 29.61 36.39
C ARG K 78 25.87 29.52 34.93
N ARG K 79 24.95 28.61 34.67
CA ARG K 79 24.47 28.43 33.29
C ARG K 79 23.65 29.63 32.82
N ALA K 80 22.73 30.08 33.68
CA ALA K 80 21.90 31.24 33.37
C ALA K 80 22.73 32.49 33.15
N LYS K 81 23.78 32.67 33.95
CA LYS K 81 24.65 33.82 33.77
C LYS K 81 25.29 33.76 32.40
N SER K 82 25.85 32.61 32.06
CA SER K 82 26.60 32.47 30.83
C SER K 82 25.69 32.57 29.60
N LEU K 83 24.38 32.50 29.81
CA LEU K 83 23.44 32.71 28.71
C LEU K 83 22.87 34.12 28.72
N GLY K 84 23.15 34.85 29.81
CA GLY K 84 22.60 36.19 29.97
C GLY K 84 21.13 36.18 30.33
N ILE K 85 20.66 35.09 30.94
CA ILE K 85 19.31 35.07 31.45
C ILE K 85 19.20 36.11 32.56
N GLU K 86 18.24 37.02 32.44
CA GLU K 86 18.17 38.16 33.34
C GLU K 86 17.65 37.84 34.74
N HIS K 87 16.51 37.15 34.80
CA HIS K 87 15.89 36.87 36.09
C HIS K 87 15.88 35.38 36.44
N LEU K 88 16.40 35.06 37.63
CA LEU K 88 16.54 33.67 38.04
C LEU K 88 15.89 33.46 39.40
N PHE K 89 14.98 32.48 39.47
CA PHE K 89 14.32 32.15 40.72
C PHE K 89 14.41 30.65 41.06
N GLN K 90 15.29 30.33 42.02
CA GLN K 90 15.47 28.94 42.46
C GLN K 90 14.82 28.65 43.80
N GLY K 91 14.63 27.36 44.10
CA GLY K 91 14.01 26.93 45.36
C GLY K 91 12.59 27.43 45.60
N ARG K 92 11.87 27.72 44.52
CA ARG K 92 10.52 28.25 44.63
C ARG K 92 9.49 27.32 43.99
N GLU K 93 8.69 26.65 44.81
CA GLU K 93 7.66 25.77 44.28
C GLU K 93 6.34 26.50 44.07
N ASP K 94 6.22 27.65 44.73
CA ASP K 94 5.15 28.61 44.51
C ASP K 94 5.43 29.39 43.22
N LYS K 95 5.24 28.77 42.05
CA LYS K 95 5.67 29.39 40.79
C LYS K 95 4.85 30.61 40.36
N LEU K 96 3.52 30.50 40.40
CA LEU K 96 2.64 31.63 40.06
C LEU K 96 2.93 32.81 40.97
N VAL K 97 3.15 32.52 42.25
CA VAL K 97 3.51 33.55 43.22
C VAL K 97 4.81 34.25 42.83
N VAL K 98 5.81 33.47 42.45
CA VAL K 98 7.11 34.02 42.05
C VAL K 98 6.98 34.89 40.82
N LEU K 99 6.17 34.43 39.87
CA LEU K 99 5.92 35.17 38.64
C LEU K 99 5.17 36.48 38.91
N ASP K 100 4.08 36.41 39.65
CA ASP K 100 3.32 37.61 40.01
C ASP K 100 4.21 38.67 40.62
N LYS K 101 5.17 38.24 41.42
CA LYS K 101 6.10 39.18 42.05
C LYS K 101 7.11 39.72 41.03
N LEU K 102 7.16 39.10 39.85
CA LEU K 102 8.06 39.57 38.79
C LEU K 102 7.29 40.38 37.75
N LEU K 103 6.12 39.92 37.37
CA LEU K 103 5.41 40.65 36.37
C LEU K 103 5.24 42.05 36.94
N ALA K 104 5.02 42.13 38.24
CA ALA K 104 4.85 43.42 38.86
C ALA K 104 6.08 44.27 38.73
N GLU K 105 7.24 43.69 38.95
CA GLU K 105 8.46 44.45 38.86
C GLU K 105 8.57 44.97 37.45
N LEU K 106 8.14 44.18 36.47
CA LEU K 106 8.26 44.61 35.10
C LEU K 106 7.06 45.31 34.48
N GLN K 107 5.99 45.51 35.21
CA GLN K 107 4.84 46.17 34.61
C GLN K 107 4.25 45.38 33.43
N LEU K 108 4.36 44.05 33.48
CA LEU K 108 3.84 43.21 32.40
C LEU K 108 2.56 42.47 32.81
N GLY K 109 1.83 41.98 31.83
CA GLY K 109 0.62 41.18 32.10
C GLY K 109 0.74 39.77 31.54
N TYR K 110 -0.01 38.83 32.11
CA TYR K 110 0.10 37.44 31.72
C TYR K 110 0.22 37.26 30.20
N GLU K 111 -0.37 38.17 29.44
CA GLU K 111 -0.40 38.01 27.99
C GLU K 111 0.95 38.27 27.32
N GLN K 112 1.82 39.02 27.99
CA GLN K 112 3.16 39.30 27.49
C GLN K 112 4.14 38.22 27.96
N VAL K 113 3.60 37.11 28.47
CA VAL K 113 4.40 36.06 29.06
C VAL K 113 4.25 34.73 28.32
N ALA K 114 5.38 34.13 27.98
CA ALA K 114 5.41 32.75 27.51
C ALA K 114 6.21 31.92 28.51
N TYR K 115 5.83 30.66 28.65
CA TYR K 115 6.44 29.79 29.63
C TYR K 115 6.54 28.41 29.04
N LEU K 116 7.67 27.76 29.31
CA LEU K 116 7.87 26.37 28.88
C LEU K 116 8.13 25.47 30.09
N GLY K 117 7.25 24.50 30.30
CA GLY K 117 7.36 23.61 31.47
C GLY K 117 7.13 22.15 31.12
N ASP K 118 7.23 21.27 32.12
CA ASP K 118 7.15 19.83 31.88
C ASP K 118 6.35 19.04 32.93
N ASP K 119 6.10 19.63 34.09
CA ASP K 119 5.39 18.95 35.19
C ASP K 119 4.40 19.82 35.95
N LEU K 120 3.66 19.20 36.84
CA LEU K 120 2.52 19.83 37.49
C LEU K 120 2.78 21.19 38.10
N PRO K 121 3.92 21.38 38.76
CA PRO K 121 4.13 22.67 39.40
C PRO K 121 4.18 23.82 38.39
N ASP K 122 4.28 23.47 37.11
CA ASP K 122 4.36 24.46 36.04
C ASP K 122 2.96 24.79 35.55
N LEU K 123 2.00 23.91 35.84
CA LEU K 123 0.67 24.00 35.26
C LEU K 123 -0.07 25.30 35.57
N PRO K 124 -0.05 25.72 36.86
CA PRO K 124 -0.72 26.95 37.26
C PRO K 124 -0.25 28.13 36.41
N VAL K 125 1.04 28.18 36.09
CA VAL K 125 1.53 29.24 35.21
C VAL K 125 1.11 29.01 33.75
N ILE K 126 1.36 27.81 33.23
CA ILE K 126 1.03 27.49 31.85
C ILE K 126 -0.41 27.87 31.51
N ARG K 127 -1.32 27.65 32.45
CA ARG K 127 -2.74 27.93 32.22
C ARG K 127 -3.07 29.41 32.12
N ARG K 128 -2.28 30.26 32.78
CA ARG K 128 -2.61 31.67 32.86
C ARG K 128 -1.82 32.61 31.94
N VAL K 129 -0.66 32.17 31.45
CA VAL K 129 0.16 33.05 30.60
C VAL K 129 -0.30 33.05 29.15
N GLY K 130 0.24 33.99 28.39
CA GLY K 130 -0.12 34.18 26.99
C GLY K 130 0.33 33.04 26.09
N LEU K 131 1.57 32.59 26.30
CA LEU K 131 2.09 31.43 25.56
C LEU K 131 2.62 30.38 26.53
N GLY K 132 1.73 29.47 26.93
CA GLY K 132 2.06 28.48 27.94
C GLY K 132 2.21 27.12 27.29
N MET K 133 3.44 26.70 27.13
CA MET K 133 3.73 25.49 26.36
C MET K 133 4.37 24.41 27.21
N ALA K 134 4.16 23.16 26.77
CA ALA K 134 4.74 21.97 27.38
C ALA K 134 5.75 21.38 26.41
N VAL K 135 6.80 20.76 26.94
CA VAL K 135 7.76 20.06 26.11
C VAL K 135 7.14 18.69 25.80
N ALA K 136 7.70 17.98 24.83
CA ALA K 136 7.09 16.71 24.39
C ALA K 136 7.12 15.64 25.48
N ASN K 137 8.11 15.71 26.36
CA ASN K 137 8.30 14.72 27.41
C ASN K 137 7.56 15.09 28.69
N ALA K 138 6.79 16.17 28.65
CA ALA K 138 6.05 16.60 29.82
C ALA K 138 5.02 15.57 30.25
N ALA K 139 4.60 15.64 31.51
CA ALA K 139 3.51 14.80 32.00
C ALA K 139 2.25 15.07 31.18
N SER K 140 1.52 14.02 30.85
CA SER K 140 0.38 14.16 29.94
C SER K 140 -0.65 15.17 30.42
N PHE K 141 -0.94 15.16 31.71
CA PHE K 141 -1.89 16.11 32.26
C PHE K 141 -1.43 17.53 31.97
N VAL K 142 -0.12 17.74 32.00
CA VAL K 142 0.41 19.04 31.64
C VAL K 142 0.27 19.26 30.12
N ARG K 143 0.51 18.22 29.33
CA ARG K 143 0.36 18.30 27.88
C ARG K 143 -1.08 18.65 27.46
N GLU K 144 -2.06 18.00 28.08
CA GLU K 144 -3.48 18.23 27.77
C GLU K 144 -3.99 19.59 28.19
N HIS K 145 -3.27 20.27 29.08
CA HIS K 145 -3.76 21.56 29.58
C HIS K 145 -2.85 22.74 29.20
N ALA K 146 -1.93 22.52 28.27
CA ALA K 146 -1.11 23.63 27.77
C ALA K 146 -1.58 24.07 26.40
N HIS K 147 -1.34 25.34 26.07
CA HIS K 147 -1.73 25.89 24.76
C HIS K 147 -1.06 25.17 23.60
N GLY K 148 0.20 24.78 23.79
CA GLY K 148 0.96 24.13 22.73
C GLY K 148 2.06 23.23 23.27
N ILE K 149 2.47 22.25 22.48
CA ILE K 149 3.47 21.30 22.89
C ILE K 149 4.56 21.24 21.84
N THR K 150 5.80 21.47 22.24
CA THR K 150 6.92 21.35 21.34
C THR K 150 7.04 19.92 20.82
N ARG K 151 7.63 19.78 19.63
CA ARG K 151 7.92 18.48 19.07
C ARG K 151 9.18 17.89 19.70
N ALA K 152 10.13 18.77 20.02
CA ALA K 152 11.38 18.34 20.63
C ALA K 152 11.18 18.09 22.14
N GLN K 153 12.00 17.22 22.71
CA GLN K 153 11.92 16.94 24.15
C GLN K 153 12.84 17.88 24.92
N GLY K 154 12.57 18.07 26.21
CA GLY K 154 13.42 18.92 27.02
C GLY K 154 14.83 18.38 27.00
N GLY K 155 15.80 19.29 27.02
CA GLY K 155 17.21 18.90 26.98
C GLY K 155 17.66 18.47 25.59
N GLU K 156 16.73 18.47 24.64
CA GLU K 156 17.05 18.11 23.26
C GLU K 156 16.48 19.11 22.28
N GLY K 157 16.47 20.38 22.66
CA GLY K 157 16.11 21.42 21.71
C GLY K 157 14.67 21.84 21.73
N ALA K 158 13.94 21.49 22.78
CA ALA K 158 12.59 22.03 22.95
C ALA K 158 12.65 23.55 23.25
N ALA K 159 13.64 23.97 24.02
CA ALA K 159 13.79 25.42 24.28
C ALA K 159 14.26 26.16 23.02
N ARG K 160 15.12 25.55 22.24
CA ARG K 160 15.46 26.11 20.93
C ARG K 160 14.18 26.35 20.12
N GLU K 161 13.36 25.32 20.01
CA GLU K 161 12.12 25.36 19.22
C GLU K 161 11.16 26.41 19.74
N PHE K 162 11.01 26.43 21.06
CA PHE K 162 10.26 27.46 21.74
C PHE K 162 10.78 28.83 21.36
N CYS K 163 12.09 29.03 21.51
CA CYS K 163 12.72 30.30 21.18
C CYS K 163 12.46 30.74 19.74
N GLU K 164 12.48 29.80 18.82
CA GLU K 164 12.23 30.08 17.43
C GLU K 164 10.77 30.41 17.12
N LEU K 165 9.88 29.94 17.95
CA LEU K 165 8.47 30.13 17.72
C LEU K 165 8.17 31.60 17.98
N ILE K 166 8.81 32.14 19.01
CA ILE K 166 8.65 33.54 19.39
C ILE K 166 9.34 34.51 18.42
N LEU K 167 10.55 34.17 17.98
CA LEU K 167 11.23 34.94 16.95
C LEU K 167 10.40 34.95 15.67
N SER K 168 9.94 33.77 15.27
CA SER K 168 9.13 33.63 14.07
C SER K 168 7.87 34.50 14.20
N ALA K 169 7.08 34.28 15.25
CA ALA K 169 5.87 35.07 15.47
C ALA K 169 6.13 36.59 15.51
N GLN K 170 7.34 36.98 15.90
CA GLN K 170 7.64 38.41 16.01
C GLN K 170 8.41 38.93 14.79
N GLY K 171 8.58 38.09 13.79
CA GLY K 171 9.33 38.45 12.58
C GLY K 171 10.80 38.77 12.80
N ASN K 172 11.43 38.08 13.75
CA ASN K 172 12.84 38.30 14.06
C ASN K 172 13.74 37.15 13.65
N LEU K 173 13.13 36.03 13.25
CA LEU K 173 13.89 34.82 12.91
C LEU K 173 14.83 35.06 11.73
N GLU K 174 14.30 35.59 10.63
CA GLU K 174 15.12 35.88 9.46
C GLU K 174 16.30 36.77 9.78
N ALA K 175 16.03 37.84 10.54
CA ALA K 175 17.11 38.68 11.01
C ALA K 175 18.18 37.80 11.66
N ALA K 176 17.78 37.06 12.70
CA ALA K 176 18.70 36.21 13.45
C ALA K 176 19.50 35.22 12.59
N HIS K 177 18.83 34.62 11.61
CA HIS K 177 19.46 33.72 10.64
C HIS K 177 20.37 34.43 9.65
N SER K 178 19.94 35.58 9.13
CA SER K 178 20.72 36.32 8.13
C SER K 178 22.15 36.57 8.60
N VAL K 179 22.33 36.80 9.90
CA VAL K 179 23.67 36.95 10.49
C VAL K 179 24.59 35.78 10.11
N TYR K 180 24.01 34.64 9.75
CA TYR K 180 24.81 33.46 9.40
C TYR K 180 24.74 33.16 7.89
N LEU K 181 24.11 34.07 7.16
CA LEU K 181 24.14 34.06 5.69
C LEU K 181 24.88 35.30 5.21
N GLN L 10 25.80 17.49 -9.26
CA GLN L 10 26.95 16.93 -8.50
C GLN L 10 26.52 16.36 -7.15
N ASP L 11 26.64 15.05 -6.98
CA ASP L 11 26.21 14.39 -5.76
C ASP L 11 27.31 14.30 -4.69
N LEU L 12 27.00 13.68 -3.55
CA LEU L 12 27.92 13.65 -2.41
C LEU L 12 29.20 12.84 -2.63
N MET L 13 29.08 11.71 -3.32
CA MET L 13 30.22 10.88 -3.66
CA MET L 13 30.26 10.91 -3.60
C MET L 13 31.21 11.66 -4.52
N GLN L 14 30.67 12.40 -5.49
CA GLN L 14 31.48 13.20 -6.40
C GLN L 14 32.22 14.28 -5.62
N ARG L 15 31.49 14.98 -4.75
CA ARG L 15 32.07 16.03 -3.90
C ARG L 15 33.12 15.45 -2.96
N GLY L 16 32.92 14.19 -2.58
CA GLY L 16 33.85 13.52 -1.67
C GLY L 16 35.20 13.25 -2.29
N LYS L 17 35.21 13.05 -3.60
CA LYS L 17 36.43 12.66 -4.35
C LYS L 17 37.61 13.64 -4.14
N ALA L 18 37.31 14.92 -4.06
CA ALA L 18 38.35 15.95 -4.08
C ALA L 18 38.88 16.31 -2.70
N ILE L 19 38.31 15.72 -1.65
CA ILE L 19 38.61 16.17 -0.27
C ILE L 19 40.06 15.89 0.17
N LYS L 20 40.69 16.91 0.75
CA LYS L 20 42.04 16.75 1.26
C LYS L 20 42.11 17.19 2.73
N LEU L 21 41.06 17.85 3.19
CA LEU L 21 40.96 18.30 4.58
C LEU L 21 39.52 18.16 5.07
N ALA L 22 39.37 17.44 6.19
CA ALA L 22 38.06 17.28 6.84
C ALA L 22 38.04 18.00 8.19
N VAL L 23 37.06 18.88 8.36
CA VAL L 23 36.96 19.70 9.57
C VAL L 23 35.68 19.36 10.36
N PHE L 24 35.81 19.37 11.69
CA PHE L 24 34.72 18.99 12.58
C PHE L 24 34.45 20.09 13.56
N ASP L 25 33.18 20.40 13.73
CA ASP L 25 32.71 21.08 14.91
C ASP L 25 32.84 20.08 16.05
N VAL L 26 32.86 20.57 17.28
CA VAL L 26 32.89 19.66 18.41
C VAL L 26 31.51 19.37 18.99
N ASP L 27 30.90 20.37 19.65
CA ASP L 27 29.65 20.15 20.37
C ASP L 27 28.46 19.95 19.43
N GLY L 28 27.92 18.73 19.43
CA GLY L 28 26.79 18.42 18.55
C GLY L 28 27.21 17.52 17.39
N VAL L 29 28.51 17.39 17.20
CA VAL L 29 29.06 16.64 16.08
C VAL L 29 29.95 15.53 16.56
N LEU L 30 30.95 15.87 17.37
CA LEU L 30 31.77 14.87 18.04
C LEU L 30 31.12 14.43 19.37
N THR L 31 30.20 15.25 19.87
CA THR L 31 29.43 14.93 21.07
C THR L 31 27.97 15.02 20.66
N ASP L 32 27.07 14.53 21.49
CA ASP L 32 25.63 14.61 21.20
C ASP L 32 25.07 16.00 21.46
N GLY L 33 25.92 16.95 21.85
CA GLY L 33 25.40 18.31 22.05
C GLY L 33 25.05 18.62 23.50
N ARG L 34 25.18 17.62 24.36
CA ARG L 34 24.97 17.82 25.79
C ARG L 34 26.19 18.49 26.44
N LEU L 35 25.95 19.42 27.35
CA LEU L 35 27.03 19.98 28.16
C LEU L 35 26.81 19.51 29.60
N TYR L 36 27.78 18.80 30.15
CA TYR L 36 27.67 18.29 31.50
C TYR L 36 28.40 19.28 32.41
N PHE L 37 27.72 19.77 33.44
CA PHE L 37 28.34 20.65 34.41
C PHE L 37 28.32 20.11 35.85
N MET L 38 29.49 20.12 36.49
CA MET L 38 29.60 19.85 37.91
C MET L 38 29.40 21.14 38.71
N GLU L 39 29.19 21.01 40.01
CA GLU L 39 28.93 22.18 40.87
C GLU L 39 30.01 23.28 40.89
N ASP L 40 31.29 22.92 40.72
CA ASP L 40 32.34 23.94 40.69
C ASP L 40 32.52 24.57 39.30
N GLY L 41 31.78 24.05 38.32
CA GLY L 41 31.84 24.62 36.98
C GLY L 41 32.67 23.79 36.05
N SER L 42 33.37 22.78 36.57
CA SER L 42 34.12 21.90 35.69
C SER L 42 33.17 21.20 34.70
N GLU L 43 33.71 20.70 33.60
CA GLU L 43 32.90 20.12 32.55
C GLU L 43 33.24 18.65 32.33
N ILE L 44 32.28 17.93 31.80
CA ILE L 44 32.48 16.61 31.30
C ILE L 44 31.97 16.66 29.88
N LYS L 45 32.70 16.07 28.94
CA LYS L 45 32.23 15.91 27.58
C LYS L 45 32.32 14.45 27.18
N THR L 46 31.44 14.04 26.28
CA THR L 46 31.40 12.64 25.82
C THR L 46 31.66 12.53 24.32
N PHE L 47 32.54 11.61 23.95
CA PHE L 47 32.83 11.35 22.57
C PHE L 47 32.41 9.90 22.32
N ASN L 48 32.68 9.38 21.13
CA ASN L 48 32.19 8.07 20.72
C ASN L 48 33.29 7.22 20.07
N THR L 49 33.36 5.94 20.40
CA THR L 49 34.43 5.10 19.86
C THR L 49 34.32 4.85 18.35
N LEU L 50 33.11 4.75 17.81
CA LEU L 50 32.99 4.63 16.35
C LEU L 50 33.65 5.80 15.64
N ASP L 51 33.41 7.01 16.16
CA ASP L 51 33.96 8.23 15.58
C ASP L 51 35.49 8.22 15.60
N GLY L 52 36.05 7.77 16.72
CA GLY L 52 37.51 7.73 16.88
C GLY L 52 38.16 6.84 15.84
N GLN L 53 37.61 5.64 15.69
CA GLN L 53 38.04 4.72 14.66
C GLN L 53 37.91 5.35 13.26
N GLY L 54 36.80 6.03 13.02
CA GLY L 54 36.54 6.66 11.72
C GLY L 54 37.59 7.71 11.39
N ILE L 55 37.84 8.60 12.34
CA ILE L 55 38.78 9.69 12.19
C ILE L 55 40.22 9.23 12.09
N LYS L 56 40.55 8.11 12.73
CA LYS L 56 41.91 7.59 12.68
C LYS L 56 42.17 7.01 11.29
N MET L 57 41.22 6.25 10.79
CA MET L 57 41.31 5.70 9.44
C MET L 57 41.42 6.81 8.38
N LEU L 58 40.54 7.80 8.48
CA LEU L 58 40.52 8.91 7.52
C LEU L 58 41.90 9.56 7.41
N ILE L 59 42.49 9.88 8.56
CA ILE L 59 43.85 10.42 8.65
C ILE L 59 44.90 9.48 8.08
N ALA L 60 44.66 8.18 8.20
CA ALA L 60 45.58 7.18 7.70
C ALA L 60 45.59 7.12 6.17
N SER L 61 44.49 7.57 5.56
CA SER L 61 44.42 7.54 4.10
C SER L 61 45.10 8.76 3.46
N GLY L 62 45.56 9.70 4.29
CA GLY L 62 46.26 10.87 3.80
C GLY L 62 45.44 12.16 3.83
N VAL L 63 44.21 12.09 4.34
CA VAL L 63 43.37 13.28 4.47
C VAL L 63 43.68 13.96 5.79
N THR L 64 44.05 15.24 5.76
CA THR L 64 44.32 15.93 7.01
C THR L 64 42.98 16.26 7.68
N THR L 65 42.99 16.41 9.00
CA THR L 65 41.79 16.76 9.72
C THR L 65 42.02 17.97 10.60
N ALA L 66 40.94 18.64 10.94
CA ALA L 66 41.00 19.80 11.80
C ALA L 66 39.73 19.88 12.65
N ILE L 67 39.77 20.71 13.69
CA ILE L 67 38.62 20.97 14.49
C ILE L 67 38.56 22.47 14.68
N ILE L 68 37.40 23.06 14.44
CA ILE L 68 37.17 24.45 14.74
C ILE L 68 35.99 24.56 15.66
N SER L 69 36.23 25.14 16.82
CA SER L 69 35.22 25.19 17.85
C SER L 69 35.09 26.60 18.38
N GLY L 70 33.86 27.01 18.70
CA GLY L 70 33.61 28.30 19.35
C GLY L 70 33.88 28.23 20.84
N ARG L 71 33.84 27.02 21.40
CA ARG L 71 34.10 26.84 22.80
CA ARG L 71 34.12 26.82 22.80
C ARG L 71 35.57 26.42 23.00
N LYS L 72 35.99 26.28 24.25
CA LYS L 72 37.38 25.96 24.54
C LYS L 72 37.54 25.15 25.81
N THR L 73 38.14 23.97 25.71
CA THR L 73 38.33 23.13 26.88
C THR L 73 39.52 22.26 26.65
N ALA L 74 40.19 21.85 27.72
CA ALA L 74 41.34 20.97 27.59
C ALA L 74 40.89 19.56 27.18
N ILE L 75 39.64 19.22 27.52
CA ILE L 75 39.11 17.89 27.17
C ILE L 75 39.29 17.67 25.68
N VAL L 76 38.89 18.68 24.90
CA VAL L 76 39.05 18.62 23.45
C VAL L 76 40.50 18.53 22.98
N GLU L 77 41.37 19.33 23.60
CA GLU L 77 42.81 19.22 23.30
C GLU L 77 43.28 17.80 23.43
N ARG L 78 42.97 17.19 24.58
CA ARG L 78 43.45 15.83 24.85
C ARG L 78 42.85 14.86 23.83
N ARG L 79 41.59 15.09 23.48
CA ARG L 79 40.91 14.20 22.55
C ARG L 79 41.47 14.35 21.13
N ALA L 80 41.76 15.59 20.74
CA ALA L 80 42.36 15.86 19.43
C ALA L 80 43.72 15.17 19.33
N LYS L 81 44.56 15.39 20.34
CA LYS L 81 45.84 14.70 20.45
C LYS L 81 45.69 13.20 20.29
N SER L 82 44.80 12.60 21.06
CA SER L 82 44.63 11.14 21.03
CA SER L 82 44.63 11.15 21.04
C SER L 82 44.26 10.61 19.66
N LEU L 83 43.49 11.38 18.89
CA LEU L 83 43.06 10.86 17.59
C LEU L 83 44.04 11.19 16.47
N GLY L 84 44.97 12.11 16.75
CA GLY L 84 45.96 12.55 15.77
C GLY L 84 45.47 13.73 14.94
N ILE L 85 44.53 14.48 15.50
CA ILE L 85 43.98 15.63 14.79
C ILE L 85 45.01 16.74 14.78
N GLU L 86 45.57 16.99 13.59
CA GLU L 86 46.70 17.91 13.45
C GLU L 86 46.36 19.37 13.74
N HIS L 87 45.16 19.80 13.38
CA HIS L 87 44.81 21.21 13.51
C HIS L 87 43.62 21.44 14.40
N LEU L 88 43.85 22.16 15.49
CA LEU L 88 42.81 22.41 16.46
C LEU L 88 42.71 23.88 16.76
N PHE L 89 41.54 24.46 16.54
CA PHE L 89 41.31 25.85 16.96
C PHE L 89 40.10 25.94 17.86
N GLN L 90 40.28 26.49 19.06
CA GLN L 90 39.18 26.62 19.98
C GLN L 90 38.97 28.08 20.30
N GLY L 91 37.78 28.41 20.80
CA GLY L 91 37.43 29.77 21.19
C GLY L 91 37.09 30.67 20.02
N ARG L 92 36.95 30.10 18.82
CA ARG L 92 36.74 30.89 17.61
C ARG L 92 35.28 30.93 17.19
N GLU L 93 34.66 32.10 17.26
CA GLU L 93 33.27 32.23 16.84
C GLU L 93 33.15 32.50 15.33
N ASP L 94 34.16 33.15 14.76
CA ASP L 94 34.24 33.41 13.32
CA ASP L 94 34.18 33.38 13.30
C ASP L 94 34.93 32.23 12.63
N LYS L 95 34.19 31.15 12.38
CA LYS L 95 34.82 29.93 11.88
C LYS L 95 35.36 30.03 10.46
N LEU L 96 34.80 30.93 9.67
CA LEU L 96 35.26 31.10 8.29
C LEU L 96 36.64 31.76 8.29
N VAL L 97 36.81 32.76 9.16
CA VAL L 97 38.10 33.41 9.26
C VAL L 97 39.19 32.40 9.57
N VAL L 98 38.94 31.59 10.59
CA VAL L 98 39.85 30.51 10.99
C VAL L 98 40.16 29.56 9.82
N LEU L 99 39.11 29.06 9.16
CA LEU L 99 39.31 28.13 8.06
C LEU L 99 40.16 28.78 6.96
N ASP L 100 39.86 30.04 6.64
CA ASP L 100 40.65 30.76 5.64
C ASP L 100 42.16 30.77 5.96
N LYS L 101 42.52 31.11 7.19
CA LYS L 101 43.91 31.08 7.61
C LYS L 101 44.49 29.71 7.33
N LEU L 102 43.81 28.70 7.85
CA LEU L 102 44.30 27.33 7.74
C LEU L 102 44.48 26.91 6.29
N LEU L 103 43.59 27.39 5.41
CA LEU L 103 43.70 27.02 4.00
C LEU L 103 44.92 27.73 3.36
N ALA L 104 45.12 28.99 3.72
CA ALA L 104 46.34 29.68 3.28
C ALA L 104 47.55 28.82 3.61
N GLU L 105 47.64 28.39 4.88
CA GLU L 105 48.75 27.57 5.32
C GLU L 105 48.88 26.24 4.59
N LEU L 106 47.76 25.64 4.19
CA LEU L 106 47.78 24.29 3.61
C LEU L 106 47.79 24.26 2.10
N GLN L 107 47.58 25.43 1.48
CA GLN L 107 47.59 25.53 0.02
C GLN L 107 46.39 24.84 -0.58
N LEU L 108 45.26 24.92 0.10
CA LEU L 108 44.05 24.27 -0.38
C LEU L 108 42.98 25.32 -0.62
N GLY L 109 42.02 25.02 -1.50
CA GLY L 109 40.84 25.87 -1.62
C GLY L 109 39.60 25.18 -1.06
N TYR L 110 38.47 25.90 -1.08
CA TYR L 110 37.21 25.42 -0.50
C TYR L 110 36.76 24.05 -1.04
N GLU L 111 37.05 23.77 -2.30
CA GLU L 111 36.50 22.56 -2.92
C GLU L 111 37.17 21.29 -2.38
N GLN L 112 38.36 21.45 -1.83
CA GLN L 112 39.10 20.32 -1.24
C GLN L 112 38.71 20.09 0.21
N VAL L 113 37.75 20.86 0.69
CA VAL L 113 37.44 20.81 2.11
C VAL L 113 36.06 20.24 2.40
N ALA L 114 36.01 19.34 3.38
CA ALA L 114 34.76 18.80 3.91
C ALA L 114 34.58 19.30 5.34
N TYR L 115 33.34 19.60 5.72
CA TYR L 115 33.03 20.12 7.07
C TYR L 115 31.75 19.49 7.59
N LEU L 116 31.83 18.91 8.79
CA LEU L 116 30.63 18.40 9.48
C LEU L 116 30.22 19.32 10.66
N GLY L 117 29.03 19.95 10.56
CA GLY L 117 28.47 20.77 11.63
C GLY L 117 27.09 20.40 12.12
N ASP L 118 26.60 21.16 13.11
CA ASP L 118 25.29 20.91 13.67
C ASP L 118 24.52 22.20 13.97
N ASP L 119 25.17 23.36 13.90
CA ASP L 119 24.46 24.60 14.24
C ASP L 119 24.97 25.85 13.48
N LEU L 120 24.34 26.99 13.75
CA LEU L 120 24.47 28.20 12.93
C LEU L 120 25.90 28.69 12.68
N PRO L 121 26.72 28.81 13.74
CA PRO L 121 28.12 29.20 13.54
C PRO L 121 28.85 28.32 12.52
N ASP L 122 28.34 27.11 12.25
CA ASP L 122 28.96 26.24 11.23
C ASP L 122 28.50 26.56 9.80
N LEU L 123 27.36 27.24 9.69
CA LEU L 123 26.70 27.43 8.38
C LEU L 123 27.58 28.15 7.35
N PRO L 124 28.16 29.31 7.73
CA PRO L 124 29.06 30.01 6.81
C PRO L 124 30.11 29.11 6.21
N VAL L 125 30.67 28.20 6.99
CA VAL L 125 31.64 27.28 6.44
C VAL L 125 30.98 26.18 5.59
N ILE L 126 29.83 25.69 6.03
CA ILE L 126 29.16 24.60 5.31
C ILE L 126 28.71 25.05 3.91
N ARG L 127 28.23 26.29 3.84
CA ARG L 127 27.77 26.89 2.58
C ARG L 127 28.88 27.08 1.55
N ARG L 128 30.13 27.15 2.01
CA ARG L 128 31.23 27.44 1.11
C ARG L 128 32.10 26.25 0.66
N VAL L 129 32.16 25.17 1.43
CA VAL L 129 33.16 24.15 1.13
C VAL L 129 32.66 23.11 0.13
N GLY L 130 33.57 22.26 -0.32
CA GLY L 130 33.25 21.22 -1.30
C GLY L 130 32.23 20.24 -0.77
N LEU L 131 32.40 19.82 0.48
CA LEU L 131 31.50 18.85 1.10
C LEU L 131 31.07 19.30 2.48
N GLY L 132 30.03 20.13 2.52
CA GLY L 132 29.52 20.71 3.77
C GLY L 132 28.33 19.89 4.23
N MET L 133 28.48 19.20 5.36
CA MET L 133 27.42 18.29 5.80
C MET L 133 26.91 18.60 7.20
N ALA L 134 25.63 18.29 7.42
CA ALA L 134 25.07 18.42 8.74
C ALA L 134 24.83 17.04 9.36
N VAL L 135 24.92 16.99 10.69
CA VAL L 135 24.54 15.79 11.42
C VAL L 135 23.01 15.72 11.50
N ALA L 136 22.49 14.51 11.73
CA ALA L 136 21.03 14.29 11.75
C ALA L 136 20.32 15.23 12.68
N ASN L 137 20.95 15.49 13.83
CA ASN L 137 20.38 16.33 14.86
C ASN L 137 20.72 17.80 14.71
N ALA L 138 21.34 18.20 13.60
CA ALA L 138 21.63 19.63 13.39
C ALA L 138 20.36 20.47 13.38
N ALA L 139 20.49 21.76 13.70
CA ALA L 139 19.37 22.68 13.56
C ALA L 139 18.82 22.50 12.15
N SER L 140 17.50 22.59 11.98
CA SER L 140 16.92 22.38 10.64
C SER L 140 17.42 23.40 9.61
N PHE L 141 17.56 24.66 10.01
CA PHE L 141 18.09 25.67 9.10
C PHE L 141 19.42 25.23 8.51
N VAL L 142 20.29 24.64 9.34
CA VAL L 142 21.57 24.13 8.88
C VAL L 142 21.41 22.92 7.94
N ARG L 143 20.56 21.97 8.31
CA ARG L 143 20.32 20.81 7.45
C ARG L 143 19.81 21.28 6.08
N GLU L 144 18.81 22.16 6.09
CA GLU L 144 18.22 22.68 4.86
C GLU L 144 19.30 23.19 3.91
N HIS L 145 20.33 23.83 4.46
CA HIS L 145 21.39 24.46 3.67
C HIS L 145 22.67 23.68 3.49
N ALA L 146 22.71 22.45 4.00
CA ALA L 146 23.88 21.59 3.79
C ALA L 146 23.76 20.83 2.47
N HIS L 147 24.88 20.29 1.98
CA HIS L 147 24.87 19.42 0.80
C HIS L 147 24.27 18.07 1.14
N GLY L 148 24.47 17.64 2.39
CA GLY L 148 24.01 16.33 2.84
C GLY L 148 23.78 16.28 4.34
N ILE L 149 23.06 15.25 4.77
CA ILE L 149 22.77 15.06 6.19
C ILE L 149 23.14 13.65 6.56
N THR L 150 24.00 13.46 7.56
CA THR L 150 24.34 12.08 7.96
C THR L 150 23.09 11.39 8.51
N ARG L 151 23.00 10.08 8.36
CA ARG L 151 21.90 9.36 9.03
C ARG L 151 22.08 9.41 10.55
N ALA L 152 23.31 9.20 11.03
CA ALA L 152 23.55 9.09 12.46
C ALA L 152 23.60 10.46 13.14
N GLN L 153 23.31 10.49 14.43
CA GLN L 153 23.31 11.74 15.18
C GLN L 153 24.72 12.11 15.67
N GLY L 154 24.92 13.37 15.99
CA GLY L 154 26.21 13.78 16.54
C GLY L 154 26.49 13.01 17.81
N GLY L 155 27.74 12.59 17.96
CA GLY L 155 28.16 11.83 19.12
C GLY L 155 27.70 10.39 19.10
N GLU L 156 27.12 9.97 17.98
CA GLU L 156 26.57 8.64 17.88
C GLU L 156 26.99 8.00 16.57
N GLY L 157 28.16 8.38 16.07
CA GLY L 157 28.67 7.79 14.84
C GLY L 157 28.46 8.65 13.60
N ALA L 158 28.01 9.89 13.77
CA ALA L 158 27.90 10.78 12.61
C ALA L 158 29.27 11.07 11.98
N ALA L 159 30.30 11.27 12.81
CA ALA L 159 31.64 11.53 12.31
C ALA L 159 32.18 10.28 11.62
N ARG L 160 31.82 9.12 12.14
CA ARG L 160 32.24 7.87 11.52
C ARG L 160 31.66 7.75 10.13
N GLU L 161 30.36 8.00 10.03
CA GLU L 161 29.67 7.97 8.75
C GLU L 161 30.25 8.99 7.74
N PHE L 162 30.54 10.18 8.23
CA PHE L 162 31.19 11.24 7.44
C PHE L 162 32.55 10.75 6.91
N CYS L 163 33.37 10.16 7.79
CA CYS L 163 34.67 9.66 7.40
C CYS L 163 34.58 8.57 6.34
N GLU L 164 33.60 7.69 6.48
CA GLU L 164 33.53 6.59 5.52
C GLU L 164 33.06 7.07 4.15
N LEU L 165 32.17 8.07 4.15
CA LEU L 165 31.71 8.70 2.92
C LEU L 165 32.93 9.19 2.12
N ILE L 166 33.83 9.88 2.82
CA ILE L 166 35.06 10.36 2.21
C ILE L 166 35.97 9.22 1.78
N LEU L 167 36.26 8.30 2.68
CA LEU L 167 37.08 7.14 2.34
C LEU L 167 36.51 6.40 1.14
N SER L 168 35.21 6.15 1.17
CA SER L 168 34.57 5.42 0.07
C SER L 168 34.74 6.16 -1.27
N ALA L 169 34.20 7.37 -1.35
CA ALA L 169 34.29 8.16 -2.59
C ALA L 169 35.69 8.14 -3.21
N GLN L 170 36.72 8.02 -2.36
CA GLN L 170 38.10 8.01 -2.83
C GLN L 170 38.66 6.60 -3.04
N GLY L 171 37.79 5.59 -3.06
CA GLY L 171 38.25 4.19 -3.12
C GLY L 171 39.37 3.89 -2.12
N ASN L 172 39.22 4.39 -0.89
CA ASN L 172 40.19 4.13 0.15
C ASN L 172 39.59 3.32 1.31
N LEU L 173 38.30 3.02 1.19
CA LEU L 173 37.61 2.31 2.26
C LEU L 173 38.10 0.88 2.40
N GLU L 174 38.10 0.14 1.30
CA GLU L 174 38.58 -1.25 1.35
C GLU L 174 40.03 -1.34 1.83
N ALA L 175 40.83 -0.33 1.51
CA ALA L 175 42.19 -0.26 2.04
C ALA L 175 42.15 -0.23 3.58
N ALA L 176 41.23 0.56 4.12
CA ALA L 176 41.11 0.71 5.56
C ALA L 176 40.62 -0.58 6.19
N HIS L 177 39.64 -1.22 5.54
CA HIS L 177 39.11 -2.48 6.02
C HIS L 177 40.08 -3.65 5.87
N SER L 178 40.92 -3.59 4.84
CA SER L 178 41.94 -4.63 4.60
C SER L 178 42.69 -4.96 5.87
N VAL L 179 43.22 -3.93 6.52
CA VAL L 179 43.96 -4.11 7.77
C VAL L 179 43.25 -5.12 8.68
N TYR L 180 41.93 -5.19 8.57
CA TYR L 180 41.13 -6.02 9.47
C TYR L 180 40.53 -7.26 8.80
N LEU L 181 41.14 -7.70 7.69
CA LEU L 181 40.67 -8.89 6.99
C LEU L 181 41.72 -9.44 6.03
CL CL M . 14.90 5.55 -3.52
CL CL N . -4.91 16.57 5.64
MG MG O . -0.75 16.59 -2.43
P PO4 P . -0.07 20.52 0.17
O1 PO4 P . -0.99 20.77 -0.96
O2 PO4 P . -0.41 19.28 0.98
O3 PO4 P . 1.33 20.39 -0.28
O4 PO4 P . -0.21 21.73 1.07
CL CL Q . 12.82 14.79 41.79
CL CL R . 25.56 -5.34 37.53
MG MG S . 16.93 -3.85 38.84
P PO4 T . 19.24 -5.87 42.47
O1 PO4 T . 18.60 -4.74 43.21
O2 PO4 T . 18.13 -6.59 41.75
O3 PO4 T . 20.25 -5.34 41.47
O4 PO4 T . 19.94 -6.81 43.42
CL CL U . 8.31 -15.14 7.08
MG MG V . 14.67 -2.67 -6.08
P PO4 W . 18.90 -1.22 -5.32
O1 PO4 W . 17.71 -0.58 -4.63
O2 PO4 W . 18.49 -1.69 -6.68
O3 PO4 W . 19.98 -0.17 -5.42
O4 PO4 W . 19.37 -2.37 -4.48
CL CL X . -11.49 -4.22 16.04
MG MG Y . -0.17 -17.60 7.82
P PO4 Z . 2.44 -19.72 11.13
O1 PO4 Z . 2.78 -18.30 10.72
O2 PO4 Z . 2.15 -20.56 9.89
O3 PO4 Z . 3.61 -20.33 11.84
O4 PO4 Z . 1.24 -19.72 12.03
CL CL AA . -7.26 4.03 -32.05
MG MG BA . -24.30 8.97 -24.82
P PO4 CA . -24.15 11.79 -21.16
O1 PO4 CA . -25.03 12.14 -22.33
O2 PO4 CA . -24.21 10.31 -20.84
O3 PO4 CA . -22.75 12.13 -21.54
O4 PO4 CA . -24.65 12.57 -19.96
CL CL DA . -26.36 5.01 -16.92
MG MG EA . -32.18 -13.07 -15.92
P PO4 FA . -32.20 -15.00 -11.51
O1 PO4 FA . -33.37 -15.25 -12.43
O2 PO4 FA . -32.31 -15.96 -10.36
O3 PO4 FA . -30.90 -15.24 -12.24
O4 PO4 FA . -32.24 -13.57 -11.02
CL CL GA . -19.41 -7.55 -27.11
CL CL HA . -25.91 -19.10 -14.72
CL CL IA . -6.84 -20.15 -29.81
MG MG JA . -14.28 -25.11 -28.90
P PO4 KA . -10.44 -27.13 -27.41
O1 PO4 KA . -10.33 -25.62 -27.40
O2 PO4 KA . -11.27 -27.58 -28.59
O3 PO4 KA . -9.06 -27.70 -27.56
O4 PO4 KA . -11.09 -27.58 -26.14
MG MG LA . -15.84 2.08 11.44
P PO4 MA . -16.60 2.14 16.15
O1 PO4 MA . -16.59 3.64 16.12
O2 PO4 MA . -17.71 1.69 15.24
O3 PO4 MA . -15.26 1.61 15.70
O4 PO4 MA . -16.92 1.68 17.56
MG MG NA . -6.22 -2.59 -37.52
P PO4 OA . -2.05 -0.65 -36.70
O1 PO4 OA . -2.60 -0.30 -38.06
O2 PO4 OA . -3.18 -0.75 -35.69
O3 PO4 OA . -1.28 -1.94 -36.74
O4 PO4 OA . -1.16 0.48 -36.26
C UNL PA . -3.68 -26.96 -55.88
O1 UNL PA . -4.44 -25.99 -56.06
O2 UNL PA . -2.54 -26.96 -56.41
O3 UNL PA . -4.08 -28.00 -55.13
MG MG QA . 34.56 -1.62 20.82
P PO4 RA . 39.14 -1.76 21.27
O1 PO4 RA . 38.59 -0.43 21.76
O2 PO4 RA . 38.35 -2.30 20.11
O3 PO4 RA . 40.56 -1.54 20.84
O4 PO4 RA . 39.09 -2.75 22.41
CL CL SA . 25.41 26.66 24.88
MG MG TA . 10.49 20.20 35.40
P PO4 UA . 10.20 22.29 39.65
O1 PO4 UA . 11.03 23.48 39.27
O2 PO4 UA . 9.10 22.09 38.65
O3 PO4 UA . 11.11 21.07 39.70
O4 PO4 UA . 9.59 22.49 41.01
CL CL VA . 38.01 6.39 20.31
MG MG WA . 28.09 22.42 17.42
P PO4 XA . 30.64 26.23 18.25
O1 PO4 XA . 29.57 26.31 17.21
O2 PO4 XA . 30.15 25.58 19.52
O3 PO4 XA . 31.87 25.49 17.78
O4 PO4 XA . 31.02 27.66 18.57
#